data_2CVB
# 
_entry.id   2CVB 
# 
_audit_conform.dict_name       mmcif_pdbx.dic 
_audit_conform.dict_version    5.399 
_audit_conform.dict_location   http://mmcif.pdb.org/dictionaries/ascii/mmcif_pdbx.dic 
# 
loop_
_database_2.database_id 
_database_2.database_code 
_database_2.pdbx_database_accession 
_database_2.pdbx_DOI 
PDB   2CVB         pdb_00002cvb 10.2210/pdb2cvb/pdb 
RCSB  RCSB024661   ?            ?                   
WWPDB D_1000024661 ?            ?                   
# 
loop_
_pdbx_audit_revision_history.ordinal 
_pdbx_audit_revision_history.data_content_type 
_pdbx_audit_revision_history.major_revision 
_pdbx_audit_revision_history.minor_revision 
_pdbx_audit_revision_history.revision_date 
1 'Structure model' 1 0 2005-12-01 
2 'Structure model' 1 1 2008-04-30 
3 'Structure model' 1 2 2011-07-13 
4 'Structure model' 1 3 2024-11-20 
# 
_pdbx_audit_revision_details.ordinal             1 
_pdbx_audit_revision_details.revision_ordinal    1 
_pdbx_audit_revision_details.data_content_type   'Structure model' 
_pdbx_audit_revision_details.provider            repository 
_pdbx_audit_revision_details.type                'Initial release' 
_pdbx_audit_revision_details.description         ? 
_pdbx_audit_revision_details.details             ? 
# 
loop_
_pdbx_audit_revision_group.ordinal 
_pdbx_audit_revision_group.revision_ordinal 
_pdbx_audit_revision_group.data_content_type 
_pdbx_audit_revision_group.group 
1 2 'Structure model' 'Version format compliance' 
2 3 'Structure model' 'Source and taxonomy'       
3 3 'Structure model' 'Version format compliance' 
4 4 'Structure model' 'Data collection'           
5 4 'Structure model' 'Database references'       
6 4 'Structure model' 'Derived calculations'      
7 4 'Structure model' 'Structure summary'         
# 
loop_
_pdbx_audit_revision_category.ordinal 
_pdbx_audit_revision_category.revision_ordinal 
_pdbx_audit_revision_category.data_content_type 
_pdbx_audit_revision_category.category 
1 4 'Structure model' chem_comp_atom            
2 4 'Structure model' chem_comp_bond            
3 4 'Structure model' database_2                
4 4 'Structure model' pdbx_entry_details        
5 4 'Structure model' pdbx_modification_feature 
6 4 'Structure model' struct_conn               
7 4 'Structure model' struct_ref_seq_dif        
# 
loop_
_pdbx_audit_revision_item.ordinal 
_pdbx_audit_revision_item.revision_ordinal 
_pdbx_audit_revision_item.data_content_type 
_pdbx_audit_revision_item.item 
1 4 'Structure model' '_database_2.pdbx_DOI'                
2 4 'Structure model' '_database_2.pdbx_database_accession' 
3 4 'Structure model' '_struct_conn.pdbx_leaving_atom_flag' 
4 4 'Structure model' '_struct_ref_seq_dif.details'         
# 
_pdbx_database_status.status_code                     REL 
_pdbx_database_status.entry_id                        2CVB 
_pdbx_database_status.recvd_initial_deposition_date   2005-06-01 
_pdbx_database_status.deposit_site                    PDBJ 
_pdbx_database_status.process_site                    PDBJ 
_pdbx_database_status.status_code_sf                  REL 
_pdbx_database_status.status_code_mr                  ? 
_pdbx_database_status.SG_entry                        Y 
_pdbx_database_status.pdb_format_compatible           Y 
_pdbx_database_status.status_code_cs                  ? 
_pdbx_database_status.status_code_nmr_data            ? 
_pdbx_database_status.methods_development_category    ? 
# 
_pdbx_database_related.db_name        TargetDB 
_pdbx_database_related.db_id          ttk003001681.1 
_pdbx_database_related.details        . 
_pdbx_database_related.content_type   unspecified 
# 
loop_
_audit_author.name 
_audit_author.pdbx_ordinal 
'Ebihara, A.'                                            1 
'Yokoyama, S.'                                           2 
'Kuramitsu, S.'                                          3 
'RIKEN Structural Genomics/Proteomics Initiative (RSGI)' 4 
# 
_citation.id                        primary 
_citation.title                     'Crystal structure of a thioredoxin-like protein from Thermus thermophilus HB8' 
_citation.journal_abbrev            'To be Published' 
_citation.journal_volume            ? 
_citation.page_first                ? 
_citation.page_last                 ? 
_citation.year                      ? 
_citation.journal_id_ASTM           ? 
_citation.country                   ? 
_citation.journal_id_ISSN           ? 
_citation.journal_id_CSD            0353 
_citation.book_publisher            ? 
_citation.pdbx_database_id_PubMed   ? 
_citation.pdbx_database_id_DOI      ? 
# 
loop_
_citation_author.citation_id 
_citation_author.name 
_citation_author.ordinal 
_citation_author.identifier_ORCID 
primary 'Ebihara, A.'   1 ? 
primary 'Yokoyama, S.'  2 ? 
primary 'Kuramitsu, S.' 3 ? 
# 
loop_
_entity.id 
_entity.type 
_entity.src_method 
_entity.pdbx_description 
_entity.formula_weight 
_entity.pdbx_number_of_molecules 
_entity.pdbx_ec 
_entity.pdbx_mutation 
_entity.pdbx_fragment 
_entity.details 
1 polymer man 'probable thiol-disulfide isomerase/thioredoxin' 21531.039 1   ? ? ? ? 
2 water   nat water                                            18.015    119 ? ? ? ? 
# 
_entity_name_com.entity_id   1 
_entity_name_com.name        'Thioredoxin-like protein' 
# 
_entity_poly.entity_id                      1 
_entity_poly.type                           'polypeptide(L)' 
_entity_poly.nstd_linkage                   no 
_entity_poly.nstd_monomer                   yes 
_entity_poly.pdbx_seq_one_letter_code       
;(MSE)LQYPELPLESPLIDAELPDPRGGRYRLSQFHEPLLAVVF(MSE)CNHCPYVKGSIGELVALAERYRGKVAFVGIN
ANDYEKYPEDAPEK(MSE)AAFAEEHGIFFPYLLDETQEVAKAYRALRTPEVFLFDERRLLRYHGRVNDNPKDPSKVQSH
DLEAAIEALLRGEEPPLKEAPAIGCTIKWRPGNEPEVRIG
;
_entity_poly.pdbx_seq_one_letter_code_can   
;MLQYPELPLESPLIDAELPDPRGGRYRLSQFHEPLLAVVFMCNHCPYVKGSIGELVALAERYRGKVAFVGINANDYEKYP
EDAPEKMAAFAEEHGIFFPYLLDETQEVAKAYRALRTPEVFLFDERRLLRYHGRVNDNPKDPSKVQSHDLEAAIEALLRG
EEPPLKEAPAIGCTIKWRPGNEPEVRIG
;
_entity_poly.pdbx_strand_id                 A 
_entity_poly.pdbx_target_identifier         ttk003001681.1 
# 
_pdbx_entity_nonpoly.entity_id   2 
_pdbx_entity_nonpoly.name        water 
_pdbx_entity_nonpoly.comp_id     HOH 
# 
loop_
_entity_poly_seq.entity_id 
_entity_poly_seq.num 
_entity_poly_seq.mon_id 
_entity_poly_seq.hetero 
1 1   MSE n 
1 2   LEU n 
1 3   GLN n 
1 4   TYR n 
1 5   PRO n 
1 6   GLU n 
1 7   LEU n 
1 8   PRO n 
1 9   LEU n 
1 10  GLU n 
1 11  SER n 
1 12  PRO n 
1 13  LEU n 
1 14  ILE n 
1 15  ASP n 
1 16  ALA n 
1 17  GLU n 
1 18  LEU n 
1 19  PRO n 
1 20  ASP n 
1 21  PRO n 
1 22  ARG n 
1 23  GLY n 
1 24  GLY n 
1 25  ARG n 
1 26  TYR n 
1 27  ARG n 
1 28  LEU n 
1 29  SER n 
1 30  GLN n 
1 31  PHE n 
1 32  HIS n 
1 33  GLU n 
1 34  PRO n 
1 35  LEU n 
1 36  LEU n 
1 37  ALA n 
1 38  VAL n 
1 39  VAL n 
1 40  PHE n 
1 41  MSE n 
1 42  CYS n 
1 43  ASN n 
1 44  HIS n 
1 45  CYS n 
1 46  PRO n 
1 47  TYR n 
1 48  VAL n 
1 49  LYS n 
1 50  GLY n 
1 51  SER n 
1 52  ILE n 
1 53  GLY n 
1 54  GLU n 
1 55  LEU n 
1 56  VAL n 
1 57  ALA n 
1 58  LEU n 
1 59  ALA n 
1 60  GLU n 
1 61  ARG n 
1 62  TYR n 
1 63  ARG n 
1 64  GLY n 
1 65  LYS n 
1 66  VAL n 
1 67  ALA n 
1 68  PHE n 
1 69  VAL n 
1 70  GLY n 
1 71  ILE n 
1 72  ASN n 
1 73  ALA n 
1 74  ASN n 
1 75  ASP n 
1 76  TYR n 
1 77  GLU n 
1 78  LYS n 
1 79  TYR n 
1 80  PRO n 
1 81  GLU n 
1 82  ASP n 
1 83  ALA n 
1 84  PRO n 
1 85  GLU n 
1 86  LYS n 
1 87  MSE n 
1 88  ALA n 
1 89  ALA n 
1 90  PHE n 
1 91  ALA n 
1 92  GLU n 
1 93  GLU n 
1 94  HIS n 
1 95  GLY n 
1 96  ILE n 
1 97  PHE n 
1 98  PHE n 
1 99  PRO n 
1 100 TYR n 
1 101 LEU n 
1 102 LEU n 
1 103 ASP n 
1 104 GLU n 
1 105 THR n 
1 106 GLN n 
1 107 GLU n 
1 108 VAL n 
1 109 ALA n 
1 110 LYS n 
1 111 ALA n 
1 112 TYR n 
1 113 ARG n 
1 114 ALA n 
1 115 LEU n 
1 116 ARG n 
1 117 THR n 
1 118 PRO n 
1 119 GLU n 
1 120 VAL n 
1 121 PHE n 
1 122 LEU n 
1 123 PHE n 
1 124 ASP n 
1 125 GLU n 
1 126 ARG n 
1 127 ARG n 
1 128 LEU n 
1 129 LEU n 
1 130 ARG n 
1 131 TYR n 
1 132 HIS n 
1 133 GLY n 
1 134 ARG n 
1 135 VAL n 
1 136 ASN n 
1 137 ASP n 
1 138 ASN n 
1 139 PRO n 
1 140 LYS n 
1 141 ASP n 
1 142 PRO n 
1 143 SER n 
1 144 LYS n 
1 145 VAL n 
1 146 GLN n 
1 147 SER n 
1 148 HIS n 
1 149 ASP n 
1 150 LEU n 
1 151 GLU n 
1 152 ALA n 
1 153 ALA n 
1 154 ILE n 
1 155 GLU n 
1 156 ALA n 
1 157 LEU n 
1 158 LEU n 
1 159 ARG n 
1 160 GLY n 
1 161 GLU n 
1 162 GLU n 
1 163 PRO n 
1 164 PRO n 
1 165 LEU n 
1 166 LYS n 
1 167 GLU n 
1 168 ALA n 
1 169 PRO n 
1 170 ALA n 
1 171 ILE n 
1 172 GLY n 
1 173 CYS n 
1 174 THR n 
1 175 ILE n 
1 176 LYS n 
1 177 TRP n 
1 178 ARG n 
1 179 PRO n 
1 180 GLY n 
1 181 ASN n 
1 182 GLU n 
1 183 PRO n 
1 184 GLU n 
1 185 VAL n 
1 186 ARG n 
1 187 ILE n 
1 188 GLY n 
# 
_entity_src_gen.entity_id                          1 
_entity_src_gen.pdbx_src_id                        1 
_entity_src_gen.pdbx_alt_source_flag               sample 
_entity_src_gen.pdbx_seq_type                      ? 
_entity_src_gen.pdbx_beg_seq_num                   ? 
_entity_src_gen.pdbx_end_seq_num                   ? 
_entity_src_gen.gene_src_common_name               ? 
_entity_src_gen.gene_src_genus                     Thermus 
_entity_src_gen.pdbx_gene_src_gene                 ? 
_entity_src_gen.gene_src_species                   'Thermus thermophilus' 
_entity_src_gen.gene_src_strain                    HB8 
_entity_src_gen.gene_src_tissue                    ? 
_entity_src_gen.gene_src_tissue_fraction           ? 
_entity_src_gen.gene_src_details                   ? 
_entity_src_gen.pdbx_gene_src_fragment             ? 
_entity_src_gen.pdbx_gene_src_scientific_name      'Thermus thermophilus' 
_entity_src_gen.pdbx_gene_src_ncbi_taxonomy_id     300852 
_entity_src_gen.pdbx_gene_src_variant              ? 
_entity_src_gen.pdbx_gene_src_cell_line            ? 
_entity_src_gen.pdbx_gene_src_atcc                 ? 
_entity_src_gen.pdbx_gene_src_organ                ? 
_entity_src_gen.pdbx_gene_src_organelle            ? 
_entity_src_gen.pdbx_gene_src_cell                 ? 
_entity_src_gen.pdbx_gene_src_cellular_location    ? 
_entity_src_gen.host_org_common_name               ? 
_entity_src_gen.pdbx_host_org_scientific_name      'Escherichia coli' 
_entity_src_gen.pdbx_host_org_ncbi_taxonomy_id     562 
_entity_src_gen.host_org_genus                     Escherichia 
_entity_src_gen.pdbx_host_org_gene                 ? 
_entity_src_gen.pdbx_host_org_organ                ? 
_entity_src_gen.host_org_species                   ? 
_entity_src_gen.pdbx_host_org_tissue               ? 
_entity_src_gen.pdbx_host_org_tissue_fraction      ? 
_entity_src_gen.pdbx_host_org_strain               'B834(DE3)' 
_entity_src_gen.pdbx_host_org_variant              ? 
_entity_src_gen.pdbx_host_org_cell_line            ? 
_entity_src_gen.pdbx_host_org_atcc                 ? 
_entity_src_gen.pdbx_host_org_culture_collection   ? 
_entity_src_gen.pdbx_host_org_cell                 ? 
_entity_src_gen.pdbx_host_org_organelle            ? 
_entity_src_gen.pdbx_host_org_cellular_location    ? 
_entity_src_gen.pdbx_host_org_vector_type          Plasmid 
_entity_src_gen.pdbx_host_org_vector               ? 
_entity_src_gen.host_org_details                   ? 
_entity_src_gen.expression_system_id               ? 
_entity_src_gen.plasmid_name                       pET11a 
_entity_src_gen.plasmid_details                    ? 
_entity_src_gen.pdbx_description                   ? 
# 
loop_
_chem_comp.id 
_chem_comp.type 
_chem_comp.mon_nstd_flag 
_chem_comp.name 
_chem_comp.pdbx_synonyms 
_chem_comp.formula 
_chem_comp.formula_weight 
ALA 'L-peptide linking' y ALANINE          ? 'C3 H7 N O2'     89.093  
ARG 'L-peptide linking' y ARGININE         ? 'C6 H15 N4 O2 1' 175.209 
ASN 'L-peptide linking' y ASPARAGINE       ? 'C4 H8 N2 O3'    132.118 
ASP 'L-peptide linking' y 'ASPARTIC ACID'  ? 'C4 H7 N O4'     133.103 
CYS 'L-peptide linking' y CYSTEINE         ? 'C3 H7 N O2 S'   121.158 
GLN 'L-peptide linking' y GLUTAMINE        ? 'C5 H10 N2 O3'   146.144 
GLU 'L-peptide linking' y 'GLUTAMIC ACID'  ? 'C5 H9 N O4'     147.129 
GLY 'peptide linking'   y GLYCINE          ? 'C2 H5 N O2'     75.067  
HIS 'L-peptide linking' y HISTIDINE        ? 'C6 H10 N3 O2 1' 156.162 
HOH non-polymer         . WATER            ? 'H2 O'           18.015  
ILE 'L-peptide linking' y ISOLEUCINE       ? 'C6 H13 N O2'    131.173 
LEU 'L-peptide linking' y LEUCINE          ? 'C6 H13 N O2'    131.173 
LYS 'L-peptide linking' y LYSINE           ? 'C6 H15 N2 O2 1' 147.195 
MET 'L-peptide linking' y METHIONINE       ? 'C5 H11 N O2 S'  149.211 
MSE 'L-peptide linking' n SELENOMETHIONINE ? 'C5 H11 N O2 Se' 196.106 
PHE 'L-peptide linking' y PHENYLALANINE    ? 'C9 H11 N O2'    165.189 
PRO 'L-peptide linking' y PROLINE          ? 'C5 H9 N O2'     115.130 
SER 'L-peptide linking' y SERINE           ? 'C3 H7 N O3'     105.093 
THR 'L-peptide linking' y THREONINE        ? 'C4 H9 N O3'     119.119 
TRP 'L-peptide linking' y TRYPTOPHAN       ? 'C11 H12 N2 O2'  204.225 
TYR 'L-peptide linking' y TYROSINE         ? 'C9 H11 N O3'    181.189 
VAL 'L-peptide linking' y VALINE           ? 'C5 H11 N O2'    117.146 
# 
loop_
_pdbx_poly_seq_scheme.asym_id 
_pdbx_poly_seq_scheme.entity_id 
_pdbx_poly_seq_scheme.seq_id 
_pdbx_poly_seq_scheme.mon_id 
_pdbx_poly_seq_scheme.ndb_seq_num 
_pdbx_poly_seq_scheme.pdb_seq_num 
_pdbx_poly_seq_scheme.auth_seq_num 
_pdbx_poly_seq_scheme.pdb_mon_id 
_pdbx_poly_seq_scheme.auth_mon_id 
_pdbx_poly_seq_scheme.pdb_strand_id 
_pdbx_poly_seq_scheme.pdb_ins_code 
_pdbx_poly_seq_scheme.hetero 
A 1 1   MSE 1   1   ?   ?   ?   A . n 
A 1 2   LEU 2   2   2   LEU LEU A . n 
A 1 3   GLN 3   3   3   GLN GLN A . n 
A 1 4   TYR 4   4   4   TYR TYR A . n 
A 1 5   PRO 5   5   5   PRO PRO A . n 
A 1 6   GLU 6   6   6   GLU GLU A . n 
A 1 7   LEU 7   7   7   LEU LEU A . n 
A 1 8   PRO 8   8   8   PRO PRO A . n 
A 1 9   LEU 9   9   9   LEU LEU A . n 
A 1 10  GLU 10  10  10  GLU GLU A . n 
A 1 11  SER 11  11  11  SER SER A . n 
A 1 12  PRO 12  12  12  PRO PRO A . n 
A 1 13  LEU 13  13  13  LEU LEU A . n 
A 1 14  ILE 14  14  14  ILE ILE A . n 
A 1 15  ASP 15  15  15  ASP ASP A . n 
A 1 16  ALA 16  16  16  ALA ALA A . n 
A 1 17  GLU 17  17  17  GLU GLU A . n 
A 1 18  LEU 18  18  18  LEU LEU A . n 
A 1 19  PRO 19  19  19  PRO PRO A . n 
A 1 20  ASP 20  20  20  ASP ASP A . n 
A 1 21  PRO 21  21  21  PRO PRO A . n 
A 1 22  ARG 22  22  22  ARG ARG A . n 
A 1 23  GLY 23  23  23  GLY GLY A . n 
A 1 24  GLY 24  24  24  GLY GLY A . n 
A 1 25  ARG 25  25  25  ARG ARG A . n 
A 1 26  TYR 26  26  26  TYR TYR A . n 
A 1 27  ARG 27  27  27  ARG ARG A . n 
A 1 28  LEU 28  28  28  LEU LEU A . n 
A 1 29  SER 29  29  29  SER SER A . n 
A 1 30  GLN 30  30  30  GLN GLN A . n 
A 1 31  PHE 31  31  31  PHE PHE A . n 
A 1 32  HIS 32  32  32  HIS HIS A . n 
A 1 33  GLU 33  33  33  GLU GLU A . n 
A 1 34  PRO 34  34  34  PRO PRO A . n 
A 1 35  LEU 35  35  35  LEU LEU A . n 
A 1 36  LEU 36  36  36  LEU LEU A . n 
A 1 37  ALA 37  37  37  ALA ALA A . n 
A 1 38  VAL 38  38  38  VAL VAL A . n 
A 1 39  VAL 39  39  39  VAL VAL A . n 
A 1 40  PHE 40  40  40  PHE PHE A . n 
A 1 41  MSE 41  41  41  MSE MSE A . n 
A 1 42  CYS 42  42  42  CYS CYS A . n 
A 1 43  ASN 43  43  43  ASN ASN A . n 
A 1 44  HIS 44  44  44  HIS HIS A . n 
A 1 45  CYS 45  45  45  CYS CYS A . n 
A 1 46  PRO 46  46  46  PRO PRO A . n 
A 1 47  TYR 47  47  47  TYR TYR A . n 
A 1 48  VAL 48  48  48  VAL VAL A . n 
A 1 49  LYS 49  49  49  LYS LYS A . n 
A 1 50  GLY 50  50  50  GLY GLY A . n 
A 1 51  SER 51  51  51  SER SER A . n 
A 1 52  ILE 52  52  52  ILE ILE A . n 
A 1 53  GLY 53  53  53  GLY GLY A . n 
A 1 54  GLU 54  54  54  GLU GLU A . n 
A 1 55  LEU 55  55  55  LEU LEU A . n 
A 1 56  VAL 56  56  56  VAL VAL A . n 
A 1 57  ALA 57  57  57  ALA ALA A . n 
A 1 58  LEU 58  58  58  LEU LEU A . n 
A 1 59  ALA 59  59  59  ALA ALA A . n 
A 1 60  GLU 60  60  60  GLU GLU A . n 
A 1 61  ARG 61  61  61  ARG ARG A . n 
A 1 62  TYR 62  62  62  TYR TYR A . n 
A 1 63  ARG 63  63  63  ARG ARG A . n 
A 1 64  GLY 64  64  64  GLY GLY A . n 
A 1 65  LYS 65  65  65  LYS LYS A . n 
A 1 66  VAL 66  66  66  VAL VAL A . n 
A 1 67  ALA 67  67  67  ALA ALA A . n 
A 1 68  PHE 68  68  68  PHE PHE A . n 
A 1 69  VAL 69  69  69  VAL VAL A . n 
A 1 70  GLY 70  70  70  GLY GLY A . n 
A 1 71  ILE 71  71  71  ILE ILE A . n 
A 1 72  ASN 72  72  72  ASN ASN A . n 
A 1 73  ALA 73  73  73  ALA ALA A . n 
A 1 74  ASN 74  74  74  ASN ASN A . n 
A 1 75  ASP 75  75  75  ASP ASP A . n 
A 1 76  TYR 76  76  76  TYR TYR A . n 
A 1 77  GLU 77  77  77  GLU GLU A . n 
A 1 78  LYS 78  78  78  LYS LYS A . n 
A 1 79  TYR 79  79  79  TYR TYR A . n 
A 1 80  PRO 80  80  80  PRO PRO A . n 
A 1 81  GLU 81  81  81  GLU GLU A . n 
A 1 82  ASP 82  82  82  ASP ASP A . n 
A 1 83  ALA 83  83  83  ALA ALA A . n 
A 1 84  PRO 84  84  84  PRO PRO A . n 
A 1 85  GLU 85  85  85  GLU GLU A . n 
A 1 86  LYS 86  86  86  LYS LYS A . n 
A 1 87  MSE 87  87  87  MSE MSE A . n 
A 1 88  ALA 88  88  88  ALA ALA A . n 
A 1 89  ALA 89  89  89  ALA ALA A . n 
A 1 90  PHE 90  90  90  PHE PHE A . n 
A 1 91  ALA 91  91  91  ALA ALA A . n 
A 1 92  GLU 92  92  92  GLU GLU A . n 
A 1 93  GLU 93  93  93  GLU GLU A . n 
A 1 94  HIS 94  94  94  HIS HIS A . n 
A 1 95  GLY 95  95  95  GLY GLY A . n 
A 1 96  ILE 96  96  96  ILE ILE A . n 
A 1 97  PHE 97  97  97  PHE PHE A . n 
A 1 98  PHE 98  98  98  PHE PHE A . n 
A 1 99  PRO 99  99  99  PRO PRO A . n 
A 1 100 TYR 100 100 100 TYR TYR A . n 
A 1 101 LEU 101 101 101 LEU LEU A . n 
A 1 102 LEU 102 102 102 LEU LEU A . n 
A 1 103 ASP 103 103 103 ASP ASP A . n 
A 1 104 GLU 104 104 104 GLU GLU A . n 
A 1 105 THR 105 105 105 THR THR A . n 
A 1 106 GLN 106 106 106 GLN GLN A . n 
A 1 107 GLU 107 107 107 GLU GLU A . n 
A 1 108 VAL 108 108 108 VAL VAL A . n 
A 1 109 ALA 109 109 109 ALA ALA A . n 
A 1 110 LYS 110 110 110 LYS LYS A . n 
A 1 111 ALA 111 111 111 ALA ALA A . n 
A 1 112 TYR 112 112 112 TYR TYR A . n 
A 1 113 ARG 113 113 113 ARG ARG A . n 
A 1 114 ALA 114 114 114 ALA ALA A . n 
A 1 115 LEU 115 115 115 LEU LEU A . n 
A 1 116 ARG 116 116 116 ARG ARG A . n 
A 1 117 THR 117 117 117 THR THR A . n 
A 1 118 PRO 118 118 118 PRO PRO A . n 
A 1 119 GLU 119 119 119 GLU GLU A . n 
A 1 120 VAL 120 120 120 VAL VAL A . n 
A 1 121 PHE 121 121 121 PHE PHE A . n 
A 1 122 LEU 122 122 122 LEU LEU A . n 
A 1 123 PHE 123 123 123 PHE PHE A . n 
A 1 124 ASP 124 124 124 ASP ASP A . n 
A 1 125 GLU 125 125 125 GLU GLU A . n 
A 1 126 ARG 126 126 126 ARG ARG A . n 
A 1 127 ARG 127 127 127 ARG ARG A . n 
A 1 128 LEU 128 128 128 LEU LEU A . n 
A 1 129 LEU 129 129 129 LEU LEU A . n 
A 1 130 ARG 130 130 130 ARG ARG A . n 
A 1 131 TYR 131 131 131 TYR TYR A . n 
A 1 132 HIS 132 132 132 HIS HIS A . n 
A 1 133 GLY 133 133 133 GLY GLY A . n 
A 1 134 ARG 134 134 134 ARG ARG A . n 
A 1 135 VAL 135 135 135 VAL VAL A . n 
A 1 136 ASN 136 136 136 ASN ASN A . n 
A 1 137 ASP 137 137 137 ASP ASP A . n 
A 1 138 ASN 138 138 138 ASN ASN A . n 
A 1 139 PRO 139 139 139 PRO PRO A . n 
A 1 140 LYS 140 140 140 LYS LYS A . n 
A 1 141 ASP 141 141 141 ASP ASP A . n 
A 1 142 PRO 142 142 142 PRO PRO A . n 
A 1 143 SER 143 143 143 SER SER A . n 
A 1 144 LYS 144 144 144 LYS LYS A . n 
A 1 145 VAL 145 145 145 VAL VAL A . n 
A 1 146 GLN 146 146 146 GLN GLN A . n 
A 1 147 SER 147 147 147 SER SER A . n 
A 1 148 HIS 148 148 148 HIS HIS A . n 
A 1 149 ASP 149 149 149 ASP ASP A . n 
A 1 150 LEU 150 150 150 LEU LEU A . n 
A 1 151 GLU 151 151 151 GLU GLU A . n 
A 1 152 ALA 152 152 152 ALA ALA A . n 
A 1 153 ALA 153 153 153 ALA ALA A . n 
A 1 154 ILE 154 154 154 ILE ILE A . n 
A 1 155 GLU 155 155 155 GLU GLU A . n 
A 1 156 ALA 156 156 156 ALA ALA A . n 
A 1 157 LEU 157 157 157 LEU LEU A . n 
A 1 158 LEU 158 158 158 LEU LEU A . n 
A 1 159 ARG 159 159 159 ARG ARG A . n 
A 1 160 GLY 160 160 160 GLY GLY A . n 
A 1 161 GLU 161 161 161 GLU GLU A . n 
A 1 162 GLU 162 162 162 GLU GLU A . n 
A 1 163 PRO 163 163 163 PRO PRO A . n 
A 1 164 PRO 164 164 164 PRO PRO A . n 
A 1 165 LEU 165 165 165 LEU LEU A . n 
A 1 166 LYS 166 166 166 LYS LYS A . n 
A 1 167 GLU 167 167 167 GLU GLU A . n 
A 1 168 ALA 168 168 168 ALA ALA A . n 
A 1 169 PRO 169 169 169 PRO PRO A . n 
A 1 170 ALA 170 170 170 ALA ALA A . n 
A 1 171 ILE 171 171 171 ILE ILE A . n 
A 1 172 GLY 172 172 172 GLY GLY A . n 
A 1 173 CYS 173 173 173 CYS CYS A . n 
A 1 174 THR 174 174 174 THR THR A . n 
A 1 175 ILE 175 175 175 ILE ILE A . n 
A 1 176 LYS 176 176 176 LYS LYS A . n 
A 1 177 TRP 177 177 177 TRP TRP A . n 
A 1 178 ARG 178 178 178 ARG ARG A . n 
A 1 179 PRO 179 179 179 PRO PRO A . n 
A 1 180 GLY 180 180 180 GLY GLY A . n 
A 1 181 ASN 181 181 181 ASN ASN A . n 
A 1 182 GLU 182 182 182 GLU GLU A . n 
A 1 183 PRO 183 183 183 PRO PRO A . n 
A 1 184 GLU 184 184 184 GLU GLU A . n 
A 1 185 VAL 185 185 185 VAL VAL A . n 
A 1 186 ARG 186 186 186 ARG ARG A . n 
A 1 187 ILE 187 187 187 ILE ILE A . n 
A 1 188 GLY 188 188 188 GLY GLY A . n 
# 
loop_
_pdbx_nonpoly_scheme.asym_id 
_pdbx_nonpoly_scheme.entity_id 
_pdbx_nonpoly_scheme.mon_id 
_pdbx_nonpoly_scheme.ndb_seq_num 
_pdbx_nonpoly_scheme.pdb_seq_num 
_pdbx_nonpoly_scheme.auth_seq_num 
_pdbx_nonpoly_scheme.pdb_mon_id 
_pdbx_nonpoly_scheme.auth_mon_id 
_pdbx_nonpoly_scheme.pdb_strand_id 
_pdbx_nonpoly_scheme.pdb_ins_code 
B 2 HOH 1   189 1   HOH HOH A . 
B 2 HOH 2   190 2   HOH HOH A . 
B 2 HOH 3   191 3   HOH HOH A . 
B 2 HOH 4   192 4   HOH HOH A . 
B 2 HOH 5   193 5   HOH HOH A . 
B 2 HOH 6   194 6   HOH HOH A . 
B 2 HOH 7   195 7   HOH HOH A . 
B 2 HOH 8   196 8   HOH HOH A . 
B 2 HOH 9   197 9   HOH HOH A . 
B 2 HOH 10  198 10  HOH HOH A . 
B 2 HOH 11  199 11  HOH HOH A . 
B 2 HOH 12  200 12  HOH HOH A . 
B 2 HOH 13  201 13  HOH HOH A . 
B 2 HOH 14  202 14  HOH HOH A . 
B 2 HOH 15  203 15  HOH HOH A . 
B 2 HOH 16  204 16  HOH HOH A . 
B 2 HOH 17  205 17  HOH HOH A . 
B 2 HOH 18  206 18  HOH HOH A . 
B 2 HOH 19  207 19  HOH HOH A . 
B 2 HOH 20  208 20  HOH HOH A . 
B 2 HOH 21  209 21  HOH HOH A . 
B 2 HOH 22  210 22  HOH HOH A . 
B 2 HOH 23  211 23  HOH HOH A . 
B 2 HOH 24  212 24  HOH HOH A . 
B 2 HOH 25  213 25  HOH HOH A . 
B 2 HOH 26  214 26  HOH HOH A . 
B 2 HOH 27  215 27  HOH HOH A . 
B 2 HOH 28  216 28  HOH HOH A . 
B 2 HOH 29  217 29  HOH HOH A . 
B 2 HOH 30  218 30  HOH HOH A . 
B 2 HOH 31  219 31  HOH HOH A . 
B 2 HOH 32  220 32  HOH HOH A . 
B 2 HOH 33  221 33  HOH HOH A . 
B 2 HOH 34  222 34  HOH HOH A . 
B 2 HOH 35  223 35  HOH HOH A . 
B 2 HOH 36  224 36  HOH HOH A . 
B 2 HOH 37  225 37  HOH HOH A . 
B 2 HOH 38  226 38  HOH HOH A . 
B 2 HOH 39  227 39  HOH HOH A . 
B 2 HOH 40  228 40  HOH HOH A . 
B 2 HOH 41  229 41  HOH HOH A . 
B 2 HOH 42  230 42  HOH HOH A . 
B 2 HOH 43  231 43  HOH HOH A . 
B 2 HOH 44  232 44  HOH HOH A . 
B 2 HOH 45  233 45  HOH HOH A . 
B 2 HOH 46  234 46  HOH HOH A . 
B 2 HOH 47  235 47  HOH HOH A . 
B 2 HOH 48  236 48  HOH HOH A . 
B 2 HOH 49  237 49  HOH HOH A . 
B 2 HOH 50  238 50  HOH HOH A . 
B 2 HOH 51  239 51  HOH HOH A . 
B 2 HOH 52  240 52  HOH HOH A . 
B 2 HOH 53  241 53  HOH HOH A . 
B 2 HOH 54  242 54  HOH HOH A . 
B 2 HOH 55  243 55  HOH HOH A . 
B 2 HOH 56  244 56  HOH HOH A . 
B 2 HOH 57  245 57  HOH HOH A . 
B 2 HOH 58  246 58  HOH HOH A . 
B 2 HOH 59  247 59  HOH HOH A . 
B 2 HOH 60  248 60  HOH HOH A . 
B 2 HOH 61  249 61  HOH HOH A . 
B 2 HOH 62  250 62  HOH HOH A . 
B 2 HOH 63  251 63  HOH HOH A . 
B 2 HOH 64  252 64  HOH HOH A . 
B 2 HOH 65  253 65  HOH HOH A . 
B 2 HOH 66  254 66  HOH HOH A . 
B 2 HOH 67  255 67  HOH HOH A . 
B 2 HOH 68  256 68  HOH HOH A . 
B 2 HOH 69  257 69  HOH HOH A . 
B 2 HOH 70  258 70  HOH HOH A . 
B 2 HOH 71  259 71  HOH HOH A . 
B 2 HOH 72  260 72  HOH HOH A . 
B 2 HOH 73  261 73  HOH HOH A . 
B 2 HOH 74  262 74  HOH HOH A . 
B 2 HOH 75  263 75  HOH HOH A . 
B 2 HOH 76  264 76  HOH HOH A . 
B 2 HOH 77  265 77  HOH HOH A . 
B 2 HOH 78  266 78  HOH HOH A . 
B 2 HOH 79  267 79  HOH HOH A . 
B 2 HOH 80  268 80  HOH HOH A . 
B 2 HOH 81  269 81  HOH HOH A . 
B 2 HOH 82  270 82  HOH HOH A . 
B 2 HOH 83  271 83  HOH HOH A . 
B 2 HOH 84  272 84  HOH HOH A . 
B 2 HOH 85  273 85  HOH HOH A . 
B 2 HOH 86  274 86  HOH HOH A . 
B 2 HOH 87  275 87  HOH HOH A . 
B 2 HOH 88  276 88  HOH HOH A . 
B 2 HOH 89  277 89  HOH HOH A . 
B 2 HOH 90  278 90  HOH HOH A . 
B 2 HOH 91  279 91  HOH HOH A . 
B 2 HOH 92  280 92  HOH HOH A . 
B 2 HOH 93  281 93  HOH HOH A . 
B 2 HOH 94  282 94  HOH HOH A . 
B 2 HOH 95  283 95  HOH HOH A . 
B 2 HOH 96  284 96  HOH HOH A . 
B 2 HOH 97  285 97  HOH HOH A . 
B 2 HOH 98  286 98  HOH HOH A . 
B 2 HOH 99  287 99  HOH HOH A . 
B 2 HOH 100 288 100 HOH HOH A . 
B 2 HOH 101 289 101 HOH HOH A . 
B 2 HOH 102 290 102 HOH HOH A . 
B 2 HOH 103 291 103 HOH HOH A . 
B 2 HOH 104 292 104 HOH HOH A . 
B 2 HOH 105 293 105 HOH HOH A . 
B 2 HOH 106 294 106 HOH HOH A . 
B 2 HOH 107 295 107 HOH HOH A . 
B 2 HOH 108 296 108 HOH HOH A . 
B 2 HOH 109 297 109 HOH HOH A . 
B 2 HOH 110 298 110 HOH HOH A . 
B 2 HOH 111 299 111 HOH HOH A . 
B 2 HOH 112 300 112 HOH HOH A . 
B 2 HOH 113 301 113 HOH HOH A . 
B 2 HOH 114 302 114 HOH HOH A . 
B 2 HOH 115 303 115 HOH HOH A . 
B 2 HOH 116 304 116 HOH HOH A . 
B 2 HOH 117 305 117 HOH HOH A . 
B 2 HOH 118 306 118 HOH HOH A . 
B 2 HOH 119 307 119 HOH HOH A . 
# 
loop_
_software.name 
_software.classification 
_software.version 
_software.citation_id 
_software.pdbx_ordinal 
CNS          refinement       1.1 ? 1 
CrystalClear 'data reduction' .   ? 2 
CrystalClear 'data scaling'   .   ? 3 
SOLVE        phasing          .   ? 4 
# 
_cell.entry_id           2CVB 
_cell.length_a           73.420 
_cell.length_b           73.420 
_cell.length_c           96.910 
_cell.angle_alpha        90.00 
_cell.angle_beta         90.00 
_cell.angle_gamma        90.00 
_cell.Z_PDB              8 
_cell.pdbx_unique_axis   ? 
# 
_symmetry.entry_id                         2CVB 
_symmetry.space_group_name_H-M             'P 41 21 2' 
_symmetry.pdbx_full_space_group_name_H-M   ? 
_symmetry.cell_setting                     ? 
_symmetry.Int_Tables_number                92 
_symmetry.space_group_name_Hall            ? 
# 
_exptl.entry_id          2CVB 
_exptl.method            'X-RAY DIFFRACTION' 
_exptl.crystals_number   1 
# 
_exptl_crystal.id                    1 
_exptl_crystal.density_meas          ? 
_exptl_crystal.density_Matthews      3.1 
_exptl_crystal.density_percent_sol   59.4 
_exptl_crystal.description           ? 
_exptl_crystal.F_000                 ? 
_exptl_crystal.preparation           ? 
# 
_exptl_crystal_grow.crystal_id      1 
_exptl_crystal_grow.method          'VAPOR DIFFUSION, SITTING DROP' 
_exptl_crystal_grow.temp            293 
_exptl_crystal_grow.temp_details    ? 
_exptl_crystal_grow.pH              5.2 
_exptl_crystal_grow.pdbx_details    
'22% PEG3350, 0.3M diammonium hydrogen citrate, pH 5.2, VAPOR DIFFUSION, SITTING DROP, temperature 293K' 
_exptl_crystal_grow.pdbx_pH_range   . 
# 
_diffrn.id                     1 
_diffrn.ambient_temp           100 
_diffrn.ambient_temp_details   ? 
_diffrn.crystal_id             1 
# 
_diffrn_detector.diffrn_id              1 
_diffrn_detector.detector               CCD 
_diffrn_detector.type                   'RIGAKU JUPITER 210' 
_diffrn_detector.pdbx_collection_date   2004-05-31 
_diffrn_detector.details                ? 
# 
_diffrn_radiation.diffrn_id                        1 
_diffrn_radiation.wavelength_id                    1 
_diffrn_radiation.pdbx_monochromatic_or_laue_m_l   M 
_diffrn_radiation.monochromator                    'SI DOUBLE-CRYSTAL' 
_diffrn_radiation.pdbx_diffrn_protocol             MAD 
_diffrn_radiation.pdbx_scattering_type             x-ray 
# 
loop_
_diffrn_radiation_wavelength.id 
_diffrn_radiation_wavelength.wavelength 
_diffrn_radiation_wavelength.wt 
1 0.90000 1.0 
2 0.97919 1.0 
3 0.97942 1.0 
# 
_diffrn_source.diffrn_id                   1 
_diffrn_source.source                      SYNCHROTRON 
_diffrn_source.type                        'SPRING-8 BEAMLINE BL26B2' 
_diffrn_source.pdbx_synchrotron_site       SPring-8 
_diffrn_source.pdbx_synchrotron_beamline   BL26B2 
_diffrn_source.pdbx_wavelength             ? 
_diffrn_source.pdbx_wavelength_list        '0.90000, 0.97919, 0.97942' 
# 
_reflns.entry_id                     2CVB 
_reflns.observed_criterion_sigma_I   ? 
_reflns.observed_criterion_sigma_F   ? 
_reflns.d_resolution_low             27.18 
_reflns.d_resolution_high            1.80 
_reflns.number_obs                   ? 
_reflns.number_all                   23975 
_reflns.percent_possible_obs         95.1 
_reflns.pdbx_Rmerge_I_obs            0.051 
_reflns.pdbx_Rsym_value              ? 
_reflns.pdbx_netI_over_sigmaI        26.9 
_reflns.B_iso_Wilson_estimate        20.6 
_reflns.pdbx_redundancy              9.54 
_reflns.R_free_details               ? 
_reflns.limit_h_max                  ? 
_reflns.limit_h_min                  ? 
_reflns.limit_k_max                  ? 
_reflns.limit_k_min                  ? 
_reflns.limit_l_max                  ? 
_reflns.limit_l_min                  ? 
_reflns.observed_criterion_F_max     ? 
_reflns.observed_criterion_F_min     ? 
_reflns.pdbx_chi_squared             ? 
_reflns.pdbx_scaling_rejects         ? 
_reflns.pdbx_ordinal                 1 
_reflns.pdbx_diffrn_id               1 
# 
_reflns_shell.d_res_high             1.80 
_reflns_shell.d_res_low              1.86 
_reflns_shell.percent_possible_all   97.3 
_reflns_shell.Rmerge_I_obs           0.188 
_reflns_shell.pdbx_Rsym_value        ? 
_reflns_shell.meanI_over_sigI_obs    10.1 
_reflns_shell.pdbx_redundancy        9.58 
_reflns_shell.percent_possible_obs   ? 
_reflns_shell.number_unique_all      ? 
_reflns_shell.number_measured_all    ? 
_reflns_shell.number_measured_obs    ? 
_reflns_shell.number_unique_obs      ? 
_reflns_shell.pdbx_chi_squared       ? 
_reflns_shell.pdbx_ordinal           1 
_reflns_shell.pdbx_diffrn_id         1 
# 
_refine.entry_id                                 2CVB 
_refine.ls_number_reflns_obs                     23953 
_refine.ls_number_reflns_all                     ? 
_refine.pdbx_ls_sigma_I                          ? 
_refine.pdbx_ls_sigma_F                          .0 
_refine.pdbx_data_cutoff_high_absF               1528471.62 
_refine.pdbx_data_cutoff_low_absF                .000000 
_refine.pdbx_data_cutoff_high_rms_absF           ? 
_refine.ls_d_res_low                             24.25 
_refine.ls_d_res_high                            1.80 
_refine.ls_percent_reflns_obs                    94.9 
_refine.ls_R_factor_obs                          0.212 
_refine.ls_R_factor_all                          0.213 
_refine.ls_R_factor_R_work                       0.212 
_refine.ls_R_factor_R_free                       0.227 
_refine.ls_R_factor_R_free_error                 .005 
_refine.ls_R_factor_R_free_error_details         ? 
_refine.ls_percent_reflns_R_free                 9.9 
_refine.ls_number_reflns_R_free                  2372 
_refine.ls_number_parameters                     ? 
_refine.ls_number_restraints                     ? 
_refine.occupancy_min                            ? 
_refine.occupancy_max                            ? 
_refine.correlation_coeff_Fo_to_Fc               ? 
_refine.correlation_coeff_Fo_to_Fc_free          ? 
_refine.B_iso_mean                               22.6 
_refine.aniso_B[1][1]                            -.93 
_refine.aniso_B[2][2]                            -.93 
_refine.aniso_B[3][3]                            1.85 
_refine.aniso_B[1][2]                            .00 
_refine.aniso_B[1][3]                            .00 
_refine.aniso_B[2][3]                            .00 
_refine.solvent_model_details                    'FLAT MODEL' 
_refine.solvent_model_param_ksol                 .38742 
_refine.solvent_model_param_bsol                 26.7948 
_refine.pdbx_solvent_vdw_probe_radii             ? 
_refine.pdbx_solvent_ion_probe_radii             ? 
_refine.pdbx_solvent_shrinkage_radii             ? 
_refine.pdbx_ls_cross_valid_method               THROUGHOUT 
_refine.details                                  ? 
_refine.pdbx_starting_model                      ? 
_refine.pdbx_method_to_determine_struct          MAD 
_refine.pdbx_isotropic_thermal_model             RESTRAINED 
_refine.pdbx_stereochemistry_target_values       'Engh & Huber' 
_refine.pdbx_stereochem_target_val_spec_case     ? 
_refine.pdbx_R_Free_selection_details            RANDOM 
_refine.pdbx_overall_ESU_R                       ? 
_refine.pdbx_overall_ESU_R_Free                  ? 
_refine.overall_SU_ML                            ? 
_refine.overall_SU_B                             ? 
_refine.ls_redundancy_reflns_obs                 ? 
_refine.B_iso_min                                ? 
_refine.B_iso_max                                ? 
_refine.overall_SU_R_Cruickshank_DPI             ? 
_refine.overall_SU_R_free                        ? 
_refine.ls_wR_factor_R_free                      ? 
_refine.ls_wR_factor_R_work                      ? 
_refine.overall_FOM_free_R_set                   ? 
_refine.overall_FOM_work_R_set                   ? 
_refine.pdbx_refine_id                           'X-RAY DIFFRACTION' 
_refine.pdbx_diffrn_id                           1 
_refine.pdbx_TLS_residual_ADP_flag               ? 
_refine.pdbx_overall_phase_error                 ? 
_refine.pdbx_overall_SU_R_free_Cruickshank_DPI   ? 
_refine.pdbx_overall_SU_R_Blow_DPI               ? 
_refine.pdbx_overall_SU_R_free_Blow_DPI          ? 
# 
_refine_analyze.entry_id                        2CVB 
_refine_analyze.Luzzati_coordinate_error_obs    .21 
_refine_analyze.Luzzati_sigma_a_obs             .09 
_refine_analyze.Luzzati_d_res_low_obs           5.00 
_refine_analyze.Luzzati_coordinate_error_free   .24 
_refine_analyze.Luzzati_sigma_a_free            .14 
_refine_analyze.Luzzati_d_res_low_free          ? 
_refine_analyze.number_disordered_residues      ? 
_refine_analyze.occupancy_sum_hydrogen          ? 
_refine_analyze.occupancy_sum_non_hydrogen      ? 
_refine_analyze.pdbx_Luzzati_d_res_high_obs     ? 
_refine_analyze.pdbx_refine_id                  'X-RAY DIFFRACTION' 
# 
_refine_hist.pdbx_refine_id                   'X-RAY DIFFRACTION' 
_refine_hist.cycle_id                         LAST 
_refine_hist.pdbx_number_atoms_protein        1500 
_refine_hist.pdbx_number_atoms_nucleic_acid   0 
_refine_hist.pdbx_number_atoms_ligand         0 
_refine_hist.number_atoms_solvent             119 
_refine_hist.number_atoms_total               1619 
_refine_hist.d_res_high                       1.80 
_refine_hist.d_res_low                        24.25 
# 
loop_
_refine_ls_restr.type 
_refine_ls_restr.dev_ideal 
_refine_ls_restr.dev_ideal_target 
_refine_ls_restr.weight 
_refine_ls_restr.number 
_refine_ls_restr.pdbx_refine_id 
_refine_ls_restr.pdbx_restraint_function 
c_bond_d                .005 ?    ? ? 'X-RAY DIFFRACTION' ? 
c_bond_d_na             ?    ?    ? ? 'X-RAY DIFFRACTION' ? 
c_bond_d_prot           ?    ?    ? ? 'X-RAY DIFFRACTION' ? 
c_angle_d               ?    ?    ? ? 'X-RAY DIFFRACTION' ? 
c_angle_d_na            ?    ?    ? ? 'X-RAY DIFFRACTION' ? 
c_angle_d_prot          ?    ?    ? ? 'X-RAY DIFFRACTION' ? 
c_angle_deg             1.3  ?    ? ? 'X-RAY DIFFRACTION' ? 
c_angle_deg_na          ?    ?    ? ? 'X-RAY DIFFRACTION' ? 
c_angle_deg_prot        ?    ?    ? ? 'X-RAY DIFFRACTION' ? 
c_dihedral_angle_d      24.9 ?    ? ? 'X-RAY DIFFRACTION' ? 
c_dihedral_angle_d_na   ?    ?    ? ? 'X-RAY DIFFRACTION' ? 
c_dihedral_angle_d_prot ?    ?    ? ? 'X-RAY DIFFRACTION' ? 
c_improper_angle_d      1.12 ?    ? ? 'X-RAY DIFFRACTION' ? 
c_improper_angle_d_na   ?    ?    ? ? 'X-RAY DIFFRACTION' ? 
c_improper_angle_d_prot ?    ?    ? ? 'X-RAY DIFFRACTION' ? 
c_mcbond_it             1.12 1.50 ? ? 'X-RAY DIFFRACTION' ? 
c_mcangle_it            1.64 2.00 ? ? 'X-RAY DIFFRACTION' ? 
c_scbond_it             2.00 2.00 ? ? 'X-RAY DIFFRACTION' ? 
c_scangle_it            2.94 2.50 ? ? 'X-RAY DIFFRACTION' ? 
# 
_refine_ls_shell.pdbx_total_number_of_bins_used   6 
_refine_ls_shell.d_res_high                       1.80 
_refine_ls_shell.d_res_low                        1.91 
_refine_ls_shell.number_reflns_R_work             3605 
_refine_ls_shell.R_factor_R_work                  0.239 
_refine_ls_shell.percent_reflns_obs               97.3 
_refine_ls_shell.R_factor_R_free                  0.268 
_refine_ls_shell.R_factor_R_free_error            .014 
_refine_ls_shell.percent_reflns_R_free            9.7 
_refine_ls_shell.number_reflns_R_free             387 
_refine_ls_shell.number_reflns_obs                ? 
_refine_ls_shell.redundancy_reflns_obs            ? 
_refine_ls_shell.number_reflns_all                ? 
_refine_ls_shell.R_factor_all                     ? 
_refine_ls_shell.pdbx_refine_id                   'X-RAY DIFFRACTION' 
# 
loop_
_pdbx_xplor_file.serial_no 
_pdbx_xplor_file.param_file 
_pdbx_xplor_file.topol_file 
_pdbx_xplor_file.pdbx_refine_id 
1 protein.param protein.top 'X-RAY DIFFRACTION' 
2 water.param   water.top   'X-RAY DIFFRACTION' 
# 
_struct.entry_id                  2CVB 
_struct.title                     'Crystal structure of a thioredoxin-like protein from Thermus thermophilus HB8' 
_struct.pdbx_model_details        ? 
_struct.pdbx_CASP_flag            ? 
_struct.pdbx_model_type_details   ? 
# 
_struct_keywords.entry_id        2CVB 
_struct_keywords.pdbx_keywords   'STRUCTURAL GENOMICS, UNKNOWN FUNCTION' 
_struct_keywords.text            
'Thioredoxin, Redox protein, Structural Genomics, RIKEN Structural Genomics/Proteomics Initiative, RSGI, UNKNOWN FUNCTION' 
# 
loop_
_struct_asym.id 
_struct_asym.pdbx_blank_PDB_chainid_flag 
_struct_asym.pdbx_modified 
_struct_asym.entity_id 
_struct_asym.details 
A N N 1 ? 
B N N 2 ? 
# 
_struct_ref.id                         1 
_struct_ref.db_name                    UNP 
_struct_ref.db_code                    Q5SKQ0_THET8 
_struct_ref.pdbx_db_accession          Q5SKQ0 
_struct_ref.entity_id                  1 
_struct_ref.pdbx_seq_one_letter_code   
;MLQYPELPLESPLIDAELPDPRGGRYRLSQFHEPLLAVVFMCNHCPYVKGSIGELVALAERYRGKVAFVGINANDYEKYP
EDAPEKMAAFAEEHGIFFPYLLDETQEVAKAYRALRTPEVFLFDERRLLRYHGRVNDNPKDPSKVQSHDLEAAIEALLRG
EEPPLKEAPAIGCTIKWRPGNEPEVRIG
;
_struct_ref.pdbx_align_begin           1 
_struct_ref.pdbx_db_isoform            ? 
# 
_struct_ref_seq.align_id                      1 
_struct_ref_seq.ref_id                        1 
_struct_ref_seq.pdbx_PDB_id_code              2CVB 
_struct_ref_seq.pdbx_strand_id                A 
_struct_ref_seq.seq_align_beg                 1 
_struct_ref_seq.pdbx_seq_align_beg_ins_code   ? 
_struct_ref_seq.seq_align_end                 188 
_struct_ref_seq.pdbx_seq_align_end_ins_code   ? 
_struct_ref_seq.pdbx_db_accession             Q5SKQ0 
_struct_ref_seq.db_align_beg                  1 
_struct_ref_seq.pdbx_db_align_beg_ins_code    ? 
_struct_ref_seq.db_align_end                  188 
_struct_ref_seq.pdbx_db_align_end_ins_code    ? 
_struct_ref_seq.pdbx_auth_seq_align_beg       1 
_struct_ref_seq.pdbx_auth_seq_align_end       188 
# 
loop_
_struct_ref_seq_dif.align_id 
_struct_ref_seq_dif.pdbx_pdb_id_code 
_struct_ref_seq_dif.mon_id 
_struct_ref_seq_dif.pdbx_pdb_strand_id 
_struct_ref_seq_dif.seq_num 
_struct_ref_seq_dif.pdbx_pdb_ins_code 
_struct_ref_seq_dif.pdbx_seq_db_name 
_struct_ref_seq_dif.pdbx_seq_db_accession_code 
_struct_ref_seq_dif.db_mon_id 
_struct_ref_seq_dif.pdbx_seq_db_seq_num 
_struct_ref_seq_dif.details 
_struct_ref_seq_dif.pdbx_auth_seq_num 
_struct_ref_seq_dif.pdbx_ordinal 
1 2CVB MSE A 1  ? UNP Q5SKQ0 MET 1  'modified residue' 1  1 
1 2CVB MSE A 41 ? UNP Q5SKQ0 MET 41 'modified residue' 41 2 
1 2CVB MSE A 87 ? UNP Q5SKQ0 MET 87 'modified residue' 87 3 
# 
_pdbx_struct_assembly.id                   1 
_pdbx_struct_assembly.details              author_defined_assembly 
_pdbx_struct_assembly.method_details       ? 
_pdbx_struct_assembly.oligomeric_details   monomeric 
_pdbx_struct_assembly.oligomeric_count     1 
# 
_pdbx_struct_assembly_gen.assembly_id       1 
_pdbx_struct_assembly_gen.oper_expression   1 
_pdbx_struct_assembly_gen.asym_id_list      A,B 
# 
_pdbx_struct_oper_list.id                   1 
_pdbx_struct_oper_list.type                 'identity operation' 
_pdbx_struct_oper_list.name                 1_555 
_pdbx_struct_oper_list.symmetry_operation   x,y,z 
_pdbx_struct_oper_list.matrix[1][1]         1.0000000000 
_pdbx_struct_oper_list.matrix[1][2]         0.0000000000 
_pdbx_struct_oper_list.matrix[1][3]         0.0000000000 
_pdbx_struct_oper_list.vector[1]            0.0000000000 
_pdbx_struct_oper_list.matrix[2][1]         0.0000000000 
_pdbx_struct_oper_list.matrix[2][2]         1.0000000000 
_pdbx_struct_oper_list.matrix[2][3]         0.0000000000 
_pdbx_struct_oper_list.vector[2]            0.0000000000 
_pdbx_struct_oper_list.matrix[3][1]         0.0000000000 
_pdbx_struct_oper_list.matrix[3][2]         0.0000000000 
_pdbx_struct_oper_list.matrix[3][3]         1.0000000000 
_pdbx_struct_oper_list.vector[3]            0.0000000000 
# 
_struct_biol.id   1 
# 
loop_
_struct_conf.conf_type_id 
_struct_conf.id 
_struct_conf.pdbx_PDB_helix_id 
_struct_conf.beg_label_comp_id 
_struct_conf.beg_label_asym_id 
_struct_conf.beg_label_seq_id 
_struct_conf.pdbx_beg_PDB_ins_code 
_struct_conf.end_label_comp_id 
_struct_conf.end_label_asym_id 
_struct_conf.end_label_seq_id 
_struct_conf.pdbx_end_PDB_ins_code 
_struct_conf.beg_auth_comp_id 
_struct_conf.beg_auth_asym_id 
_struct_conf.beg_auth_seq_id 
_struct_conf.end_auth_comp_id 
_struct_conf.end_auth_asym_id 
_struct_conf.end_auth_seq_id 
_struct_conf.pdbx_PDB_helix_class 
_struct_conf.details 
_struct_conf.pdbx_PDB_helix_length 
HELX_P HELX_P1 1 SER A 29  ? PHE A 31  ? SER A 29  PHE A 31  5 ? 3  
HELX_P HELX_P2 2 CYS A 45  ? GLY A 50  ? CYS A 45  GLY A 50  1 ? 6  
HELX_P HELX_P3 3 SER A 51  ? TYR A 62  ? SER A 51  TYR A 62  1 ? 12 
HELX_P HELX_P4 4 TYR A 79  ? ASP A 82  ? TYR A 79  ASP A 82  5 ? 4  
HELX_P HELX_P5 5 ALA A 83  ? GLY A 95  ? ALA A 83  GLY A 95  1 ? 13 
HELX_P HELX_P6 6 GLN A 106 ? TYR A 112 ? GLN A 106 TYR A 112 1 ? 7  
HELX_P HELX_P7 7 ASP A 141 ? VAL A 145 ? ASP A 141 VAL A 145 5 ? 5  
HELX_P HELX_P8 8 HIS A 148 ? ARG A 159 ? HIS A 148 ARG A 159 1 ? 12 
# 
_struct_conf_type.id          HELX_P 
_struct_conf_type.criteria    ? 
_struct_conf_type.reference   ? 
# 
loop_
_struct_conn.id 
_struct_conn.conn_type_id 
_struct_conn.pdbx_leaving_atom_flag 
_struct_conn.pdbx_PDB_id 
_struct_conn.ptnr1_label_asym_id 
_struct_conn.ptnr1_label_comp_id 
_struct_conn.ptnr1_label_seq_id 
_struct_conn.ptnr1_label_atom_id 
_struct_conn.pdbx_ptnr1_label_alt_id 
_struct_conn.pdbx_ptnr1_PDB_ins_code 
_struct_conn.pdbx_ptnr1_standard_comp_id 
_struct_conn.ptnr1_symmetry 
_struct_conn.ptnr2_label_asym_id 
_struct_conn.ptnr2_label_comp_id 
_struct_conn.ptnr2_label_seq_id 
_struct_conn.ptnr2_label_atom_id 
_struct_conn.pdbx_ptnr2_label_alt_id 
_struct_conn.pdbx_ptnr2_PDB_ins_code 
_struct_conn.ptnr1_auth_asym_id 
_struct_conn.ptnr1_auth_comp_id 
_struct_conn.ptnr1_auth_seq_id 
_struct_conn.ptnr2_auth_asym_id 
_struct_conn.ptnr2_auth_comp_id 
_struct_conn.ptnr2_auth_seq_id 
_struct_conn.ptnr2_symmetry 
_struct_conn.pdbx_ptnr3_label_atom_id 
_struct_conn.pdbx_ptnr3_label_seq_id 
_struct_conn.pdbx_ptnr3_label_comp_id 
_struct_conn.pdbx_ptnr3_label_asym_id 
_struct_conn.pdbx_ptnr3_label_alt_id 
_struct_conn.pdbx_ptnr3_PDB_ins_code 
_struct_conn.details 
_struct_conn.pdbx_dist_value 
_struct_conn.pdbx_value_order 
_struct_conn.pdbx_role 
disulf1 disulf ?    ? A CYS 45 SG ? ? ? 1_555 A CYS 173 SG ? ? A CYS 45 A CYS 173 1_555 ? ? ? ? ? ? ? 2.055 ? ? 
covale1 covale both ? A PHE 40 C  ? ? ? 1_555 A MSE 41  N  ? ? A PHE 40 A MSE 41  1_555 ? ? ? ? ? ? ? 1.327 ? ? 
covale2 covale both ? A MSE 41 C  ? ? ? 1_555 A CYS 42  N  ? ? A MSE 41 A CYS 42  1_555 ? ? ? ? ? ? ? 1.328 ? ? 
covale3 covale both ? A LYS 86 C  ? ? ? 1_555 A MSE 87  N  ? ? A LYS 86 A MSE 87  1_555 ? ? ? ? ? ? ? 1.333 ? ? 
covale4 covale both ? A MSE 87 C  ? ? ? 1_555 A ALA 88  N  ? ? A MSE 87 A ALA 88  1_555 ? ? ? ? ? ? ? 1.332 ? ? 
# 
loop_
_struct_conn_type.id 
_struct_conn_type.criteria 
_struct_conn_type.reference 
disulf ? ? 
covale ? ? 
# 
loop_
_pdbx_modification_feature.ordinal 
_pdbx_modification_feature.label_comp_id 
_pdbx_modification_feature.label_asym_id 
_pdbx_modification_feature.label_seq_id 
_pdbx_modification_feature.label_alt_id 
_pdbx_modification_feature.modified_residue_label_comp_id 
_pdbx_modification_feature.modified_residue_label_asym_id 
_pdbx_modification_feature.modified_residue_label_seq_id 
_pdbx_modification_feature.modified_residue_label_alt_id 
_pdbx_modification_feature.auth_comp_id 
_pdbx_modification_feature.auth_asym_id 
_pdbx_modification_feature.auth_seq_id 
_pdbx_modification_feature.PDB_ins_code 
_pdbx_modification_feature.symmetry 
_pdbx_modification_feature.modified_residue_auth_comp_id 
_pdbx_modification_feature.modified_residue_auth_asym_id 
_pdbx_modification_feature.modified_residue_auth_seq_id 
_pdbx_modification_feature.modified_residue_PDB_ins_code 
_pdbx_modification_feature.modified_residue_symmetry 
_pdbx_modification_feature.comp_id_linking_atom 
_pdbx_modification_feature.modified_residue_id_linking_atom 
_pdbx_modification_feature.modified_residue_id 
_pdbx_modification_feature.ref_pcm_id 
_pdbx_modification_feature.ref_comp_id 
_pdbx_modification_feature.type 
_pdbx_modification_feature.category 
1 MSE A 41 ? .   . .   . MSE A 41 ? 1_555 .   . .   . .     .  .  MET 1 MSE Selenomethionine 'Named protein modification' 
2 MSE A 87 ? .   . .   . MSE A 87 ? 1_555 .   . .   . .     .  .  MET 1 MSE Selenomethionine 'Named protein modification' 
3 CYS A 45 ? CYS A 173 ? CYS A 45 ? 1_555 CYS A 173 ? 1_555 SG SG .   . .   None             'Disulfide bridge'           
# 
_struct_mon_prot_cis.pdbx_id                1 
_struct_mon_prot_cis.label_comp_id          THR 
_struct_mon_prot_cis.label_seq_id           117 
_struct_mon_prot_cis.label_asym_id          A 
_struct_mon_prot_cis.label_alt_id           . 
_struct_mon_prot_cis.pdbx_PDB_ins_code      ? 
_struct_mon_prot_cis.auth_comp_id           THR 
_struct_mon_prot_cis.auth_seq_id            117 
_struct_mon_prot_cis.auth_asym_id           A 
_struct_mon_prot_cis.pdbx_label_comp_id_2   PRO 
_struct_mon_prot_cis.pdbx_label_seq_id_2    118 
_struct_mon_prot_cis.pdbx_label_asym_id_2   A 
_struct_mon_prot_cis.pdbx_PDB_ins_code_2    ? 
_struct_mon_prot_cis.pdbx_auth_comp_id_2    PRO 
_struct_mon_prot_cis.pdbx_auth_seq_id_2     118 
_struct_mon_prot_cis.pdbx_auth_asym_id_2    A 
_struct_mon_prot_cis.pdbx_PDB_model_num     1 
_struct_mon_prot_cis.pdbx_omega_angle       -0.04 
# 
loop_
_struct_sheet.id 
_struct_sheet.type 
_struct_sheet.number_strands 
_struct_sheet.details 
A ? 2 ? 
B ? 5 ? 
C ? 2 ? 
# 
loop_
_struct_sheet_order.sheet_id 
_struct_sheet_order.range_id_1 
_struct_sheet_order.range_id_2 
_struct_sheet_order.offset 
_struct_sheet_order.sense 
A 1 2 ? anti-parallel 
B 1 2 ? parallel      
B 2 3 ? parallel      
B 3 4 ? anti-parallel 
B 4 5 ? anti-parallel 
C 1 2 ? anti-parallel 
# 
loop_
_struct_sheet_range.sheet_id 
_struct_sheet_range.id 
_struct_sheet_range.beg_label_comp_id 
_struct_sheet_range.beg_label_asym_id 
_struct_sheet_range.beg_label_seq_id 
_struct_sheet_range.pdbx_beg_PDB_ins_code 
_struct_sheet_range.end_label_comp_id 
_struct_sheet_range.end_label_asym_id 
_struct_sheet_range.end_label_seq_id 
_struct_sheet_range.pdbx_end_PDB_ins_code 
_struct_sheet_range.beg_auth_comp_id 
_struct_sheet_range.beg_auth_asym_id 
_struct_sheet_range.beg_auth_seq_id 
_struct_sheet_range.end_auth_comp_id 
_struct_sheet_range.end_auth_asym_id 
_struct_sheet_range.end_auth_seq_id 
A 1 GLU A 17  ? PRO A 19  ? GLU A 17  PRO A 19  
A 2 ARG A 25  ? ARG A 27  ? ARG A 25  ARG A 27  
B 1 TYR A 100 ? LEU A 102 ? TYR A 100 LEU A 102 
B 2 VAL A 66  ? ASN A 72  ? VAL A 66  ASN A 72  
B 3 LEU A 35  ? MSE A 41  ? LEU A 35  MSE A 41  
B 4 GLU A 119 ? PHE A 123 ? GLU A 119 PHE A 123 
B 5 LEU A 129 ? GLY A 133 ? LEU A 129 GLY A 133 
C 1 ARG A 116 ? THR A 117 ? ARG A 116 THR A 117 
C 2 CYS A 173 ? THR A 174 ? CYS A 173 THR A 174 
# 
loop_
_pdbx_struct_sheet_hbond.sheet_id 
_pdbx_struct_sheet_hbond.range_id_1 
_pdbx_struct_sheet_hbond.range_id_2 
_pdbx_struct_sheet_hbond.range_1_label_atom_id 
_pdbx_struct_sheet_hbond.range_1_label_comp_id 
_pdbx_struct_sheet_hbond.range_1_label_asym_id 
_pdbx_struct_sheet_hbond.range_1_label_seq_id 
_pdbx_struct_sheet_hbond.range_1_PDB_ins_code 
_pdbx_struct_sheet_hbond.range_1_auth_atom_id 
_pdbx_struct_sheet_hbond.range_1_auth_comp_id 
_pdbx_struct_sheet_hbond.range_1_auth_asym_id 
_pdbx_struct_sheet_hbond.range_1_auth_seq_id 
_pdbx_struct_sheet_hbond.range_2_label_atom_id 
_pdbx_struct_sheet_hbond.range_2_label_comp_id 
_pdbx_struct_sheet_hbond.range_2_label_asym_id 
_pdbx_struct_sheet_hbond.range_2_label_seq_id 
_pdbx_struct_sheet_hbond.range_2_PDB_ins_code 
_pdbx_struct_sheet_hbond.range_2_auth_atom_id 
_pdbx_struct_sheet_hbond.range_2_auth_comp_id 
_pdbx_struct_sheet_hbond.range_2_auth_asym_id 
_pdbx_struct_sheet_hbond.range_2_auth_seq_id 
A 1 2 N LEU A 18  ? N LEU A 18  O TYR A 26  ? O TYR A 26  
B 1 2 O LEU A 101 ? O LEU A 101 N GLY A 70  ? N GLY A 70  
B 2 3 O ALA A 67  ? O ALA A 67  N ALA A 37  ? N ALA A 37  
B 3 4 N LEU A 36  ? N LEU A 36  O PHE A 123 ? O PHE A 123 
B 4 5 N LEU A 122 ? N LEU A 122 O TYR A 131 ? O TYR A 131 
C 1 2 N THR A 117 ? N THR A 117 O CYS A 173 ? O CYS A 173 
# 
_pdbx_entry_details.entry_id                   2CVB 
_pdbx_entry_details.compound_details           ? 
_pdbx_entry_details.source_details             ? 
_pdbx_entry_details.nonpolymer_details         ? 
_pdbx_entry_details.sequence_details           ? 
_pdbx_entry_details.has_ligand_of_interest     ? 
_pdbx_entry_details.has_protein_modification   Y 
# 
loop_
_pdbx_validate_torsion.id 
_pdbx_validate_torsion.PDB_model_num 
_pdbx_validate_torsion.auth_comp_id 
_pdbx_validate_torsion.auth_asym_id 
_pdbx_validate_torsion.auth_seq_id 
_pdbx_validate_torsion.PDB_ins_code 
_pdbx_validate_torsion.label_alt_id 
_pdbx_validate_torsion.phi 
_pdbx_validate_torsion.psi 
1 1 CYS A 42  ? ? -170.62 -172.43 
2 1 ASN A 138 ? ? -157.57 71.33   
3 1 HIS A 148 ? ? -107.27 75.60   
# 
_pdbx_SG_project.id                    1 
_pdbx_SG_project.project_name          ? 
_pdbx_SG_project.full_name_of_center   'RIKEN Structural Genomics/Proteomics Initiative' 
_pdbx_SG_project.initial_of_center     RSGI 
# 
loop_
_pdbx_struct_mod_residue.id 
_pdbx_struct_mod_residue.label_asym_id 
_pdbx_struct_mod_residue.label_comp_id 
_pdbx_struct_mod_residue.label_seq_id 
_pdbx_struct_mod_residue.auth_asym_id 
_pdbx_struct_mod_residue.auth_comp_id 
_pdbx_struct_mod_residue.auth_seq_id 
_pdbx_struct_mod_residue.PDB_ins_code 
_pdbx_struct_mod_residue.parent_comp_id 
_pdbx_struct_mod_residue.details 
1 A MSE 41 A MSE 41 ? MET SELENOMETHIONINE 
2 A MSE 87 A MSE 87 ? MET SELENOMETHIONINE 
# 
_pdbx_unobs_or_zero_occ_residues.id               1 
_pdbx_unobs_or_zero_occ_residues.PDB_model_num    1 
_pdbx_unobs_or_zero_occ_residues.polymer_flag     Y 
_pdbx_unobs_or_zero_occ_residues.occupancy_flag   1 
_pdbx_unobs_or_zero_occ_residues.auth_asym_id     A 
_pdbx_unobs_or_zero_occ_residues.auth_comp_id     MSE 
_pdbx_unobs_or_zero_occ_residues.auth_seq_id      1 
_pdbx_unobs_or_zero_occ_residues.PDB_ins_code     ? 
_pdbx_unobs_or_zero_occ_residues.label_asym_id    A 
_pdbx_unobs_or_zero_occ_residues.label_comp_id    MSE 
_pdbx_unobs_or_zero_occ_residues.label_seq_id     1 
# 
loop_
_chem_comp_atom.comp_id 
_chem_comp_atom.atom_id 
_chem_comp_atom.type_symbol 
_chem_comp_atom.pdbx_aromatic_flag 
_chem_comp_atom.pdbx_stereo_config 
_chem_comp_atom.pdbx_ordinal 
ALA N    N  N N 1   
ALA CA   C  N S 2   
ALA C    C  N N 3   
ALA O    O  N N 4   
ALA CB   C  N N 5   
ALA OXT  O  N N 6   
ALA H    H  N N 7   
ALA H2   H  N N 8   
ALA HA   H  N N 9   
ALA HB1  H  N N 10  
ALA HB2  H  N N 11  
ALA HB3  H  N N 12  
ALA HXT  H  N N 13  
ARG N    N  N N 14  
ARG CA   C  N S 15  
ARG C    C  N N 16  
ARG O    O  N N 17  
ARG CB   C  N N 18  
ARG CG   C  N N 19  
ARG CD   C  N N 20  
ARG NE   N  N N 21  
ARG CZ   C  N N 22  
ARG NH1  N  N N 23  
ARG NH2  N  N N 24  
ARG OXT  O  N N 25  
ARG H    H  N N 26  
ARG H2   H  N N 27  
ARG HA   H  N N 28  
ARG HB2  H  N N 29  
ARG HB3  H  N N 30  
ARG HG2  H  N N 31  
ARG HG3  H  N N 32  
ARG HD2  H  N N 33  
ARG HD3  H  N N 34  
ARG HE   H  N N 35  
ARG HH11 H  N N 36  
ARG HH12 H  N N 37  
ARG HH21 H  N N 38  
ARG HH22 H  N N 39  
ARG HXT  H  N N 40  
ASN N    N  N N 41  
ASN CA   C  N S 42  
ASN C    C  N N 43  
ASN O    O  N N 44  
ASN CB   C  N N 45  
ASN CG   C  N N 46  
ASN OD1  O  N N 47  
ASN ND2  N  N N 48  
ASN OXT  O  N N 49  
ASN H    H  N N 50  
ASN H2   H  N N 51  
ASN HA   H  N N 52  
ASN HB2  H  N N 53  
ASN HB3  H  N N 54  
ASN HD21 H  N N 55  
ASN HD22 H  N N 56  
ASN HXT  H  N N 57  
ASP N    N  N N 58  
ASP CA   C  N S 59  
ASP C    C  N N 60  
ASP O    O  N N 61  
ASP CB   C  N N 62  
ASP CG   C  N N 63  
ASP OD1  O  N N 64  
ASP OD2  O  N N 65  
ASP OXT  O  N N 66  
ASP H    H  N N 67  
ASP H2   H  N N 68  
ASP HA   H  N N 69  
ASP HB2  H  N N 70  
ASP HB3  H  N N 71  
ASP HD2  H  N N 72  
ASP HXT  H  N N 73  
CYS N    N  N N 74  
CYS CA   C  N R 75  
CYS C    C  N N 76  
CYS O    O  N N 77  
CYS CB   C  N N 78  
CYS SG   S  N N 79  
CYS OXT  O  N N 80  
CYS H    H  N N 81  
CYS H2   H  N N 82  
CYS HA   H  N N 83  
CYS HB2  H  N N 84  
CYS HB3  H  N N 85  
CYS HG   H  N N 86  
CYS HXT  H  N N 87  
GLN N    N  N N 88  
GLN CA   C  N S 89  
GLN C    C  N N 90  
GLN O    O  N N 91  
GLN CB   C  N N 92  
GLN CG   C  N N 93  
GLN CD   C  N N 94  
GLN OE1  O  N N 95  
GLN NE2  N  N N 96  
GLN OXT  O  N N 97  
GLN H    H  N N 98  
GLN H2   H  N N 99  
GLN HA   H  N N 100 
GLN HB2  H  N N 101 
GLN HB3  H  N N 102 
GLN HG2  H  N N 103 
GLN HG3  H  N N 104 
GLN HE21 H  N N 105 
GLN HE22 H  N N 106 
GLN HXT  H  N N 107 
GLU N    N  N N 108 
GLU CA   C  N S 109 
GLU C    C  N N 110 
GLU O    O  N N 111 
GLU CB   C  N N 112 
GLU CG   C  N N 113 
GLU CD   C  N N 114 
GLU OE1  O  N N 115 
GLU OE2  O  N N 116 
GLU OXT  O  N N 117 
GLU H    H  N N 118 
GLU H2   H  N N 119 
GLU HA   H  N N 120 
GLU HB2  H  N N 121 
GLU HB3  H  N N 122 
GLU HG2  H  N N 123 
GLU HG3  H  N N 124 
GLU HE2  H  N N 125 
GLU HXT  H  N N 126 
GLY N    N  N N 127 
GLY CA   C  N N 128 
GLY C    C  N N 129 
GLY O    O  N N 130 
GLY OXT  O  N N 131 
GLY H    H  N N 132 
GLY H2   H  N N 133 
GLY HA2  H  N N 134 
GLY HA3  H  N N 135 
GLY HXT  H  N N 136 
HIS N    N  N N 137 
HIS CA   C  N S 138 
HIS C    C  N N 139 
HIS O    O  N N 140 
HIS CB   C  N N 141 
HIS CG   C  Y N 142 
HIS ND1  N  Y N 143 
HIS CD2  C  Y N 144 
HIS CE1  C  Y N 145 
HIS NE2  N  Y N 146 
HIS OXT  O  N N 147 
HIS H    H  N N 148 
HIS H2   H  N N 149 
HIS HA   H  N N 150 
HIS HB2  H  N N 151 
HIS HB3  H  N N 152 
HIS HD1  H  N N 153 
HIS HD2  H  N N 154 
HIS HE1  H  N N 155 
HIS HE2  H  N N 156 
HIS HXT  H  N N 157 
HOH O    O  N N 158 
HOH H1   H  N N 159 
HOH H2   H  N N 160 
ILE N    N  N N 161 
ILE CA   C  N S 162 
ILE C    C  N N 163 
ILE O    O  N N 164 
ILE CB   C  N S 165 
ILE CG1  C  N N 166 
ILE CG2  C  N N 167 
ILE CD1  C  N N 168 
ILE OXT  O  N N 169 
ILE H    H  N N 170 
ILE H2   H  N N 171 
ILE HA   H  N N 172 
ILE HB   H  N N 173 
ILE HG12 H  N N 174 
ILE HG13 H  N N 175 
ILE HG21 H  N N 176 
ILE HG22 H  N N 177 
ILE HG23 H  N N 178 
ILE HD11 H  N N 179 
ILE HD12 H  N N 180 
ILE HD13 H  N N 181 
ILE HXT  H  N N 182 
LEU N    N  N N 183 
LEU CA   C  N S 184 
LEU C    C  N N 185 
LEU O    O  N N 186 
LEU CB   C  N N 187 
LEU CG   C  N N 188 
LEU CD1  C  N N 189 
LEU CD2  C  N N 190 
LEU OXT  O  N N 191 
LEU H    H  N N 192 
LEU H2   H  N N 193 
LEU HA   H  N N 194 
LEU HB2  H  N N 195 
LEU HB3  H  N N 196 
LEU HG   H  N N 197 
LEU HD11 H  N N 198 
LEU HD12 H  N N 199 
LEU HD13 H  N N 200 
LEU HD21 H  N N 201 
LEU HD22 H  N N 202 
LEU HD23 H  N N 203 
LEU HXT  H  N N 204 
LYS N    N  N N 205 
LYS CA   C  N S 206 
LYS C    C  N N 207 
LYS O    O  N N 208 
LYS CB   C  N N 209 
LYS CG   C  N N 210 
LYS CD   C  N N 211 
LYS CE   C  N N 212 
LYS NZ   N  N N 213 
LYS OXT  O  N N 214 
LYS H    H  N N 215 
LYS H2   H  N N 216 
LYS HA   H  N N 217 
LYS HB2  H  N N 218 
LYS HB3  H  N N 219 
LYS HG2  H  N N 220 
LYS HG3  H  N N 221 
LYS HD2  H  N N 222 
LYS HD3  H  N N 223 
LYS HE2  H  N N 224 
LYS HE3  H  N N 225 
LYS HZ1  H  N N 226 
LYS HZ2  H  N N 227 
LYS HZ3  H  N N 228 
LYS HXT  H  N N 229 
MET N    N  N N 230 
MET CA   C  N S 231 
MET C    C  N N 232 
MET O    O  N N 233 
MET CB   C  N N 234 
MET CG   C  N N 235 
MET SD   S  N N 236 
MET CE   C  N N 237 
MET OXT  O  N N 238 
MET H    H  N N 239 
MET H2   H  N N 240 
MET HA   H  N N 241 
MET HB2  H  N N 242 
MET HB3  H  N N 243 
MET HG2  H  N N 244 
MET HG3  H  N N 245 
MET HE1  H  N N 246 
MET HE2  H  N N 247 
MET HE3  H  N N 248 
MET HXT  H  N N 249 
MSE N    N  N N 250 
MSE CA   C  N S 251 
MSE C    C  N N 252 
MSE O    O  N N 253 
MSE OXT  O  N N 254 
MSE CB   C  N N 255 
MSE CG   C  N N 256 
MSE SE   SE N N 257 
MSE CE   C  N N 258 
MSE H    H  N N 259 
MSE H2   H  N N 260 
MSE HA   H  N N 261 
MSE HXT  H  N N 262 
MSE HB2  H  N N 263 
MSE HB3  H  N N 264 
MSE HG2  H  N N 265 
MSE HG3  H  N N 266 
MSE HE1  H  N N 267 
MSE HE2  H  N N 268 
MSE HE3  H  N N 269 
PHE N    N  N N 270 
PHE CA   C  N S 271 
PHE C    C  N N 272 
PHE O    O  N N 273 
PHE CB   C  N N 274 
PHE CG   C  Y N 275 
PHE CD1  C  Y N 276 
PHE CD2  C  Y N 277 
PHE CE1  C  Y N 278 
PHE CE2  C  Y N 279 
PHE CZ   C  Y N 280 
PHE OXT  O  N N 281 
PHE H    H  N N 282 
PHE H2   H  N N 283 
PHE HA   H  N N 284 
PHE HB2  H  N N 285 
PHE HB3  H  N N 286 
PHE HD1  H  N N 287 
PHE HD2  H  N N 288 
PHE HE1  H  N N 289 
PHE HE2  H  N N 290 
PHE HZ   H  N N 291 
PHE HXT  H  N N 292 
PRO N    N  N N 293 
PRO CA   C  N S 294 
PRO C    C  N N 295 
PRO O    O  N N 296 
PRO CB   C  N N 297 
PRO CG   C  N N 298 
PRO CD   C  N N 299 
PRO OXT  O  N N 300 
PRO H    H  N N 301 
PRO HA   H  N N 302 
PRO HB2  H  N N 303 
PRO HB3  H  N N 304 
PRO HG2  H  N N 305 
PRO HG3  H  N N 306 
PRO HD2  H  N N 307 
PRO HD3  H  N N 308 
PRO HXT  H  N N 309 
SER N    N  N N 310 
SER CA   C  N S 311 
SER C    C  N N 312 
SER O    O  N N 313 
SER CB   C  N N 314 
SER OG   O  N N 315 
SER OXT  O  N N 316 
SER H    H  N N 317 
SER H2   H  N N 318 
SER HA   H  N N 319 
SER HB2  H  N N 320 
SER HB3  H  N N 321 
SER HG   H  N N 322 
SER HXT  H  N N 323 
THR N    N  N N 324 
THR CA   C  N S 325 
THR C    C  N N 326 
THR O    O  N N 327 
THR CB   C  N R 328 
THR OG1  O  N N 329 
THR CG2  C  N N 330 
THR OXT  O  N N 331 
THR H    H  N N 332 
THR H2   H  N N 333 
THR HA   H  N N 334 
THR HB   H  N N 335 
THR HG1  H  N N 336 
THR HG21 H  N N 337 
THR HG22 H  N N 338 
THR HG23 H  N N 339 
THR HXT  H  N N 340 
TRP N    N  N N 341 
TRP CA   C  N S 342 
TRP C    C  N N 343 
TRP O    O  N N 344 
TRP CB   C  N N 345 
TRP CG   C  Y N 346 
TRP CD1  C  Y N 347 
TRP CD2  C  Y N 348 
TRP NE1  N  Y N 349 
TRP CE2  C  Y N 350 
TRP CE3  C  Y N 351 
TRP CZ2  C  Y N 352 
TRP CZ3  C  Y N 353 
TRP CH2  C  Y N 354 
TRP OXT  O  N N 355 
TRP H    H  N N 356 
TRP H2   H  N N 357 
TRP HA   H  N N 358 
TRP HB2  H  N N 359 
TRP HB3  H  N N 360 
TRP HD1  H  N N 361 
TRP HE1  H  N N 362 
TRP HE3  H  N N 363 
TRP HZ2  H  N N 364 
TRP HZ3  H  N N 365 
TRP HH2  H  N N 366 
TRP HXT  H  N N 367 
TYR N    N  N N 368 
TYR CA   C  N S 369 
TYR C    C  N N 370 
TYR O    O  N N 371 
TYR CB   C  N N 372 
TYR CG   C  Y N 373 
TYR CD1  C  Y N 374 
TYR CD2  C  Y N 375 
TYR CE1  C  Y N 376 
TYR CE2  C  Y N 377 
TYR CZ   C  Y N 378 
TYR OH   O  N N 379 
TYR OXT  O  N N 380 
TYR H    H  N N 381 
TYR H2   H  N N 382 
TYR HA   H  N N 383 
TYR HB2  H  N N 384 
TYR HB3  H  N N 385 
TYR HD1  H  N N 386 
TYR HD2  H  N N 387 
TYR HE1  H  N N 388 
TYR HE2  H  N N 389 
TYR HH   H  N N 390 
TYR HXT  H  N N 391 
VAL N    N  N N 392 
VAL CA   C  N S 393 
VAL C    C  N N 394 
VAL O    O  N N 395 
VAL CB   C  N N 396 
VAL CG1  C  N N 397 
VAL CG2  C  N N 398 
VAL OXT  O  N N 399 
VAL H    H  N N 400 
VAL H2   H  N N 401 
VAL HA   H  N N 402 
VAL HB   H  N N 403 
VAL HG11 H  N N 404 
VAL HG12 H  N N 405 
VAL HG13 H  N N 406 
VAL HG21 H  N N 407 
VAL HG22 H  N N 408 
VAL HG23 H  N N 409 
VAL HXT  H  N N 410 
# 
loop_
_chem_comp_bond.comp_id 
_chem_comp_bond.atom_id_1 
_chem_comp_bond.atom_id_2 
_chem_comp_bond.value_order 
_chem_comp_bond.pdbx_aromatic_flag 
_chem_comp_bond.pdbx_stereo_config 
_chem_comp_bond.pdbx_ordinal 
ALA N   CA   sing N N 1   
ALA N   H    sing N N 2   
ALA N   H2   sing N N 3   
ALA CA  C    sing N N 4   
ALA CA  CB   sing N N 5   
ALA CA  HA   sing N N 6   
ALA C   O    doub N N 7   
ALA C   OXT  sing N N 8   
ALA CB  HB1  sing N N 9   
ALA CB  HB2  sing N N 10  
ALA CB  HB3  sing N N 11  
ALA OXT HXT  sing N N 12  
ARG N   CA   sing N N 13  
ARG N   H    sing N N 14  
ARG N   H2   sing N N 15  
ARG CA  C    sing N N 16  
ARG CA  CB   sing N N 17  
ARG CA  HA   sing N N 18  
ARG C   O    doub N N 19  
ARG C   OXT  sing N N 20  
ARG CB  CG   sing N N 21  
ARG CB  HB2  sing N N 22  
ARG CB  HB3  sing N N 23  
ARG CG  CD   sing N N 24  
ARG CG  HG2  sing N N 25  
ARG CG  HG3  sing N N 26  
ARG CD  NE   sing N N 27  
ARG CD  HD2  sing N N 28  
ARG CD  HD3  sing N N 29  
ARG NE  CZ   sing N N 30  
ARG NE  HE   sing N N 31  
ARG CZ  NH1  sing N N 32  
ARG CZ  NH2  doub N N 33  
ARG NH1 HH11 sing N N 34  
ARG NH1 HH12 sing N N 35  
ARG NH2 HH21 sing N N 36  
ARG NH2 HH22 sing N N 37  
ARG OXT HXT  sing N N 38  
ASN N   CA   sing N N 39  
ASN N   H    sing N N 40  
ASN N   H2   sing N N 41  
ASN CA  C    sing N N 42  
ASN CA  CB   sing N N 43  
ASN CA  HA   sing N N 44  
ASN C   O    doub N N 45  
ASN C   OXT  sing N N 46  
ASN CB  CG   sing N N 47  
ASN CB  HB2  sing N N 48  
ASN CB  HB3  sing N N 49  
ASN CG  OD1  doub N N 50  
ASN CG  ND2  sing N N 51  
ASN ND2 HD21 sing N N 52  
ASN ND2 HD22 sing N N 53  
ASN OXT HXT  sing N N 54  
ASP N   CA   sing N N 55  
ASP N   H    sing N N 56  
ASP N   H2   sing N N 57  
ASP CA  C    sing N N 58  
ASP CA  CB   sing N N 59  
ASP CA  HA   sing N N 60  
ASP C   O    doub N N 61  
ASP C   OXT  sing N N 62  
ASP CB  CG   sing N N 63  
ASP CB  HB2  sing N N 64  
ASP CB  HB3  sing N N 65  
ASP CG  OD1  doub N N 66  
ASP CG  OD2  sing N N 67  
ASP OD2 HD2  sing N N 68  
ASP OXT HXT  sing N N 69  
CYS N   CA   sing N N 70  
CYS N   H    sing N N 71  
CYS N   H2   sing N N 72  
CYS CA  C    sing N N 73  
CYS CA  CB   sing N N 74  
CYS CA  HA   sing N N 75  
CYS C   O    doub N N 76  
CYS C   OXT  sing N N 77  
CYS CB  SG   sing N N 78  
CYS CB  HB2  sing N N 79  
CYS CB  HB3  sing N N 80  
CYS SG  HG   sing N N 81  
CYS OXT HXT  sing N N 82  
GLN N   CA   sing N N 83  
GLN N   H    sing N N 84  
GLN N   H2   sing N N 85  
GLN CA  C    sing N N 86  
GLN CA  CB   sing N N 87  
GLN CA  HA   sing N N 88  
GLN C   O    doub N N 89  
GLN C   OXT  sing N N 90  
GLN CB  CG   sing N N 91  
GLN CB  HB2  sing N N 92  
GLN CB  HB3  sing N N 93  
GLN CG  CD   sing N N 94  
GLN CG  HG2  sing N N 95  
GLN CG  HG3  sing N N 96  
GLN CD  OE1  doub N N 97  
GLN CD  NE2  sing N N 98  
GLN NE2 HE21 sing N N 99  
GLN NE2 HE22 sing N N 100 
GLN OXT HXT  sing N N 101 
GLU N   CA   sing N N 102 
GLU N   H    sing N N 103 
GLU N   H2   sing N N 104 
GLU CA  C    sing N N 105 
GLU CA  CB   sing N N 106 
GLU CA  HA   sing N N 107 
GLU C   O    doub N N 108 
GLU C   OXT  sing N N 109 
GLU CB  CG   sing N N 110 
GLU CB  HB2  sing N N 111 
GLU CB  HB3  sing N N 112 
GLU CG  CD   sing N N 113 
GLU CG  HG2  sing N N 114 
GLU CG  HG3  sing N N 115 
GLU CD  OE1  doub N N 116 
GLU CD  OE2  sing N N 117 
GLU OE2 HE2  sing N N 118 
GLU OXT HXT  sing N N 119 
GLY N   CA   sing N N 120 
GLY N   H    sing N N 121 
GLY N   H2   sing N N 122 
GLY CA  C    sing N N 123 
GLY CA  HA2  sing N N 124 
GLY CA  HA3  sing N N 125 
GLY C   O    doub N N 126 
GLY C   OXT  sing N N 127 
GLY OXT HXT  sing N N 128 
HIS N   CA   sing N N 129 
HIS N   H    sing N N 130 
HIS N   H2   sing N N 131 
HIS CA  C    sing N N 132 
HIS CA  CB   sing N N 133 
HIS CA  HA   sing N N 134 
HIS C   O    doub N N 135 
HIS C   OXT  sing N N 136 
HIS CB  CG   sing N N 137 
HIS CB  HB2  sing N N 138 
HIS CB  HB3  sing N N 139 
HIS CG  ND1  sing Y N 140 
HIS CG  CD2  doub Y N 141 
HIS ND1 CE1  doub Y N 142 
HIS ND1 HD1  sing N N 143 
HIS CD2 NE2  sing Y N 144 
HIS CD2 HD2  sing N N 145 
HIS CE1 NE2  sing Y N 146 
HIS CE1 HE1  sing N N 147 
HIS NE2 HE2  sing N N 148 
HIS OXT HXT  sing N N 149 
HOH O   H1   sing N N 150 
HOH O   H2   sing N N 151 
ILE N   CA   sing N N 152 
ILE N   H    sing N N 153 
ILE N   H2   sing N N 154 
ILE CA  C    sing N N 155 
ILE CA  CB   sing N N 156 
ILE CA  HA   sing N N 157 
ILE C   O    doub N N 158 
ILE C   OXT  sing N N 159 
ILE CB  CG1  sing N N 160 
ILE CB  CG2  sing N N 161 
ILE CB  HB   sing N N 162 
ILE CG1 CD1  sing N N 163 
ILE CG1 HG12 sing N N 164 
ILE CG1 HG13 sing N N 165 
ILE CG2 HG21 sing N N 166 
ILE CG2 HG22 sing N N 167 
ILE CG2 HG23 sing N N 168 
ILE CD1 HD11 sing N N 169 
ILE CD1 HD12 sing N N 170 
ILE CD1 HD13 sing N N 171 
ILE OXT HXT  sing N N 172 
LEU N   CA   sing N N 173 
LEU N   H    sing N N 174 
LEU N   H2   sing N N 175 
LEU CA  C    sing N N 176 
LEU CA  CB   sing N N 177 
LEU CA  HA   sing N N 178 
LEU C   O    doub N N 179 
LEU C   OXT  sing N N 180 
LEU CB  CG   sing N N 181 
LEU CB  HB2  sing N N 182 
LEU CB  HB3  sing N N 183 
LEU CG  CD1  sing N N 184 
LEU CG  CD2  sing N N 185 
LEU CG  HG   sing N N 186 
LEU CD1 HD11 sing N N 187 
LEU CD1 HD12 sing N N 188 
LEU CD1 HD13 sing N N 189 
LEU CD2 HD21 sing N N 190 
LEU CD2 HD22 sing N N 191 
LEU CD2 HD23 sing N N 192 
LEU OXT HXT  sing N N 193 
LYS N   CA   sing N N 194 
LYS N   H    sing N N 195 
LYS N   H2   sing N N 196 
LYS CA  C    sing N N 197 
LYS CA  CB   sing N N 198 
LYS CA  HA   sing N N 199 
LYS C   O    doub N N 200 
LYS C   OXT  sing N N 201 
LYS CB  CG   sing N N 202 
LYS CB  HB2  sing N N 203 
LYS CB  HB3  sing N N 204 
LYS CG  CD   sing N N 205 
LYS CG  HG2  sing N N 206 
LYS CG  HG3  sing N N 207 
LYS CD  CE   sing N N 208 
LYS CD  HD2  sing N N 209 
LYS CD  HD3  sing N N 210 
LYS CE  NZ   sing N N 211 
LYS CE  HE2  sing N N 212 
LYS CE  HE3  sing N N 213 
LYS NZ  HZ1  sing N N 214 
LYS NZ  HZ2  sing N N 215 
LYS NZ  HZ3  sing N N 216 
LYS OXT HXT  sing N N 217 
MET N   CA   sing N N 218 
MET N   H    sing N N 219 
MET N   H2   sing N N 220 
MET CA  C    sing N N 221 
MET CA  CB   sing N N 222 
MET CA  HA   sing N N 223 
MET C   O    doub N N 224 
MET C   OXT  sing N N 225 
MET CB  CG   sing N N 226 
MET CB  HB2  sing N N 227 
MET CB  HB3  sing N N 228 
MET CG  SD   sing N N 229 
MET CG  HG2  sing N N 230 
MET CG  HG3  sing N N 231 
MET SD  CE   sing N N 232 
MET CE  HE1  sing N N 233 
MET CE  HE2  sing N N 234 
MET CE  HE3  sing N N 235 
MET OXT HXT  sing N N 236 
MSE N   CA   sing N N 237 
MSE N   H    sing N N 238 
MSE N   H2   sing N N 239 
MSE CA  C    sing N N 240 
MSE CA  CB   sing N N 241 
MSE CA  HA   sing N N 242 
MSE C   O    doub N N 243 
MSE C   OXT  sing N N 244 
MSE OXT HXT  sing N N 245 
MSE CB  CG   sing N N 246 
MSE CB  HB2  sing N N 247 
MSE CB  HB3  sing N N 248 
MSE CG  SE   sing N N 249 
MSE CG  HG2  sing N N 250 
MSE CG  HG3  sing N N 251 
MSE SE  CE   sing N N 252 
MSE CE  HE1  sing N N 253 
MSE CE  HE2  sing N N 254 
MSE CE  HE3  sing N N 255 
PHE N   CA   sing N N 256 
PHE N   H    sing N N 257 
PHE N   H2   sing N N 258 
PHE CA  C    sing N N 259 
PHE CA  CB   sing N N 260 
PHE CA  HA   sing N N 261 
PHE C   O    doub N N 262 
PHE C   OXT  sing N N 263 
PHE CB  CG   sing N N 264 
PHE CB  HB2  sing N N 265 
PHE CB  HB3  sing N N 266 
PHE CG  CD1  doub Y N 267 
PHE CG  CD2  sing Y N 268 
PHE CD1 CE1  sing Y N 269 
PHE CD1 HD1  sing N N 270 
PHE CD2 CE2  doub Y N 271 
PHE CD2 HD2  sing N N 272 
PHE CE1 CZ   doub Y N 273 
PHE CE1 HE1  sing N N 274 
PHE CE2 CZ   sing Y N 275 
PHE CE2 HE2  sing N N 276 
PHE CZ  HZ   sing N N 277 
PHE OXT HXT  sing N N 278 
PRO N   CA   sing N N 279 
PRO N   CD   sing N N 280 
PRO N   H    sing N N 281 
PRO CA  C    sing N N 282 
PRO CA  CB   sing N N 283 
PRO CA  HA   sing N N 284 
PRO C   O    doub N N 285 
PRO C   OXT  sing N N 286 
PRO CB  CG   sing N N 287 
PRO CB  HB2  sing N N 288 
PRO CB  HB3  sing N N 289 
PRO CG  CD   sing N N 290 
PRO CG  HG2  sing N N 291 
PRO CG  HG3  sing N N 292 
PRO CD  HD2  sing N N 293 
PRO CD  HD3  sing N N 294 
PRO OXT HXT  sing N N 295 
SER N   CA   sing N N 296 
SER N   H    sing N N 297 
SER N   H2   sing N N 298 
SER CA  C    sing N N 299 
SER CA  CB   sing N N 300 
SER CA  HA   sing N N 301 
SER C   O    doub N N 302 
SER C   OXT  sing N N 303 
SER CB  OG   sing N N 304 
SER CB  HB2  sing N N 305 
SER CB  HB3  sing N N 306 
SER OG  HG   sing N N 307 
SER OXT HXT  sing N N 308 
THR N   CA   sing N N 309 
THR N   H    sing N N 310 
THR N   H2   sing N N 311 
THR CA  C    sing N N 312 
THR CA  CB   sing N N 313 
THR CA  HA   sing N N 314 
THR C   O    doub N N 315 
THR C   OXT  sing N N 316 
THR CB  OG1  sing N N 317 
THR CB  CG2  sing N N 318 
THR CB  HB   sing N N 319 
THR OG1 HG1  sing N N 320 
THR CG2 HG21 sing N N 321 
THR CG2 HG22 sing N N 322 
THR CG2 HG23 sing N N 323 
THR OXT HXT  sing N N 324 
TRP N   CA   sing N N 325 
TRP N   H    sing N N 326 
TRP N   H2   sing N N 327 
TRP CA  C    sing N N 328 
TRP CA  CB   sing N N 329 
TRP CA  HA   sing N N 330 
TRP C   O    doub N N 331 
TRP C   OXT  sing N N 332 
TRP CB  CG   sing N N 333 
TRP CB  HB2  sing N N 334 
TRP CB  HB3  sing N N 335 
TRP CG  CD1  doub Y N 336 
TRP CG  CD2  sing Y N 337 
TRP CD1 NE1  sing Y N 338 
TRP CD1 HD1  sing N N 339 
TRP CD2 CE2  doub Y N 340 
TRP CD2 CE3  sing Y N 341 
TRP NE1 CE2  sing Y N 342 
TRP NE1 HE1  sing N N 343 
TRP CE2 CZ2  sing Y N 344 
TRP CE3 CZ3  doub Y N 345 
TRP CE3 HE3  sing N N 346 
TRP CZ2 CH2  doub Y N 347 
TRP CZ2 HZ2  sing N N 348 
TRP CZ3 CH2  sing Y N 349 
TRP CZ3 HZ3  sing N N 350 
TRP CH2 HH2  sing N N 351 
TRP OXT HXT  sing N N 352 
TYR N   CA   sing N N 353 
TYR N   H    sing N N 354 
TYR N   H2   sing N N 355 
TYR CA  C    sing N N 356 
TYR CA  CB   sing N N 357 
TYR CA  HA   sing N N 358 
TYR C   O    doub N N 359 
TYR C   OXT  sing N N 360 
TYR CB  CG   sing N N 361 
TYR CB  HB2  sing N N 362 
TYR CB  HB3  sing N N 363 
TYR CG  CD1  doub Y N 364 
TYR CG  CD2  sing Y N 365 
TYR CD1 CE1  sing Y N 366 
TYR CD1 HD1  sing N N 367 
TYR CD2 CE2  doub Y N 368 
TYR CD2 HD2  sing N N 369 
TYR CE1 CZ   doub Y N 370 
TYR CE1 HE1  sing N N 371 
TYR CE2 CZ   sing Y N 372 
TYR CE2 HE2  sing N N 373 
TYR CZ  OH   sing N N 374 
TYR OH  HH   sing N N 375 
TYR OXT HXT  sing N N 376 
VAL N   CA   sing N N 377 
VAL N   H    sing N N 378 
VAL N   H2   sing N N 379 
VAL CA  C    sing N N 380 
VAL CA  CB   sing N N 381 
VAL CA  HA   sing N N 382 
VAL C   O    doub N N 383 
VAL C   OXT  sing N N 384 
VAL CB  CG1  sing N N 385 
VAL CB  CG2  sing N N 386 
VAL CB  HB   sing N N 387 
VAL CG1 HG11 sing N N 388 
VAL CG1 HG12 sing N N 389 
VAL CG1 HG13 sing N N 390 
VAL CG2 HG21 sing N N 391 
VAL CG2 HG22 sing N N 392 
VAL CG2 HG23 sing N N 393 
VAL OXT HXT  sing N N 394 
# 
_atom_sites.entry_id                    2CVB 
_atom_sites.fract_transf_matrix[1][1]   -0.00227617 
_atom_sites.fract_transf_matrix[1][2]   -0.01193356 
_atom_sites.fract_transf_matrix[1][3]   -0.00615741 
_atom_sites.fract_transf_matrix[2][1]   0.01339181 
_atom_sites.fract_transf_matrix[2][2]   -0.00155620 
_atom_sites.fract_transf_matrix[2][3]   -0.00193443 
_atom_sites.fract_transf_matrix[3][1]   0.00075110 
_atom_sites.fract_transf_matrix[3][2]   -0.00483184 
_atom_sites.fract_transf_matrix[3][3]   0.00908685 
_atom_sites.fract_transf_vector[1]      0.274782 
_atom_sites.fract_transf_vector[2]      0.139238 
_atom_sites.fract_transf_vector[3]      0.180936 
# 
loop_
_atom_type.symbol 
C  
N  
O  
S  
SE 
# 
loop_
_atom_site.group_PDB 
_atom_site.id 
_atom_site.type_symbol 
_atom_site.label_atom_id 
_atom_site.label_alt_id 
_atom_site.label_comp_id 
_atom_site.label_asym_id 
_atom_site.label_entity_id 
_atom_site.label_seq_id 
_atom_site.pdbx_PDB_ins_code 
_atom_site.Cartn_x 
_atom_site.Cartn_y 
_atom_site.Cartn_z 
_atom_site.occupancy 
_atom_site.B_iso_or_equiv 
_atom_site.pdbx_formal_charge 
_atom_site.auth_seq_id 
_atom_site.auth_comp_id 
_atom_site.auth_asym_id 
_atom_site.auth_atom_id 
_atom_site.pdbx_PDB_model_num 
ATOM   1    N  N   . LEU A 1 2   ? 8.429   -20.925 -11.944 1.00 34.89 ? 2   LEU A N   1 
ATOM   2    C  CA  . LEU A 1 2   ? 7.602   -19.908 -11.226 1.00 34.30 ? 2   LEU A CA  1 
ATOM   3    C  C   . LEU A 1 2   ? 8.500   -18.916 -10.490 1.00 34.04 ? 2   LEU A C   1 
ATOM   4    O  O   . LEU A 1 2   ? 9.322   -19.311 -9.662  1.00 33.73 ? 2   LEU A O   1 
ATOM   5    C  CB  . LEU A 1 2   ? 6.664   -20.595 -10.230 1.00 36.84 ? 2   LEU A CB  1 
ATOM   6    C  CG  . LEU A 1 2   ? 5.708   -19.689 -9.449  1.00 37.33 ? 2   LEU A CG  1 
ATOM   7    C  CD1 . LEU A 1 2   ? 4.713   -19.047 -10.403 1.00 38.46 ? 2   LEU A CD1 1 
ATOM   8    C  CD2 . LEU A 1 2   ? 4.978   -20.493 -8.384  1.00 38.36 ? 2   LEU A CD2 1 
ATOM   9    N  N   . GLN A 1 3   ? 8.339   -17.630 -10.796 1.00 31.49 ? 3   GLN A N   1 
ATOM   10   C  CA  . GLN A 1 3   ? 9.139   -16.582 -10.165 1.00 31.26 ? 3   GLN A CA  1 
ATOM   11   C  C   . GLN A 1 3   ? 8.310   -15.356 -9.791  1.00 29.54 ? 3   GLN A C   1 
ATOM   12   O  O   . GLN A 1 3   ? 7.486   -14.886 -10.575 1.00 27.55 ? 3   GLN A O   1 
ATOM   13   C  CB  . GLN A 1 3   ? 10.284  -16.145 -11.084 1.00 33.48 ? 3   GLN A CB  1 
ATOM   14   C  CG  . GLN A 1 3   ? 11.364  -17.193 -11.317 1.00 38.79 ? 3   GLN A CG  1 
ATOM   15   C  CD  . GLN A 1 3   ? 12.464  -16.694 -12.237 1.00 41.94 ? 3   GLN A CD  1 
ATOM   16   O  OE1 . GLN A 1 3   ? 12.704  -17.264 -13.303 1.00 45.33 ? 3   GLN A OE1 1 
ATOM   17   N  NE2 . GLN A 1 3   ? 13.138  -15.623 -11.830 1.00 44.46 ? 3   GLN A NE2 1 
ATOM   18   N  N   . TYR A 1 4   ? 8.553   -14.844 -8.587  1.00 28.92 ? 4   TYR A N   1 
ATOM   19   C  CA  . TYR A 1 4   ? 7.869   -13.660 -8.062  1.00 28.02 ? 4   TYR A CA  1 
ATOM   20   C  C   . TYR A 1 4   ? 6.342   -13.775 -8.018  1.00 28.17 ? 4   TYR A C   1 
ATOM   21   O  O   . TYR A 1 4   ? 5.630   -12.887 -8.498  1.00 27.58 ? 4   TYR A O   1 
ATOM   22   C  CB  . TYR A 1 4   ? 8.281   -12.419 -8.866  1.00 26.10 ? 4   TYR A CB  1 
ATOM   23   C  CG  . TYR A 1 4   ? 8.250   -11.111 -8.094  1.00 26.15 ? 4   TYR A CG  1 
ATOM   24   C  CD1 . TYR A 1 4   ? 7.221   -10.188 -8.285  1.00 24.75 ? 4   TYR A CD1 1 
ATOM   25   C  CD2 . TYR A 1 4   ? 9.283   -10.773 -7.216  1.00 25.32 ? 4   TYR A CD2 1 
ATOM   26   C  CE1 . TYR A 1 4   ? 7.224   -8.955  -7.629  1.00 23.07 ? 4   TYR A CE1 1 
ATOM   27   C  CE2 . TYR A 1 4   ? 9.295   -9.543  -6.553  1.00 25.13 ? 4   TYR A CE2 1 
ATOM   28   C  CZ  . TYR A 1 4   ? 8.262   -8.639  -6.768  1.00 25.44 ? 4   TYR A CZ  1 
ATOM   29   O  OH  . TYR A 1 4   ? 8.278   -7.414  -6.139  1.00 23.61 ? 4   TYR A OH  1 
ATOM   30   N  N   . PRO A 1 5   ? 5.815   -14.879 -7.457  1.00 28.17 ? 5   PRO A N   1 
ATOM   31   C  CA  . PRO A 1 5   ? 4.358   -15.030 -7.384  1.00 28.38 ? 5   PRO A CA  1 
ATOM   32   C  C   . PRO A 1 5   ? 3.831   -14.098 -6.296  1.00 27.45 ? 5   PRO A C   1 
ATOM   33   O  O   . PRO A 1 5   ? 4.544   -13.801 -5.338  1.00 26.98 ? 5   PRO A O   1 
ATOM   34   C  CB  . PRO A 1 5   ? 4.195   -16.495 -6.985  1.00 29.04 ? 5   PRO A CB  1 
ATOM   35   C  CG  . PRO A 1 5   ? 5.380   -16.721 -6.094  1.00 28.84 ? 5   PRO A CG  1 
ATOM   36   C  CD  . PRO A 1 5   ? 6.494   -16.044 -6.856  1.00 28.64 ? 5   PRO A CD  1 
ATOM   37   N  N   . GLU A 1 6   ? 2.600   -13.622 -6.441  1.00 26.85 ? 6   GLU A N   1 
ATOM   38   C  CA  . GLU A 1 6   ? 2.042   -12.730 -5.434  1.00 26.41 ? 6   GLU A CA  1 
ATOM   39   C  C   . GLU A 1 6   ? 1.895   -13.448 -4.094  1.00 26.21 ? 6   GLU A C   1 
ATOM   40   O  O   . GLU A 1 6   ? 1.813   -14.683 -4.031  1.00 25.10 ? 6   GLU A O   1 
ATOM   41   C  CB  . GLU A 1 6   ? 0.683   -12.174 -5.878  1.00 27.41 ? 6   GLU A CB  1 
ATOM   42   C  CG  . GLU A 1 6   ? -0.444  -13.195 -5.850  1.00 28.74 ? 6   GLU A CG  1 
ATOM   43   C  CD  . GLU A 1 6   ? -1.816  -12.595 -6.109  1.00 29.43 ? 6   GLU A CD  1 
ATOM   44   O  OE1 . GLU A 1 6   ? -2.783  -13.382 -6.183  1.00 29.19 ? 6   GLU A OE1 1 
ATOM   45   O  OE2 . GLU A 1 6   ? -1.938  -11.354 -6.233  1.00 29.88 ? 6   GLU A OE2 1 
ATOM   46   N  N   . LEU A 1 7   ? 1.894   -12.660 -3.026  1.00 24.65 ? 7   LEU A N   1 
ATOM   47   C  CA  . LEU A 1 7   ? 1.742   -13.173 -1.672  1.00 26.21 ? 7   LEU A CA  1 
ATOM   48   C  C   . LEU A 1 7   ? 0.317   -13.732 -1.585  1.00 26.60 ? 7   LEU A C   1 
ATOM   49   O  O   . LEU A 1 7   ? -0.654  -13.016 -1.834  1.00 27.81 ? 7   LEU A O   1 
ATOM   50   C  CB  . LEU A 1 7   ? 1.936   -12.017 -0.686  1.00 26.91 ? 7   LEU A CB  1 
ATOM   51   C  CG  . LEU A 1 7   ? 2.450   -12.272 0.730   1.00 29.36 ? 7   LEU A CG  1 
ATOM   52   C  CD1 . LEU A 1 7   ? 3.838   -12.900 0.681   1.00 30.12 ? 7   LEU A CD1 1 
ATOM   53   C  CD2 . LEU A 1 7   ? 2.501   -10.949 1.485   1.00 29.65 ? 7   LEU A CD2 1 
ATOM   54   N  N   . PRO A 1 8   ? 0.174   -15.031 -1.275  1.00 25.94 ? 8   PRO A N   1 
ATOM   55   C  CA  . PRO A 1 8   ? -1.158  -15.637 -1.181  1.00 25.39 ? 8   PRO A CA  1 
ATOM   56   C  C   . PRO A 1 8   ? -1.937  -15.222 0.063   1.00 23.06 ? 8   PRO A C   1 
ATOM   57   O  O   . PRO A 1 8   ? -1.353  -14.819 1.067   1.00 21.59 ? 8   PRO A O   1 
ATOM   58   C  CB  . PRO A 1 8   ? -0.843  -17.133 -1.168  1.00 27.13 ? 8   PRO A CB  1 
ATOM   59   C  CG  . PRO A 1 8   ? 0.458   -17.185 -0.419  1.00 28.31 ? 8   PRO A CG  1 
ATOM   60   C  CD  . PRO A 1 8   ? 1.232   -16.029 -1.027  1.00 28.13 ? 8   PRO A CD  1 
ATOM   61   N  N   . LEU A 1 9   ? -3.261  -15.306 -0.014  1.00 24.94 ? 9   LEU A N   1 
ATOM   62   C  CA  . LEU A 1 9   ? -4.098  -14.961 1.127   1.00 24.66 ? 9   LEU A CA  1 
ATOM   63   C  C   . LEU A 1 9   ? -3.741  -15.885 2.285   1.00 25.44 ? 9   LEU A C   1 
ATOM   64   O  O   . LEU A 1 9   ? -3.280  -17.010 2.076   1.00 24.99 ? 9   LEU A O   1 
ATOM   65   C  CB  . LEU A 1 9   ? -5.586  -15.071 0.777   1.00 24.03 ? 9   LEU A CB  1 
ATOM   66   C  CG  . LEU A 1 9   ? -6.117  -14.030 -0.213  1.00 25.26 ? 9   LEU A CG  1 
ATOM   67   C  CD1 . LEU A 1 9   ? -7.615  -14.202 -0.394  1.00 25.00 ? 9   LEU A CD1 1 
ATOM   68   C  CD2 . LEU A 1 9   ? -5.796  -12.624 0.284   1.00 24.55 ? 9   LEU A CD2 1 
ATOM   69   N  N   . GLU A 1 10  ? -3.916  -15.372 3.500   1.00 25.06 ? 10  GLU A N   1 
ATOM   70   C  CA  . GLU A 1 10  ? -3.612  -16.080 4.739   1.00 26.98 ? 10  GLU A CA  1 
ATOM   71   C  C   . GLU A 1 10  ? -2.118  -16.113 5.063   1.00 27.09 ? 10  GLU A C   1 
ATOM   72   O  O   . GLU A 1 10  ? -1.708  -16.689 6.070   1.00 27.88 ? 10  GLU A O   1 
ATOM   73   C  CB  . GLU A 1 10  ? -4.213  -17.495 4.754   1.00 28.51 ? 10  GLU A CB  1 
ATOM   74   C  CG  . GLU A 1 10  ? -5.744  -17.530 4.772   1.00 31.47 ? 10  GLU A CG  1 
ATOM   75   C  CD  . GLU A 1 10  ? -6.360  -16.801 5.966   1.00 33.63 ? 10  GLU A CD  1 
ATOM   76   O  OE1 . GLU A 1 10  ? -5.736  -16.756 7.049   1.00 34.69 ? 10  GLU A OE1 1 
ATOM   77   O  OE2 . GLU A 1 10  ? -7.485  -16.278 5.823   1.00 35.64 ? 10  GLU A OE2 1 
ATOM   78   N  N   . SER A 1 11  ? -1.303  -15.485 4.216   1.00 27.79 ? 11  SER A N   1 
ATOM   79   C  CA  . SER A 1 11  ? 0.134   -15.435 4.466   1.00 28.62 ? 11  SER A CA  1 
ATOM   80   C  C   . SER A 1 11  ? 0.377   -14.458 5.620   1.00 28.60 ? 11  SER A C   1 
ATOM   81   O  O   . SER A 1 11  ? -0.324  -13.447 5.755   1.00 27.24 ? 11  SER A O   1 
ATOM   82   C  CB  . SER A 1 11  ? 0.899   -14.988 3.216   1.00 30.49 ? 11  SER A CB  1 
ATOM   83   O  OG  . SER A 1 11  ? 0.540   -13.673 2.840   1.00 35.18 ? 11  SER A OG  1 
ATOM   84   N  N   . PRO A 1 12  ? 1.341   -14.773 6.495   1.00 27.40 ? 12  PRO A N   1 
ATOM   85   C  CA  . PRO A 1 12  ? 1.651   -13.908 7.637   1.00 27.33 ? 12  PRO A CA  1 
ATOM   86   C  C   . PRO A 1 12  ? 2.270   -12.584 7.212   1.00 26.71 ? 12  PRO A C   1 
ATOM   87   O  O   . PRO A 1 12  ? 2.897   -12.490 6.153   1.00 27.96 ? 12  PRO A O   1 
ATOM   88   C  CB  . PRO A 1 12  ? 2.655   -14.744 8.437   1.00 27.86 ? 12  PRO A CB  1 
ATOM   89   C  CG  . PRO A 1 12  ? 2.333   -16.158 8.043   1.00 29.12 ? 12  PRO A CG  1 
ATOM   90   C  CD  . PRO A 1 12  ? 2.112   -16.026 6.566   1.00 28.32 ? 12  PRO A CD  1 
ATOM   91   N  N   . LEU A 1 13  ? 2.079   -11.564 8.042   1.00 25.50 ? 13  LEU A N   1 
ATOM   92   C  CA  . LEU A 1 13  ? 2.634   -10.240 7.789   1.00 24.96 ? 13  LEU A CA  1 
ATOM   93   C  C   . LEU A 1 13  ? 4.153   -10.334 7.703   1.00 25.59 ? 13  LEU A C   1 
ATOM   94   O  O   . LEU A 1 13  ? 4.785   -11.018 8.507   1.00 23.92 ? 13  LEU A O   1 
ATOM   95   C  CB  . LEU A 1 13  ? 2.270   -9.286  8.934   1.00 23.66 ? 13  LEU A CB  1 
ATOM   96   C  CG  . LEU A 1 13  ? 2.987   -7.930  8.961   1.00 23.06 ? 13  LEU A CG  1 
ATOM   97   C  CD1 . LEU A 1 13  ? 2.431   -7.019  7.867   1.00 22.00 ? 13  LEU A CD1 1 
ATOM   98   C  CD2 . LEU A 1 13  ? 2.825   -7.278  10.324  1.00 23.29 ? 13  LEU A CD2 1 
ATOM   99   N  N   . ILE A 1 14  ? 4.725   -9.686  6.694   1.00 25.49 ? 14  ILE A N   1 
ATOM   100  C  CA  . ILE A 1 14  ? 6.171   -9.663  6.526   1.00 25.80 ? 14  ILE A CA  1 
ATOM   101  C  C   . ILE A 1 14  ? 6.619   -8.373  7.197   1.00 25.85 ? 14  ILE A C   1 
ATOM   102  O  O   . ILE A 1 14  ? 6.307   -7.275  6.731   1.00 25.41 ? 14  ILE A O   1 
ATOM   103  C  CB  . ILE A 1 14  ? 6.565   -9.670  5.038   1.00 26.59 ? 14  ILE A CB  1 
ATOM   104  C  CG1 . ILE A 1 14  ? 6.029   -10.942 4.377   1.00 27.90 ? 14  ILE A CG1 1 
ATOM   105  C  CG2 . ILE A 1 14  ? 8.083   -9.575  4.891   1.00 27.96 ? 14  ILE A CG2 1 
ATOM   106  C  CD1 . ILE A 1 14  ? 6.205   -10.983 2.875   1.00 30.29 ? 14  ILE A CD1 1 
ATOM   107  N  N   . ASP A 1 15  ? 7.309   -8.508  8.323   1.00 25.00 ? 15  ASP A N   1 
ATOM   108  C  CA  . ASP A 1 15  ? 7.756   -7.343  9.070   1.00 26.51 ? 15  ASP A CA  1 
ATOM   109  C  C   . ASP A 1 15  ? 8.825   -6.533  8.347   1.00 25.97 ? 15  ASP A C   1 
ATOM   110  O  O   . ASP A 1 15  ? 9.547   -7.046  7.488   1.00 25.59 ? 15  ASP A O   1 
ATOM   111  C  CB  . ASP A 1 15  ? 8.243   -7.757  10.465  1.00 27.91 ? 15  ASP A CB  1 
ATOM   112  C  CG  . ASP A 1 15  ? 8.166   -6.618  11.482  1.00 29.89 ? 15  ASP A CG  1 
ATOM   113  O  OD1 . ASP A 1 15  ? 8.730   -6.778  12.586  1.00 30.24 ? 15  ASP A OD1 1 
ATOM   114  O  OD2 . ASP A 1 15  ? 7.544   -5.571  11.194  1.00 28.35 ? 15  ASP A OD2 1 
ATOM   115  N  N   . ALA A 1 16  ? 8.889   -5.252  8.693   1.00 24.99 ? 16  ALA A N   1 
ATOM   116  C  CA  . ALA A 1 16  ? 9.845   -4.324  8.119   1.00 25.23 ? 16  ALA A CA  1 
ATOM   117  C  C   . ALA A 1 16  ? 9.945   -3.104  9.020   1.00 25.36 ? 16  ALA A C   1 
ATOM   118  O  O   . ALA A 1 16  ? 8.988   -2.736  9.701   1.00 25.38 ? 16  ALA A O   1 
ATOM   119  C  CB  . ALA A 1 16  ? 9.402   -3.904  6.715   1.00 24.98 ? 16  ALA A CB  1 
ATOM   120  N  N   . GLU A 1 17  ? 11.129  -2.512  9.059   1.00 24.85 ? 17  GLU A N   1 
ATOM   121  C  CA  . GLU A 1 17  ? 11.357  -1.325  9.862   1.00 24.78 ? 17  GLU A CA  1 
ATOM   122  C  C   . GLU A 1 17  ? 11.967  -0.325  8.899   1.00 23.67 ? 17  GLU A C   1 
ATOM   123  O  O   . GLU A 1 17  ? 13.024  -0.580  8.321   1.00 23.16 ? 17  GLU A O   1 
ATOM   124  C  CB  . GLU A 1 17  ? 12.301  -1.633  11.025  1.00 28.73 ? 17  GLU A CB  1 
ATOM   125  C  CG  . GLU A 1 17  ? 12.300  -0.569  12.113  1.00 32.57 ? 17  GLU A CG  1 
ATOM   126  C  CD  . GLU A 1 17  ? 13.617  0.171   12.219  1.00 36.43 ? 17  GLU A CD  1 
ATOM   127  O  OE1 . GLU A 1 17  ? 13.806  0.891   13.221  1.00 38.76 ? 17  GLU A OE1 1 
ATOM   128  O  OE2 . GLU A 1 17  ? 14.465  0.035   11.310  1.00 38.60 ? 17  GLU A OE2 1 
ATOM   129  N  N   . LEU A 1 18  ? 11.269  0.786   8.695   1.00 21.90 ? 18  LEU A N   1 
ATOM   130  C  CA  . LEU A 1 18  ? 11.701  1.811   7.754   1.00 20.97 ? 18  LEU A CA  1 
ATOM   131  C  C   . LEU A 1 18  ? 11.522  3.219   8.306   1.00 20.15 ? 18  LEU A C   1 
ATOM   132  O  O   . LEU A 1 18  ? 10.737  3.443   9.227   1.00 20.51 ? 18  LEU A O   1 
ATOM   133  C  CB  . LEU A 1 18  ? 10.884  1.683   6.461   1.00 19.20 ? 18  LEU A CB  1 
ATOM   134  C  CG  . LEU A 1 18  ? 10.871  0.339   5.732   1.00 20.51 ? 18  LEU A CG  1 
ATOM   135  C  CD1 . LEU A 1 18  ? 9.708   0.301   4.739   1.00 20.64 ? 18  LEU A CD1 1 
ATOM   136  C  CD2 . LEU A 1 18  ? 12.202  0.108   5.029   1.00 20.83 ? 18  LEU A CD2 1 
ATOM   137  N  N   . PRO A 1 19  ? 12.246  4.194   7.734   1.00 19.99 ? 19  PRO A N   1 
ATOM   138  C  CA  . PRO A 1 19  ? 12.160  5.590   8.169   1.00 20.80 ? 19  PRO A CA  1 
ATOM   139  C  C   . PRO A 1 19  ? 11.076  6.396   7.447   1.00 20.74 ? 19  PRO A C   1 
ATOM   140  O  O   . PRO A 1 19  ? 10.734  6.110   6.296   1.00 20.55 ? 19  PRO A O   1 
ATOM   141  C  CB  . PRO A 1 19  ? 13.542  6.127   7.818   1.00 21.71 ? 19  PRO A CB  1 
ATOM   142  C  CG  . PRO A 1 19  ? 13.823  5.424   6.511   1.00 21.93 ? 19  PRO A CG  1 
ATOM   143  C  CD  . PRO A 1 19  ? 13.370  4.002   6.796   1.00 20.75 ? 19  PRO A CD  1 
ATOM   144  N  N   . ASP A 1 20  ? 10.517  7.374   8.154   1.00 20.97 ? 20  ASP A N   1 
ATOM   145  C  CA  . ASP A 1 20  ? 9.519   8.288   7.601   1.00 21.12 ? 20  ASP A CA  1 
ATOM   146  C  C   . ASP A 1 20  ? 10.345  9.566   7.429   1.00 21.92 ? 20  ASP A C   1 
ATOM   147  O  O   . ASP A 1 20  ? 10.962  10.038  8.387   1.00 22.74 ? 20  ASP A O   1 
ATOM   148  C  CB  . ASP A 1 20  ? 8.377   8.523   8.608   1.00 21.23 ? 20  ASP A CB  1 
ATOM   149  C  CG  . ASP A 1 20  ? 7.248   9.400   8.046   1.00 22.23 ? 20  ASP A CG  1 
ATOM   150  O  OD1 . ASP A 1 20  ? 6.060   9.036   8.212   1.00 20.61 ? 20  ASP A OD1 1 
ATOM   151  O  OD2 . ASP A 1 20  ? 7.531   10.461  7.453   1.00 20.78 ? 20  ASP A OD2 1 
ATOM   152  N  N   . PRO A 1 21  ? 10.408  10.114  6.203   1.00 22.76 ? 21  PRO A N   1 
ATOM   153  C  CA  . PRO A 1 21  ? 11.169  11.336  5.908   1.00 23.86 ? 21  PRO A CA  1 
ATOM   154  C  C   . PRO A 1 21  ? 10.856  12.521  6.822   1.00 24.58 ? 21  PRO A C   1 
ATOM   155  O  O   . PRO A 1 21  ? 11.681  13.421  6.986   1.00 25.10 ? 21  PRO A O   1 
ATOM   156  C  CB  . PRO A 1 21  ? 10.790  11.627  4.457   1.00 23.66 ? 21  PRO A CB  1 
ATOM   157  C  CG  . PRO A 1 21  ? 10.610  10.250  3.891   1.00 26.11 ? 21  PRO A CG  1 
ATOM   158  C  CD  . PRO A 1 21  ? 9.812   9.564   4.971   1.00 23.23 ? 21  PRO A CD  1 
ATOM   159  N  N   . ARG A 1 22  ? 9.662   12.521  7.408   1.00 23.46 ? 22  ARG A N   1 
ATOM   160  C  CA  . ARG A 1 22  ? 9.248   13.588  8.313   1.00 24.84 ? 22  ARG A CA  1 
ATOM   161  C  C   . ARG A 1 22  ? 9.890   13.425  9.687   1.00 25.25 ? 22  ARG A C   1 
ATOM   162  O  O   . ARG A 1 22  ? 9.898   14.360  10.489  1.00 25.82 ? 22  ARG A O   1 
ATOM   163  C  CB  . ARG A 1 22  ? 7.727   13.606  8.451   1.00 23.58 ? 22  ARG A CB  1 
ATOM   164  C  CG  . ARG A 1 22  ? 7.009   14.015  7.184   1.00 22.57 ? 22  ARG A CG  1 
ATOM   165  C  CD  . ARG A 1 22  ? 5.518   13.789  7.312   1.00 22.26 ? 22  ARG A CD  1 
ATOM   166  N  NE  . ARG A 1 22  ? 5.183   12.370  7.396   1.00 20.64 ? 22  ARG A NE  1 
ATOM   167  C  CZ  . ARG A 1 22  ? 3.947   11.910  7.567   1.00 20.91 ? 22  ARG A CZ  1 
ATOM   168  N  NH1 . ARG A 1 22  ? 2.939   12.765  7.681   1.00 18.64 ? 22  ARG A NH1 1 
ATOM   169  N  NH2 . ARG A 1 22  ? 3.713   10.604  7.594   1.00 16.55 ? 22  ARG A NH2 1 
ATOM   170  N  N   . GLY A 1 23  ? 10.413  12.230  9.950   1.00 25.38 ? 23  GLY A N   1 
ATOM   171  C  CA  . GLY A 1 23  ? 11.056  11.953  11.219  1.00 27.79 ? 23  GLY A CA  1 
ATOM   172  C  C   . GLY A 1 23  ? 10.653  10.624  11.828  1.00 28.93 ? 23  GLY A C   1 
ATOM   173  O  O   . GLY A 1 23  ? 9.504   10.189  11.704  1.00 29.62 ? 23  GLY A O   1 
ATOM   174  N  N   . GLY A 1 24  ? 11.616  9.967   12.473  1.00 29.08 ? 24  GLY A N   1 
ATOM   175  C  CA  . GLY A 1 24  ? 11.361  8.692   13.119  1.00 28.63 ? 24  GLY A CA  1 
ATOM   176  C  C   . GLY A 1 24  ? 11.387  7.468   12.224  1.00 28.02 ? 24  GLY A C   1 
ATOM   177  O  O   . GLY A 1 24  ? 11.471  7.573   10.999  1.00 28.10 ? 24  GLY A O   1 
ATOM   178  N  N   . ARG A 1 25  ? 11.353  6.299   12.858  1.00 27.33 ? 25  ARG A N   1 
ATOM   179  C  CA  . ARG A 1 25  ? 11.354  5.020   12.162  1.00 27.77 ? 25  ARG A CA  1 
ATOM   180  C  C   . ARG A 1 25  ? 10.173  4.205   12.673  1.00 27.20 ? 25  ARG A C   1 
ATOM   181  O  O   . ARG A 1 25  ? 9.792   4.321   13.841  1.00 28.38 ? 25  ARG A O   1 
ATOM   182  C  CB  . ARG A 1 25  ? 12.662  4.259   12.414  1.00 28.00 ? 25  ARG A CB  1 
ATOM   183  C  CG  . ARG A 1 25  ? 13.911  4.977   11.920  1.00 29.15 ? 25  ARG A CG  1 
ATOM   184  C  CD  . ARG A 1 25  ? 15.154  4.112   12.089  1.00 29.57 ? 25  ARG A CD  1 
ATOM   185  N  NE  . ARG A 1 25  ? 15.129  2.930   11.226  1.00 32.09 ? 25  ARG A NE  1 
ATOM   186  C  CZ  . ARG A 1 25  ? 15.470  2.928   9.940   1.00 32.21 ? 25  ARG A CZ  1 
ATOM   187  N  NH1 . ARG A 1 25  ? 15.873  4.046   9.350   1.00 33.55 ? 25  ARG A NH1 1 
ATOM   188  N  NH2 . ARG A 1 25  ? 15.393  1.808   9.234   1.00 33.89 ? 25  ARG A NH2 1 
ATOM   189  N  N   . TYR A 1 26  ? 9.589   3.394   11.796  1.00 25.49 ? 26  TYR A N   1 
ATOM   190  C  CA  . TYR A 1 26  ? 8.435   2.575   12.156  1.00 24.93 ? 26  TYR A CA  1 
ATOM   191  C  C   . TYR A 1 26  ? 8.592   1.113   11.765  1.00 25.27 ? 26  TYR A C   1 
ATOM   192  O  O   . TYR A 1 26  ? 9.186   0.792   10.739  1.00 25.45 ? 26  TYR A O   1 
ATOM   193  C  CB  . TYR A 1 26  ? 7.161   3.135   11.514  1.00 22.26 ? 26  TYR A CB  1 
ATOM   194  C  CG  . TYR A 1 26  ? 6.803   4.528   11.971  1.00 23.05 ? 26  TYR A CG  1 
ATOM   195  C  CD1 . TYR A 1 26  ? 7.436   5.643   11.424  1.00 22.30 ? 26  TYR A CD1 1 
ATOM   196  C  CD2 . TYR A 1 26  ? 5.840   4.732   12.959  1.00 22.84 ? 26  TYR A CD2 1 
ATOM   197  C  CE1 . TYR A 1 26  ? 7.121   6.927   11.846  1.00 25.29 ? 26  TYR A CE1 1 
ATOM   198  C  CE2 . TYR A 1 26  ? 5.517   6.019   13.390  1.00 24.20 ? 26  TYR A CE2 1 
ATOM   199  C  CZ  . TYR A 1 26  ? 6.161   7.109   12.828  1.00 25.10 ? 26  TYR A CZ  1 
ATOM   200  O  OH  . TYR A 1 26  ? 5.843   8.385   13.231  1.00 28.13 ? 26  TYR A OH  1 
ATOM   201  N  N   . ARG A 1 27  ? 8.060   0.237   12.609  1.00 24.73 ? 27  ARG A N   1 
ATOM   202  C  CA  . ARG A 1 27  ? 8.096   -1.205  12.392  1.00 26.15 ? 27  ARG A CA  1 
ATOM   203  C  C   . ARG A 1 27  ? 6.661   -1.617  12.074  1.00 25.27 ? 27  ARG A C   1 
ATOM   204  O  O   . ARG A 1 27  ? 5.736   -1.193  12.764  1.00 25.78 ? 27  ARG A O   1 
ATOM   205  C  CB  . ARG A 1 27  ? 8.558   -1.904  13.674  1.00 29.84 ? 27  ARG A CB  1 
ATOM   206  C  CG  . ARG A 1 27  ? 8.750   -3.404  13.556  1.00 35.32 ? 27  ARG A CG  1 
ATOM   207  C  CD  . ARG A 1 27  ? 10.204  -3.765  13.301  1.00 41.79 ? 27  ARG A CD  1 
ATOM   208  N  NE  . ARG A 1 27  ? 11.077  -3.299  14.376  1.00 44.37 ? 27  ARG A NE  1 
ATOM   209  C  CZ  . ARG A 1 27  ? 12.395  -3.481  14.407  1.00 47.07 ? 27  ARG A CZ  1 
ATOM   210  N  NH1 . ARG A 1 27  ? 13.004  -4.127  13.421  1.00 47.29 ? 27  ARG A NH1 1 
ATOM   211  N  NH2 . ARG A 1 27  ? 13.109  -2.991  15.414  1.00 47.79 ? 27  ARG A NH2 1 
ATOM   212  N  N   . LEU A 1 28  ? 6.466   -2.428  11.036  1.00 25.00 ? 28  LEU A N   1 
ATOM   213  C  CA  . LEU A 1 28  ? 5.118   -2.861  10.664  1.00 24.68 ? 28  LEU A CA  1 
ATOM   214  C  C   . LEU A 1 28  ? 4.407   -3.614  11.787  1.00 26.36 ? 28  LEU A C   1 
ATOM   215  O  O   . LEU A 1 28  ? 3.197   -3.475  11.967  1.00 25.72 ? 28  LEU A O   1 
ATOM   216  C  CB  . LEU A 1 28  ? 5.147   -3.717  9.395   1.00 24.91 ? 28  LEU A CB  1 
ATOM   217  C  CG  . LEU A 1 28  ? 5.584   -3.010  8.112   1.00 23.89 ? 28  LEU A CG  1 
ATOM   218  C  CD1 . LEU A 1 28  ? 5.532   -3.985  6.947   1.00 24.43 ? 28  LEU A CD1 1 
ATOM   219  C  CD2 . LEU A 1 28  ? 4.690   -1.806  7.847   1.00 25.44 ? 28  LEU A CD2 1 
ATOM   220  N  N   . SER A 1 29  ? 5.167   -4.380  12.563  1.00 26.90 ? 29  SER A N   1 
ATOM   221  C  CA  . SER A 1 29  ? 4.603   -5.150  13.666  1.00 27.81 ? 29  SER A CA  1 
ATOM   222  C  C   . SER A 1 29  ? 4.278   -4.329  14.920  1.00 28.03 ? 29  SER A C   1 
ATOM   223  O  O   . SER A 1 29  ? 3.659   -4.848  15.853  1.00 27.86 ? 29  SER A O   1 
ATOM   224  C  CB  . SER A 1 29  ? 5.527   -6.315  14.027  1.00 28.19 ? 29  SER A CB  1 
ATOM   225  O  OG  . SER A 1 29  ? 6.821   -5.856  14.372  1.00 27.66 ? 29  SER A OG  1 
ATOM   226  N  N   . GLN A 1 30  ? 4.679   -3.057  14.937  1.00 26.94 ? 30  GLN A N   1 
ATOM   227  C  CA  . GLN A 1 30  ? 4.422   -2.188  16.088  1.00 26.95 ? 30  GLN A CA  1 
ATOM   228  C  C   . GLN A 1 30  ? 2.971   -1.706  16.146  1.00 26.17 ? 30  GLN A C   1 
ATOM   229  O  O   . GLN A 1 30  ? 2.495   -1.270  17.195  1.00 24.24 ? 30  GLN A O   1 
ATOM   230  C  CB  . GLN A 1 30  ? 5.379   -0.983  16.102  1.00 27.35 ? 30  GLN A CB  1 
ATOM   231  C  CG  . GLN A 1 30  ? 4.899   0.253   15.331  1.00 28.67 ? 30  GLN A CG  1 
ATOM   232  C  CD  . GLN A 1 30  ? 5.860   1.427   15.453  1.00 31.67 ? 30  GLN A CD  1 
ATOM   233  O  OE1 . GLN A 1 30  ? 5.501   2.494   15.959  1.00 34.82 ? 30  GLN A OE1 1 
ATOM   234  N  NE2 . GLN A 1 30  ? 7.089   1.233   14.996  1.00 30.52 ? 30  GLN A NE2 1 
ATOM   235  N  N   . PHE A 1 31  ? 2.282   -1.765  15.007  1.00 25.40 ? 31  PHE A N   1 
ATOM   236  C  CA  . PHE A 1 31  ? 0.885   -1.343  14.935  1.00 25.00 ? 31  PHE A CA  1 
ATOM   237  C  C   . PHE A 1 31  ? 0.013   -2.478  15.447  1.00 24.85 ? 31  PHE A C   1 
ATOM   238  O  O   . PHE A 1 31  ? 0.084   -3.606  14.951  1.00 25.75 ? 31  PHE A O   1 
ATOM   239  C  CB  . PHE A 1 31  ? 0.530   -0.951  13.503  1.00 25.75 ? 31  PHE A CB  1 
ATOM   240  C  CG  . PHE A 1 31  ? 1.411   0.132   12.952  1.00 25.71 ? 31  PHE A CG  1 
ATOM   241  C  CD1 . PHE A 1 31  ? 2.338   -0.147  11.956  1.00 27.55 ? 31  PHE A CD1 1 
ATOM   242  C  CD2 . PHE A 1 31  ? 1.351   1.421   13.470  1.00 27.68 ? 31  PHE A CD2 1 
ATOM   243  C  CE1 . PHE A 1 31  ? 3.200   0.843   11.484  1.00 28.15 ? 31  PHE A CE1 1 
ATOM   244  C  CE2 . PHE A 1 31  ? 2.208   2.419   13.006  1.00 28.32 ? 31  PHE A CE2 1 
ATOM   245  C  CZ  . PHE A 1 31  ? 3.133   2.126   12.010  1.00 28.54 ? 31  PHE A CZ  1 
ATOM   246  N  N   . HIS A 1 32  ? -0.791  -2.177  16.460  1.00 24.60 ? 32  HIS A N   1 
ATOM   247  C  CA  . HIS A 1 32  ? -1.635  -3.185  17.083  1.00 24.78 ? 32  HIS A CA  1 
ATOM   248  C  C   . HIS A 1 32  ? -3.142  -3.088  16.873  1.00 24.19 ? 32  HIS A C   1 
ATOM   249  O  O   . HIS A 1 32  ? -3.910  -3.786  17.541  1.00 23.95 ? 32  HIS A O   1 
ATOM   250  C  CB  . HIS A 1 32  ? -1.293  -3.276  18.574  1.00 27.65 ? 32  HIS A CB  1 
ATOM   251  C  CG  . HIS A 1 32  ? 0.149   -3.587  18.832  1.00 29.00 ? 32  HIS A CG  1 
ATOM   252  N  ND1 . HIS A 1 32  ? 0.948   -2.809  19.643  1.00 31.06 ? 32  HIS A ND1 1 
ATOM   253  C  CD2 . HIS A 1 32  ? 0.944   -4.575  18.358  1.00 30.80 ? 32  HIS A CD2 1 
ATOM   254  C  CE1 . HIS A 1 32  ? 2.174   -3.302  19.655  1.00 30.68 ? 32  HIS A CE1 1 
ATOM   255  N  NE2 . HIS A 1 32  ? 2.198   -4.374  18.883  1.00 32.19 ? 32  HIS A NE2 1 
ATOM   256  N  N   . GLU A 1 33  ? -3.568  -2.251  15.931  1.00 22.01 ? 33  GLU A N   1 
ATOM   257  C  CA  . GLU A 1 33  ? -4.992  -2.117  15.618  1.00 20.18 ? 33  GLU A CA  1 
ATOM   258  C  C   . GLU A 1 33  ? -5.472  -3.473  15.100  1.00 19.80 ? 33  GLU A C   1 
ATOM   259  O  O   . GLU A 1 33  ? -4.672  -4.261  14.598  1.00 18.88 ? 33  GLU A O   1 
ATOM   260  C  CB  . GLU A 1 33  ? -5.205  -1.061  14.525  1.00 21.00 ? 33  GLU A CB  1 
ATOM   261  C  CG  . GLU A 1 33  ? -5.254  0.382   15.005  1.00 24.32 ? 33  GLU A CG  1 
ATOM   262  C  CD  . GLU A 1 33  ? -3.938  0.900   15.567  1.00 27.02 ? 33  GLU A CD  1 
ATOM   263  O  OE1 . GLU A 1 33  ? -3.998  1.832   16.397  1.00 31.89 ? 33  GLU A OE1 1 
ATOM   264  O  OE2 . GLU A 1 33  ? -2.857  0.399   15.185  1.00 24.72 ? 33  GLU A OE2 1 
ATOM   265  N  N   . PRO A 1 34  ? -6.780  -3.763  15.215  1.00 18.12 ? 34  PRO A N   1 
ATOM   266  C  CA  . PRO A 1 34  ? -7.335  -5.040  14.746  1.00 19.75 ? 34  PRO A CA  1 
ATOM   267  C  C   . PRO A 1 34  ? -6.938  -5.350  13.300  1.00 17.98 ? 34  PRO A C   1 
ATOM   268  O  O   . PRO A 1 34  ? -6.575  -6.484  12.979  1.00 16.69 ? 34  PRO A O   1 
ATOM   269  C  CB  . PRO A 1 34  ? -8.840  -4.815  14.870  1.00 19.44 ? 34  PRO A CB  1 
ATOM   270  C  CG  . PRO A 1 34  ? -8.944  -3.919  16.053  1.00 20.98 ? 34  PRO A CG  1 
ATOM   271  C  CD  . PRO A 1 34  ? -7.830  -2.927  15.823  1.00 21.02 ? 34  PRO A CD  1 
ATOM   272  N  N   . LEU A 1 35  ? -7.005  -4.338  12.437  1.00 16.68 ? 35  LEU A N   1 
ATOM   273  C  CA  . LEU A 1 35  ? -6.635  -4.507  11.033  1.00 16.23 ? 35  LEU A CA  1 
ATOM   274  C  C   . LEU A 1 35  ? -5.448  -3.621  10.670  1.00 16.01 ? 35  LEU A C   1 
ATOM   275  O  O   . LEU A 1 35  ? -5.241  -2.567  11.270  1.00 16.07 ? 35  LEU A O   1 
ATOM   276  C  CB  . LEU A 1 35  ? -7.814  -4.176  10.112  1.00 15.75 ? 35  LEU A CB  1 
ATOM   277  C  CG  . LEU A 1 35  ? -9.140  -4.904  10.337  1.00 16.62 ? 35  LEU A CG  1 
ATOM   278  C  CD1 . LEU A 1 35  ? -10.117 -4.470  9.254   1.00 17.76 ? 35  LEU A CD1 1 
ATOM   279  C  CD2 . LEU A 1 35  ? -8.950  -6.416  10.317  1.00 18.01 ? 35  LEU A CD2 1 
ATOM   280  N  N   . LEU A 1 36  ? -4.686  -4.050  9.668   1.00 15.33 ? 36  LEU A N   1 
ATOM   281  C  CA  . LEU A 1 36  ? -3.515  -3.306  9.207   1.00 15.31 ? 36  LEU A CA  1 
ATOM   282  C  C   . LEU A 1 36  ? -3.506  -3.257  7.687   1.00 13.42 ? 36  LEU A C   1 
ATOM   283  O  O   . LEU A 1 36  ? -3.573  -4.291  7.021   1.00 14.48 ? 36  LEU A O   1 
ATOM   284  C  CB  . LEU A 1 36  ? -2.217  -3.965  9.702   1.00 15.31 ? 36  LEU A CB  1 
ATOM   285  C  CG  . LEU A 1 36  ? -0.912  -3.366  9.152   1.00 17.45 ? 36  LEU A CG  1 
ATOM   286  C  CD1 . LEU A 1 36  ? -0.775  -1.909  9.573   1.00 16.11 ? 36  LEU A CD1 1 
ATOM   287  C  CD2 . LEU A 1 36  ? 0.287   -4.176  9.629   1.00 19.04 ? 36  LEU A CD2 1 
ATOM   288  N  N   . ALA A 1 37  ? -3.445  -2.043  7.148   1.00 14.45 ? 37  ALA A N   1 
ATOM   289  C  CA  . ALA A 1 37  ? -3.413  -1.844  5.706   1.00 13.76 ? 37  ALA A CA  1 
ATOM   290  C  C   . ALA A 1 37  ? -2.057  -1.286  5.289   1.00 14.68 ? 37  ALA A C   1 
ATOM   291  O  O   . ALA A 1 37  ? -1.699  -0.165  5.646   1.00 13.69 ? 37  ALA A O   1 
ATOM   292  C  CB  . ALA A 1 37  ? -4.538  -0.893  5.273   1.00 14.74 ? 37  ALA A CB  1 
ATOM   293  N  N   . VAL A 1 38  ? -1.296  -2.102  4.565   1.00 14.39 ? 38  VAL A N   1 
ATOM   294  C  CA  . VAL A 1 38  ? 0.017   -1.717  4.067   1.00 14.00 ? 38  VAL A CA  1 
ATOM   295  C  C   . VAL A 1 38  ? -0.176  -1.339  2.604   1.00 14.64 ? 38  VAL A C   1 
ATOM   296  O  O   . VAL A 1 38  ? -0.630  -2.151  1.797   1.00 14.39 ? 38  VAL A O   1 
ATOM   297  C  CB  . VAL A 1 38  ? 1.016   -2.879  4.202   1.00 15.51 ? 38  VAL A CB  1 
ATOM   298  C  CG1 . VAL A 1 38  ? 2.386   -2.480  3.651   1.00 16.86 ? 38  VAL A CG1 1 
ATOM   299  C  CG2 . VAL A 1 38  ? 1.131   -3.282  5.664   1.00 15.52 ? 38  VAL A CG2 1 
ATOM   300  N  N   . VAL A 1 39  ? 0.141   -0.090  2.276   1.00 14.08 ? 39  VAL A N   1 
ATOM   301  C  CA  . VAL A 1 39  ? -0.042  0.401   0.917   1.00 13.92 ? 39  VAL A CA  1 
ATOM   302  C  C   . VAL A 1 39  ? 1.241   0.861   0.245   1.00 12.80 ? 39  VAL A C   1 
ATOM   303  O  O   . VAL A 1 39  ? 1.862   1.836   0.675   1.00 11.83 ? 39  VAL A O   1 
ATOM   304  C  CB  . VAL A 1 39  ? -1.022  1.594   0.884   1.00 14.28 ? 39  VAL A CB  1 
ATOM   305  C  CG1 . VAL A 1 39  ? -1.401  1.928   -0.559  1.00 14.58 ? 39  VAL A CG1 1 
ATOM   306  C  CG2 . VAL A 1 39  ? -2.263  1.294   1.712   1.00 15.33 ? 39  VAL A CG2 1 
ATOM   307  N  N   . PHE A 1 40  ? 1.626   0.163   -0.820  1.00 13.13 ? 40  PHE A N   1 
ATOM   308  C  CA  . PHE A 1 40  ? 2.802   0.558   -1.582  1.00 13.58 ? 40  PHE A CA  1 
ATOM   309  C  C   . PHE A 1 40  ? 2.321   1.675   -2.482  1.00 14.20 ? 40  PHE A C   1 
ATOM   310  O  O   . PHE A 1 40  ? 1.326   1.530   -3.193  1.00 13.56 ? 40  PHE A O   1 
ATOM   311  C  CB  . PHE A 1 40  ? 3.357   -0.619  -2.377  1.00 14.63 ? 40  PHE A CB  1 
ATOM   312  C  CG  . PHE A 1 40  ? 4.066   -1.609  -1.519  1.00 13.23 ? 40  PHE A CG  1 
ATOM   313  C  CD1 . PHE A 1 40  ? 5.408   -1.423  -1.201  1.00 15.95 ? 40  PHE A CD1 1 
ATOM   314  C  CD2 . PHE A 1 40  ? 3.383   -2.676  -0.956  1.00 16.11 ? 40  PHE A CD2 1 
ATOM   315  C  CE1 . PHE A 1 40  ? 6.056   -2.284  -0.327  1.00 15.57 ? 40  PHE A CE1 1 
ATOM   316  C  CE2 . PHE A 1 40  ? 4.023   -3.546  -0.080  1.00 15.55 ? 40  PHE A CE2 1 
ATOM   317  C  CZ  . PHE A 1 40  ? 5.362   -3.348  0.235   1.00 15.99 ? 40  PHE A CZ  1 
HETATM 318  N  N   . MSE A 1 41  ? 2.986   2.818   -2.380  1.00 13.72 ? 41  MSE A N   1 
HETATM 319  C  CA  . MSE A 1 41  ? 2.599   3.990   -3.140  1.00 13.95 ? 41  MSE A CA  1 
HETATM 320  C  C   . MSE A 1 41  ? 3.811   4.850   -3.472  1.00 14.67 ? 41  MSE A C   1 
HETATM 321  O  O   . MSE A 1 41  ? 4.950   4.382   -3.430  1.00 15.01 ? 41  MSE A O   1 
HETATM 322  C  CB  . MSE A 1 41  ? 1.584   4.798   -2.314  1.00 14.87 ? 41  MSE A CB  1 
HETATM 323  C  CG  . MSE A 1 41  ? 2.058   5.121   -0.892  1.00 16.47 ? 41  MSE A CG  1 
HETATM 324  SE SE  . MSE A 1 41  ? 0.716   6.039   0.198   1.00 18.58 ? 41  MSE A SE  1 
HETATM 325  C  CE  . MSE A 1 41  ? 1.078   7.838   -0.372  1.00 17.58 ? 41  MSE A CE  1 
ATOM   326  N  N   . CYS A 1 42  ? 3.544   6.089   -3.870  1.00 14.46 ? 42  CYS A N   1 
ATOM   327  C  CA  . CYS A 1 42  ? 4.590   7.050   -4.208  1.00 15.93 ? 42  CYS A CA  1 
ATOM   328  C  C   . CYS A 1 42  ? 3.911   8.403   -4.384  1.00 16.18 ? 42  CYS A C   1 
ATOM   329  O  O   . CYS A 1 42  ? 2.716   8.534   -4.111  1.00 16.45 ? 42  CYS A O   1 
ATOM   330  C  CB  . CYS A 1 42  ? 5.315   6.641   -5.496  1.00 15.18 ? 42  CYS A CB  1 
ATOM   331  S  SG  . CYS A 1 42  ? 4.279   6.634   -6.969  1.00 16.74 ? 42  CYS A SG  1 
ATOM   332  N  N   . ASN A 1 43  ? 4.658   9.398   -4.848  1.00 15.23 ? 43  ASN A N   1 
ATOM   333  C  CA  . ASN A 1 43  ? 4.109   10.736  -5.036  1.00 17.43 ? 43  ASN A CA  1 
ATOM   334  C  C   . ASN A 1 43  ? 3.712   11.059  -6.480  1.00 18.31 ? 43  ASN A C   1 
ATOM   335  O  O   . ASN A 1 43  ? 2.720   11.739  -6.711  1.00 18.88 ? 43  ASN A O   1 
ATOM   336  C  CB  . ASN A 1 43  ? 5.116   11.813  -4.596  1.00 17.40 ? 43  ASN A CB  1 
ATOM   337  C  CG  . ASN A 1 43  ? 5.713   11.564  -3.217  1.00 19.89 ? 43  ASN A CG  1 
ATOM   338  O  OD1 . ASN A 1 43  ? 5.042   11.103  -2.292  1.00 18.57 ? 43  ASN A OD1 1 
ATOM   339  N  ND2 . ASN A 1 43  ? 6.984   11.919  -3.068  1.00 17.41 ? 43  ASN A ND2 1 
ATOM   340  N  N   . HIS A 1 44  ? 4.509   10.593  -7.439  1.00 19.36 ? 44  HIS A N   1 
ATOM   341  C  CA  . HIS A 1 44  ? 4.296   10.894  -8.861  1.00 19.00 ? 44  HIS A CA  1 
ATOM   342  C  C   . HIS A 1 44  ? 3.115   10.248  -9.576  1.00 18.84 ? 44  HIS A C   1 
ATOM   343  O  O   . HIS A 1 44  ? 2.547   10.840  -10.494 1.00 18.95 ? 44  HIS A O   1 
ATOM   344  C  CB  . HIS A 1 44  ? 5.576   10.584  -9.664  1.00 19.16 ? 44  HIS A CB  1 
ATOM   345  C  CG  . HIS A 1 44  ? 5.579   9.230   -10.312 1.00 18.86 ? 44  HIS A CG  1 
ATOM   346  N  ND1 . HIS A 1 44  ? 6.050   8.102   -9.677  1.00 18.78 ? 44  HIS A ND1 1 
ATOM   347  C  CD2 . HIS A 1 44  ? 5.139   8.820   -11.526 1.00 19.91 ? 44  HIS A CD2 1 
ATOM   348  C  CE1 . HIS A 1 44  ? 5.896   7.055   -10.468 1.00 20.77 ? 44  HIS A CE1 1 
ATOM   349  N  NE2 . HIS A 1 44  ? 5.344   7.463   -11.596 1.00 22.40 ? 44  HIS A NE2 1 
ATOM   350  N  N   . CYS A 1 45  ? 2.793   9.019   -9.192  1.00 18.89 ? 45  CYS A N   1 
ATOM   351  C  CA  . CYS A 1 45  ? 1.734   8.258   -9.842  1.00 19.20 ? 45  CYS A CA  1 
ATOM   352  C  C   . CYS A 1 45  ? 0.330   8.849   -9.794  1.00 18.59 ? 45  CYS A C   1 
ATOM   353  O  O   . CYS A 1 45  ? -0.198  9.126   -8.718  1.00 17.22 ? 45  CYS A O   1 
ATOM   354  C  CB  . CYS A 1 45  ? 1.712   6.834   -9.298  1.00 21.45 ? 45  CYS A CB  1 
ATOM   355  S  SG  . CYS A 1 45  ? 0.541   5.755   -10.171 1.00 23.28 ? 45  CYS A SG  1 
ATOM   356  N  N   . PRO A 1 46  ? -0.284  9.073   -10.971 1.00 17.67 ? 46  PRO A N   1 
ATOM   357  C  CA  . PRO A 1 46  ? -1.642  9.633   -11.013 1.00 18.01 ? 46  PRO A CA  1 
ATOM   358  C  C   . PRO A 1 46  ? -2.694  8.725   -10.367 1.00 17.26 ? 46  PRO A C   1 
ATOM   359  O  O   . PRO A 1 46  ? -3.764  9.197   -9.969  1.00 16.30 ? 46  PRO A O   1 
ATOM   360  C  CB  . PRO A 1 46  ? -1.891  9.845   -12.512 1.00 19.53 ? 46  PRO A CB  1 
ATOM   361  C  CG  . PRO A 1 46  ? -0.936  8.897   -13.186 1.00 20.61 ? 46  PRO A CG  1 
ATOM   362  C  CD  . PRO A 1 46  ? 0.296   8.999   -12.324 1.00 19.43 ? 46  PRO A CD  1 
ATOM   363  N  N   . TYR A 1 47  ? -2.393  7.431   -10.259 1.00 15.61 ? 47  TYR A N   1 
ATOM   364  C  CA  . TYR A 1 47  ? -3.317  6.498   -9.625  1.00 15.90 ? 47  TYR A CA  1 
ATOM   365  C  C   . TYR A 1 47  ? -3.275  6.725   -8.115  1.00 16.93 ? 47  TYR A C   1 
ATOM   366  O  O   . TYR A 1 47  ? -4.283  6.556   -7.430  1.00 16.28 ? 47  TYR A O   1 
ATOM   367  C  CB  . TYR A 1 47  ? -2.976  5.047   -9.972  1.00 16.30 ? 47  TYR A CB  1 
ATOM   368  C  CG  . TYR A 1 47  ? -3.187  4.719   -11.432 1.00 17.25 ? 47  TYR A CG  1 
ATOM   369  C  CD1 . TYR A 1 47  ? -2.230  5.065   -12.386 1.00 19.24 ? 47  TYR A CD1 1 
ATOM   370  C  CD2 . TYR A 1 47  ? -4.352  4.081   -11.864 1.00 18.93 ? 47  TYR A CD2 1 
ATOM   371  C  CE1 . TYR A 1 47  ? -2.424  4.791   -13.736 1.00 19.84 ? 47  TYR A CE1 1 
ATOM   372  C  CE2 . TYR A 1 47  ? -4.555  3.801   -13.216 1.00 20.52 ? 47  TYR A CE2 1 
ATOM   373  C  CZ  . TYR A 1 47  ? -3.585  4.164   -14.143 1.00 21.07 ? 47  TYR A CZ  1 
ATOM   374  O  OH  . TYR A 1 47  ? -3.778  3.917   -15.484 1.00 23.34 ? 47  TYR A OH  1 
ATOM   375  N  N   . VAL A 1 48  ? -2.104  7.087   -7.592  1.00 16.47 ? 48  VAL A N   1 
ATOM   376  C  CA  . VAL A 1 48  ? -1.994  7.376   -6.163  1.00 16.06 ? 48  VAL A CA  1 
ATOM   377  C  C   . VAL A 1 48  ? -2.614  8.753   -5.923  1.00 15.65 ? 48  VAL A C   1 
ATOM   378  O  O   . VAL A 1 48  ? -3.408  8.928   -5.004  1.00 15.71 ? 48  VAL A O   1 
ATOM   379  C  CB  . VAL A 1 48  ? -0.523  7.384   -5.676  1.00 16.05 ? 48  VAL A CB  1 
ATOM   380  C  CG1 . VAL A 1 48  ? -0.449  7.840   -4.224  1.00 16.51 ? 48  VAL A CG1 1 
ATOM   381  C  CG2 . VAL A 1 48  ? 0.077   5.996   -5.809  1.00 15.39 ? 48  VAL A CG2 1 
ATOM   382  N  N   . LYS A 1 49  ? -2.284  9.719   -6.778  1.00 16.33 ? 49  LYS A N   1 
ATOM   383  C  CA  . LYS A 1 49  ? -2.818  11.078  -6.636  1.00 17.53 ? 49  LYS A CA  1 
ATOM   384  C  C   . LYS A 1 49  ? -4.343  11.137  -6.624  1.00 18.09 ? 49  LYS A C   1 
ATOM   385  O  O   . LYS A 1 49  ? -4.935  11.900  -5.852  1.00 18.14 ? 49  LYS A O   1 
ATOM   386  C  CB  . LYS A 1 49  ? -2.285  11.990  -7.748  1.00 18.87 ? 49  LYS A CB  1 
ATOM   387  C  CG  . LYS A 1 49  ? -0.824  12.378  -7.593  1.00 21.85 ? 49  LYS A CG  1 
ATOM   388  C  CD  . LYS A 1 49  ? -0.378  13.272  -8.739  1.00 23.54 ? 49  LYS A CD  1 
ATOM   389  C  CE  . LYS A 1 49  ? 1.072   13.697  -8.592  1.00 27.20 ? 49  LYS A CE  1 
ATOM   390  N  NZ  . LYS A 1 49  ? 1.508   14.533  -9.750  1.00 28.77 ? 49  LYS A NZ  1 
ATOM   391  N  N   . GLY A 1 50  ? -4.971  10.299  -7.442  1.00 15.61 ? 50  GLY A N   1 
ATOM   392  C  CA  . GLY A 1 50  ? -6.420  10.291  -7.522  1.00 16.23 ? 50  GLY A CA  1 
ATOM   393  C  C   . GLY A 1 50  ? -7.107  9.473   -6.448  1.00 15.91 ? 50  GLY A C   1 
ATOM   394  O  O   . GLY A 1 50  ? -8.324  9.568   -6.287  1.00 17.20 ? 50  GLY A O   1 
ATOM   395  N  N   . SER A 1 51  ? -6.346  8.666   -5.716  1.00 13.91 ? 51  SER A N   1 
ATOM   396  C  CA  . SER A 1 51  ? -6.939  7.835   -4.674  1.00 14.86 ? 51  SER A CA  1 
ATOM   397  C  C   . SER A 1 51  ? -6.450  8.124   -3.259  1.00 14.96 ? 51  SER A C   1 
ATOM   398  O  O   . SER A 1 51  ? -7.000  7.585   -2.302  1.00 13.75 ? 51  SER A O   1 
ATOM   399  C  CB  . SER A 1 51  ? -6.747  6.348   -4.998  1.00 14.71 ? 51  SER A CB  1 
ATOM   400  O  OG  . SER A 1 51  ? -5.376  5.986   -5.020  1.00 14.93 ? 51  SER A OG  1 
ATOM   401  N  N   . ILE A 1 52  ? -5.436  8.977   -3.123  1.00 14.39 ? 52  ILE A N   1 
ATOM   402  C  CA  . ILE A 1 52  ? -4.892  9.297   -1.801  1.00 14.39 ? 52  ILE A CA  1 
ATOM   403  C  C   . ILE A 1 52  ? -5.923  9.982   -0.899  1.00 13.72 ? 52  ILE A C   1 
ATOM   404  O  O   . ILE A 1 52  ? -5.936  9.765   0.313   1.00 14.37 ? 52  ILE A O   1 
ATOM   405  C  CB  . ILE A 1 52  ? -3.586  10.140  -1.902  1.00 14.57 ? 52  ILE A CB  1 
ATOM   406  C  CG1 . ILE A 1 52  ? -2.919  10.266  -0.527  1.00 16.70 ? 52  ILE A CG1 1 
ATOM   407  C  CG2 . ILE A 1 52  ? -3.867  11.510  -2.497  1.00 15.75 ? 52  ILE A CG2 1 
ATOM   408  C  CD1 . ILE A 1 52  ? -2.516  8.929   0.088   1.00 15.15 ? 52  ILE A CD1 1 
ATOM   409  N  N   . GLY A 1 53  ? -6.796  10.796  -1.490  1.00 14.66 ? 53  GLY A N   1 
ATOM   410  C  CA  . GLY A 1 53  ? -7.823  11.459  -0.704  1.00 15.36 ? 53  GLY A CA  1 
ATOM   411  C  C   . GLY A 1 53  ? -8.686  10.410  -0.022  1.00 15.64 ? 53  GLY A C   1 
ATOM   412  O  O   . GLY A 1 53  ? -8.985  10.514  1.171   1.00 15.95 ? 53  GLY A O   1 
ATOM   413  N  N   . GLU A 1 54  ? -9.061  9.377   -0.776  1.00 15.70 ? 54  GLU A N   1 
ATOM   414  C  CA  . GLU A 1 54  ? -9.877  8.294   -0.242  1.00 14.98 ? 54  GLU A CA  1 
ATOM   415  C  C   . GLU A 1 54  ? -9.103  7.489   0.800   1.00 15.31 ? 54  GLU A C   1 
ATOM   416  O  O   . GLU A 1 54  ? -9.642  7.140   1.850   1.00 13.70 ? 54  GLU A O   1 
ATOM   417  C  CB  . GLU A 1 54  ? -10.371 7.373   -1.372  1.00 14.39 ? 54  GLU A CB  1 
ATOM   418  C  CG  . GLU A 1 54  ? -11.182 6.184   -0.867  1.00 17.25 ? 54  GLU A CG  1 
ATOM   419  C  CD  . GLU A 1 54  ? -11.766 5.320   -1.970  1.00 15.64 ? 54  GLU A CD  1 
ATOM   420  O  OE1 . GLU A 1 54  ? -11.558 5.617   -3.166  1.00 18.14 ? 54  GLU A OE1 1 
ATOM   421  O  OE2 . GLU A 1 54  ? -12.455 4.338   -1.631  1.00 16.27 ? 54  GLU A OE2 1 
ATOM   422  N  N   . LEU A 1 55  ? -7.837  7.197   0.506   1.00 14.97 ? 55  LEU A N   1 
ATOM   423  C  CA  . LEU A 1 55  ? -6.986  6.439   1.422   1.00 15.15 ? 55  LEU A CA  1 
ATOM   424  C  C   . LEU A 1 55  ? -6.896  7.140   2.775   1.00 13.82 ? 55  LEU A C   1 
ATOM   425  O  O   . LEU A 1 55  ? -7.023  6.507   3.821   1.00 12.69 ? 55  LEU A O   1 
ATOM   426  C  CB  . LEU A 1 55  ? -5.583  6.289   0.821   1.00 16.30 ? 55  LEU A CB  1 
ATOM   427  C  CG  . LEU A 1 55  ? -4.971  4.907   0.591   1.00 23.03 ? 55  LEU A CG  1 
ATOM   428  C  CD1 . LEU A 1 55  ? -6.006  3.834   0.311   1.00 20.13 ? 55  LEU A CD1 1 
ATOM   429  C  CD2 . LEU A 1 55  ? -3.977  5.014   -0.561  1.00 22.97 ? 55  LEU A CD2 1 
ATOM   430  N  N   . VAL A 1 56  ? -6.665  8.449   2.747   1.00 13.90 ? 56  VAL A N   1 
ATOM   431  C  CA  . VAL A 1 56  ? -6.560  9.236   3.975   1.00 14.28 ? 56  VAL A CA  1 
ATOM   432  C  C   . VAL A 1 56  ? -7.910  9.285   4.694   1.00 14.94 ? 56  VAL A C   1 
ATOM   433  O  O   . VAL A 1 56  ? -7.975  9.171   5.922   1.00 14.53 ? 56  VAL A O   1 
ATOM   434  C  CB  . VAL A 1 56  ? -6.050  10.664  3.674   1.00 13.77 ? 56  VAL A CB  1 
ATOM   435  C  CG1 . VAL A 1 56  ? -6.148  11.550  4.919   1.00 16.42 ? 56  VAL A CG1 1 
ATOM   436  C  CG2 . VAL A 1 56  ? -4.597  10.599  3.188   1.00 13.69 ? 56  VAL A CG2 1 
ATOM   437  N  N   . ALA A 1 57  ? -8.984  9.411   3.918   1.00 13.79 ? 57  ALA A N   1 
ATOM   438  C  CA  . ALA A 1 57  ? -10.338 9.461   4.472   1.00 13.50 ? 57  ALA A CA  1 
ATOM   439  C  C   . ALA A 1 57  ? -10.688 8.142   5.164   1.00 13.92 ? 57  ALA A C   1 
ATOM   440  O  O   . ALA A 1 57  ? -11.347 8.137   6.208   1.00 13.74 ? 57  ALA A O   1 
ATOM   441  C  CB  . ALA A 1 57  ? -11.339 9.776   3.371   1.00 13.60 ? 57  ALA A CB  1 
ATOM   442  N  N   . LEU A 1 58  ? -10.264 7.024   4.570   1.00 11.65 ? 58  LEU A N   1 
ATOM   443  C  CA  . LEU A 1 58  ? -10.500 5.709   5.157   1.00 13.31 ? 58  LEU A CA  1 
ATOM   444  C  C   . LEU A 1 58  ? -9.709  5.595   6.457   1.00 12.71 ? 58  LEU A C   1 
ATOM   445  O  O   . LEU A 1 58  ? -10.221 5.115   7.468   1.00 13.68 ? 58  LEU A O   1 
ATOM   446  C  CB  . LEU A 1 58  ? -10.073 4.596   4.192   1.00 12.46 ? 58  LEU A CB  1 
ATOM   447  C  CG  . LEU A 1 58  ? -10.995 4.322   3.001   1.00 13.29 ? 58  LEU A CG  1 
ATOM   448  C  CD1 . LEU A 1 58  ? -10.274 3.453   1.979   1.00 14.56 ? 58  LEU A CD1 1 
ATOM   449  C  CD2 . LEU A 1 58  ? -12.280 3.635   3.487   1.00 12.75 ? 58  LEU A CD2 1 
ATOM   450  N  N   . ALA A 1 59  ? -8.461  6.056   6.430   1.00 13.47 ? 59  ALA A N   1 
ATOM   451  C  CA  . ALA A 1 59  ? -7.610  6.019   7.615   1.00 12.86 ? 59  ALA A CA  1 
ATOM   452  C  C   . ALA A 1 59  ? -8.227  6.855   8.739   1.00 13.10 ? 59  ALA A C   1 
ATOM   453  O  O   . ALA A 1 59  ? -8.208  6.453   9.898   1.00 13.73 ? 59  ALA A O   1 
ATOM   454  C  CB  . ALA A 1 59  ? -6.214  6.519   7.282   1.00 13.11 ? 59  ALA A CB  1 
ATOM   455  N  N   . GLU A 1 60  ? -8.808  7.997   8.379   1.00 13.98 ? 60  GLU A N   1 
ATOM   456  C  CA  . GLU A 1 60  ? -9.448  8.876   9.351   1.00 15.92 ? 60  GLU A CA  1 
ATOM   457  C  C   . GLU A 1 60  ? -10.687 8.202   9.942   1.00 16.50 ? 60  GLU A C   1 
ATOM   458  O  O   . GLU A 1 60  ? -10.860 8.153   11.169  1.00 15.99 ? 60  GLU A O   1 
ATOM   459  C  CB  . GLU A 1 60  ? -9.838  10.200  8.683   1.00 19.35 ? 60  GLU A CB  1 
ATOM   460  C  CG  . GLU A 1 60  ? -10.490 11.219  9.608   1.00 26.59 ? 60  GLU A CG  1 
ATOM   461  C  CD  . GLU A 1 60  ? -9.547  11.745  10.678  1.00 28.92 ? 60  GLU A CD  1 
ATOM   462  O  OE1 . GLU A 1 60  ? -9.984  11.855  11.848  1.00 33.51 ? 60  GLU A OE1 1 
ATOM   463  O  OE2 . GLU A 1 60  ? -8.379  12.057  10.355  1.00 29.50 ? 60  GLU A OE2 1 
ATOM   464  N  N   . ARG A 1 61  ? -11.537 7.667   9.070   1.00 16.42 ? 61  ARG A N   1 
ATOM   465  C  CA  . ARG A 1 61  ? -12.757 6.995   9.509   1.00 16.76 ? 61  ARG A CA  1 
ATOM   466  C  C   . ARG A 1 61  ? -12.466 5.792   10.400  1.00 17.12 ? 61  ARG A C   1 
ATOM   467  O  O   . ARG A 1 61  ? -13.169 5.559   11.392  1.00 17.13 ? 61  ARG A O   1 
ATOM   468  C  CB  . ARG A 1 61  ? -13.596 6.552   8.303   1.00 16.95 ? 61  ARG A CB  1 
ATOM   469  C  CG  . ARG A 1 61  ? -14.766 5.643   8.665   1.00 17.32 ? 61  ARG A CG  1 
ATOM   470  C  CD  . ARG A 1 61  ? -15.738 5.490   7.503   1.00 18.69 ? 61  ARG A CD  1 
ATOM   471  N  NE  . ARG A 1 61  ? -16.409 6.751   7.199   1.00 21.24 ? 61  ARG A NE  1 
ATOM   472  C  CZ  . ARG A 1 61  ? -17.507 6.855   6.454   1.00 22.52 ? 61  ARG A CZ  1 
ATOM   473  N  NH1 . ARG A 1 61  ? -18.062 5.768   5.925   1.00 19.29 ? 61  ARG A NH1 1 
ATOM   474  N  NH2 . ARG A 1 61  ? -18.069 8.043   6.266   1.00 21.04 ? 61  ARG A NH2 1 
ATOM   475  N  N   . TYR A 1 62  ? -11.412 5.051   10.066  1.00 14.56 ? 62  TYR A N   1 
ATOM   476  C  CA  . TYR A 1 62  ? -11.058 3.857   10.824  1.00 15.70 ? 62  TYR A CA  1 
ATOM   477  C  C   . TYR A 1 62  ? -9.960  3.995   11.876  1.00 15.47 ? 62  TYR A C   1 
ATOM   478  O  O   . TYR A 1 62  ? -9.333  3.004   12.236  1.00 15.41 ? 62  TYR A O   1 
ATOM   479  C  CB  . TYR A 1 62  ? -10.730 2.704   9.875   1.00 14.77 ? 62  TYR A CB  1 
ATOM   480  C  CG  . TYR A 1 62  ? -11.875 2.336   8.958   1.00 16.55 ? 62  TYR A CG  1 
ATOM   481  C  CD1 . TYR A 1 62  ? -13.103 1.906   9.471   1.00 17.90 ? 62  TYR A CD1 1 
ATOM   482  C  CD2 . TYR A 1 62  ? -11.733 2.430   7.577   1.00 19.43 ? 62  TYR A CD2 1 
ATOM   483  C  CE1 . TYR A 1 62  ? -14.163 1.581   8.616   1.00 19.12 ? 62  TYR A CE1 1 
ATOM   484  C  CE2 . TYR A 1 62  ? -12.775 2.110   6.723   1.00 20.29 ? 62  TYR A CE2 1 
ATOM   485  C  CZ  . TYR A 1 62  ? -13.984 1.688   7.244   1.00 22.23 ? 62  TYR A CZ  1 
ATOM   486  O  OH  . TYR A 1 62  ? -15.001 1.375   6.373   1.00 24.65 ? 62  TYR A OH  1 
ATOM   487  N  N   . ARG A 1 63  ? -9.745  5.202   12.387  1.00 16.01 ? 63  ARG A N   1 
ATOM   488  C  CA  . ARG A 1 63  ? -8.734  5.407   13.427  1.00 17.13 ? 63  ARG A CA  1 
ATOM   489  C  C   . ARG A 1 63  ? -9.016  4.461   14.593  1.00 18.63 ? 63  ARG A C   1 
ATOM   490  O  O   . ARG A 1 63  ? -10.159 4.362   15.059  1.00 16.85 ? 63  ARG A O   1 
ATOM   491  C  CB  . ARG A 1 63  ? -8.769  6.842   13.948  1.00 19.82 ? 63  ARG A CB  1 
ATOM   492  C  CG  . ARG A 1 63  ? -8.192  7.888   13.023  1.00 23.24 ? 63  ARG A CG  1 
ATOM   493  C  CD  . ARG A 1 63  ? -8.206  9.238   13.724  1.00 25.80 ? 63  ARG A CD  1 
ATOM   494  N  NE  . ARG A 1 63  ? -7.645  10.309  12.907  1.00 28.00 ? 63  ARG A NE  1 
ATOM   495  C  CZ  . ARG A 1 63  ? -6.408  10.783  13.033  1.00 27.91 ? 63  ARG A CZ  1 
ATOM   496  N  NH1 . ARG A 1 63  ? -5.584  10.280  13.944  1.00 28.06 ? 63  ARG A NH1 1 
ATOM   497  N  NH2 . ARG A 1 63  ? -6.007  11.787  12.264  1.00 29.17 ? 63  ARG A NH2 1 
ATOM   498  N  N   . GLY A 1 64  ? -7.979  3.756   15.040  1.00 18.22 ? 64  GLY A N   1 
ATOM   499  C  CA  . GLY A 1 64  ? -8.127  2.815   16.138  1.00 19.38 ? 64  GLY A CA  1 
ATOM   500  C  C   . GLY A 1 64  ? -8.648  1.445   15.735  1.00 20.05 ? 64  GLY A C   1 
ATOM   501  O  O   . GLY A 1 64  ? -8.629  0.514   16.542  1.00 21.84 ? 64  GLY A O   1 
ATOM   502  N  N   . LYS A 1 65  ? -9.121  1.321   14.495  1.00 18.55 ? 65  LYS A N   1 
ATOM   503  C  CA  . LYS A 1 65  ? -9.652  0.059   13.983  1.00 16.60 ? 65  LYS A CA  1 
ATOM   504  C  C   . LYS A 1 65  ? -8.747  -0.511  12.887  1.00 15.60 ? 65  LYS A C   1 
ATOM   505  O  O   . LYS A 1 65  ? -8.460  -1.704  12.868  1.00 15.62 ? 65  LYS A O   1 
ATOM   506  C  CB  . LYS A 1 65  ? -11.066 0.266   13.433  1.00 19.69 ? 65  LYS A CB  1 
ATOM   507  C  CG  . LYS A 1 65  ? -12.071 0.784   14.462  1.00 21.63 ? 65  LYS A CG  1 
ATOM   508  C  CD  . LYS A 1 65  ? -13.466 0.889   13.860  1.00 23.40 ? 65  LYS A CD  1 
ATOM   509  C  CE  . LYS A 1 65  ? -14.503 1.287   14.905  1.00 25.57 ? 65  LYS A CE  1 
ATOM   510  N  NZ  . LYS A 1 65  ? -14.219 2.622   15.488  1.00 24.14 ? 65  LYS A NZ  1 
ATOM   511  N  N   . VAL A 1 66  ? -8.336  0.346   11.955  1.00 14.72 ? 66  VAL A N   1 
ATOM   512  C  CA  . VAL A 1 66  ? -7.453  -0.066  10.863  1.00 14.73 ? 66  VAL A CA  1 
ATOM   513  C  C   . VAL A 1 66  ? -6.249  0.861   10.829  1.00 15.04 ? 66  VAL A C   1 
ATOM   514  O  O   . VAL A 1 66  ? -6.396  2.071   10.667  1.00 16.68 ? 66  VAL A O   1 
ATOM   515  C  CB  . VAL A 1 66  ? -8.148  0.008   9.477   1.00 15.10 ? 66  VAL A CB  1 
ATOM   516  C  CG1 . VAL A 1 66  ? -7.220  -0.541  8.396   1.00 13.33 ? 66  VAL A CG1 1 
ATOM   517  C  CG2 . VAL A 1 66  ? -9.450  -0.774  9.483   1.00 13.34 ? 66  VAL A CG2 1 
ATOM   518  N  N   . ALA A 1 67  ? -5.062  0.298   11.021  1.00 15.95 ? 67  ALA A N   1 
ATOM   519  C  CA  . ALA A 1 67  ? -3.843  1.091   10.977  1.00 16.07 ? 67  ALA A CA  1 
ATOM   520  C  C   . ALA A 1 67  ? -3.377  1.126   9.528   1.00 14.86 ? 67  ALA A C   1 
ATOM   521  O  O   . ALA A 1 67  ? -3.340  0.097   8.862   1.00 16.20 ? 67  ALA A O   1 
ATOM   522  C  CB  . ALA A 1 67  ? -2.770  0.461   11.854  1.00 16.81 ? 67  ALA A CB  1 
ATOM   523  N  N   . PHE A 1 68  ? -3.064  2.319   9.036   1.00 13.97 ? 68  PHE A N   1 
ATOM   524  C  CA  . PHE A 1 68  ? -2.579  2.481   7.671   1.00 14.10 ? 68  PHE A CA  1 
ATOM   525  C  C   . PHE A 1 68  ? -1.092  2.801   7.646   1.00 13.65 ? 68  PHE A C   1 
ATOM   526  O  O   . PHE A 1 68  ? -0.598  3.531   8.499   1.00 13.32 ? 68  PHE A O   1 
ATOM   527  C  CB  . PHE A 1 68  ? -3.337  3.604   6.965   1.00 13.81 ? 68  PHE A CB  1 
ATOM   528  C  CG  . PHE A 1 68  ? -4.647  3.170   6.384   1.00 14.13 ? 68  PHE A CG  1 
ATOM   529  C  CD1 . PHE A 1 68  ? -4.774  2.964   5.014   1.00 15.10 ? 68  PHE A CD1 1 
ATOM   530  C  CD2 . PHE A 1 68  ? -5.751  2.954   7.202   1.00 15.50 ? 68  PHE A CD2 1 
ATOM   531  C  CE1 . PHE A 1 68  ? -5.988  2.546   4.461   1.00 16.12 ? 68  PHE A CE1 1 
ATOM   532  C  CE2 . PHE A 1 68  ? -6.968  2.535   6.658   1.00 15.56 ? 68  PHE A CE2 1 
ATOM   533  C  CZ  . PHE A 1 68  ? -7.086  2.331   5.288   1.00 13.96 ? 68  PHE A CZ  1 
ATOM   534  N  N   . VAL A 1 69  ? -0.391  2.241   6.666   1.00 14.00 ? 69  VAL A N   1 
ATOM   535  C  CA  . VAL A 1 69  ? 1.033   2.499   6.495   1.00 14.38 ? 69  VAL A CA  1 
ATOM   536  C  C   . VAL A 1 69  ? 1.317   2.598   5.009   1.00 12.73 ? 69  VAL A C   1 
ATOM   537  O  O   . VAL A 1 69  ? 0.974   1.689   4.251   1.00 13.17 ? 69  VAL A O   1 
ATOM   538  C  CB  . VAL A 1 69  ? 1.918   1.366   7.068   1.00 15.86 ? 69  VAL A CB  1 
ATOM   539  C  CG1 . VAL A 1 69  ? 3.392   1.710   6.870   1.00 17.40 ? 69  VAL A CG1 1 
ATOM   540  C  CG2 . VAL A 1 69  ? 1.627   1.150   8.537   1.00 18.67 ? 69  VAL A CG2 1 
ATOM   541  N  N   . GLY A 1 70  ? 1.920   3.711   4.597   1.00 12.68 ? 70  GLY A N   1 
ATOM   542  C  CA  . GLY A 1 70  ? 2.273   3.900   3.202   1.00 13.12 ? 70  GLY A CA  1 
ATOM   543  C  C   . GLY A 1 70  ? 3.756   3.628   3.027   1.00 13.35 ? 70  GLY A C   1 
ATOM   544  O  O   . GLY A 1 70  ? 4.550   3.953   3.911   1.00 15.04 ? 70  GLY A O   1 
ATOM   545  N  N   . ILE A 1 71  ? 4.126   2.987   1.922   1.00 13.89 ? 71  ILE A N   1 
ATOM   546  C  CA  . ILE A 1 71  ? 5.531   2.687   1.641   1.00 14.19 ? 71  ILE A CA  1 
ATOM   547  C  C   . ILE A 1 71  ? 5.885   3.092   0.211   1.00 12.70 ? 71  ILE A C   1 
ATOM   548  O  O   . ILE A 1 71  ? 5.245   2.654   -0.744  1.00 14.17 ? 71  ILE A O   1 
ATOM   549  C  CB  . ILE A 1 71  ? 5.857   1.173   1.813   1.00 13.40 ? 71  ILE A CB  1 
ATOM   550  C  CG1 . ILE A 1 71  ? 5.576   0.717   3.251   1.00 14.81 ? 71  ILE A CG1 1 
ATOM   551  C  CG2 . ILE A 1 71  ? 7.331   0.899   1.454   1.00 15.62 ? 71  ILE A CG2 1 
ATOM   552  C  CD1 . ILE A 1 71  ? 5.846   -0.767  3.503   1.00 16.08 ? 71  ILE A CD1 1 
ATOM   553  N  N   . ASN A 1 72  ? 6.900   3.942   0.079   1.00 13.17 ? 72  ASN A N   1 
ATOM   554  C  CA  . ASN A 1 72  ? 7.386   4.378   -1.228  1.00 14.12 ? 72  ASN A CA  1 
ATOM   555  C  C   . ASN A 1 72  ? 8.734   3.696   -1.436  1.00 14.63 ? 72  ASN A C   1 
ATOM   556  O  O   . ASN A 1 72  ? 9.671   3.925   -0.671  1.00 14.27 ? 72  ASN A O   1 
ATOM   557  C  CB  . ASN A 1 72  ? 7.557   5.903   -1.273  1.00 14.67 ? 72  ASN A CB  1 
ATOM   558  C  CG  . ASN A 1 72  ? 8.287   6.377   -2.526  1.00 16.71 ? 72  ASN A CG  1 
ATOM   559  O  OD1 . ASN A 1 72  ? 8.254   5.718   -3.563  1.00 16.30 ? 72  ASN A OD1 1 
ATOM   560  N  ND2 . ASN A 1 72  ? 8.957   7.515   -2.427  1.00 18.95 ? 72  ASN A ND2 1 
ATOM   561  N  N   . ALA A 1 73  ? 8.805   2.821   -2.435  1.00 14.77 ? 73  ALA A N   1 
ATOM   562  C  CA  . ALA A 1 73  ? 10.039  2.102   -2.741  1.00 16.19 ? 73  ALA A CA  1 
ATOM   563  C  C   . ALA A 1 73  ? 10.617  2.524   -4.090  1.00 17.13 ? 73  ALA A C   1 
ATOM   564  O  O   . ALA A 1 73  ? 11.600  1.942   -4.554  1.00 19.43 ? 73  ALA A O   1 
ATOM   565  C  CB  . ALA A 1 73  ? 9.777   0.611   -2.741  1.00 16.23 ? 73  ALA A CB  1 
ATOM   566  N  N   . ASN A 1 74  ? 10.043  3.562   -4.690  1.00 15.84 ? 74  ASN A N   1 
ATOM   567  C  CA  . ASN A 1 74  ? 10.480  4.023   -6.005  1.00 15.41 ? 74  ASN A CA  1 
ATOM   568  C  C   . ASN A 1 74  ? 11.887  4.593   -6.108  1.00 16.17 ? 74  ASN A C   1 
ATOM   569  O  O   . ASN A 1 74  ? 12.420  5.175   -5.164  1.00 15.70 ? 74  ASN A O   1 
ATOM   570  C  CB  . ASN A 1 74  ? 9.483   5.031   -6.587  1.00 16.28 ? 74  ASN A CB  1 
ATOM   571  C  CG  . ASN A 1 74  ? 8.236   4.367   -7.155  1.00 14.03 ? 74  ASN A CG  1 
ATOM   572  O  OD1 . ASN A 1 74  ? 8.081   3.144   -7.100  1.00 15.66 ? 74  ASN A OD1 1 
ATOM   573  N  ND2 . ASN A 1 74  ? 7.347   5.175   -7.723  1.00 15.60 ? 74  ASN A ND2 1 
ATOM   574  N  N   . ASP A 1 75  ? 12.467  4.413   -7.290  1.00 16.45 ? 75  ASP A N   1 
ATOM   575  C  CA  . ASP A 1 75  ? 13.799  4.902   -7.621  1.00 17.69 ? 75  ASP A CA  1 
ATOM   576  C  C   . ASP A 1 75  ? 13.671  6.412   -7.810  1.00 16.25 ? 75  ASP A C   1 
ATOM   577  O  O   . ASP A 1 75  ? 13.343  6.878   -8.900  1.00 17.70 ? 75  ASP A O   1 
ATOM   578  C  CB  . ASP A 1 75  ? 14.242  4.245   -8.929  1.00 18.75 ? 75  ASP A CB  1 
ATOM   579  C  CG  . ASP A 1 75  ? 15.643  4.647   -9.355  1.00 21.55 ? 75  ASP A CG  1 
ATOM   580  O  OD1 . ASP A 1 75  ? 16.261  3.856   -10.087 1.00 21.94 ? 75  ASP A OD1 1 
ATOM   581  O  OD2 . ASP A 1 75  ? 16.117  5.744   -8.994  1.00 19.94 ? 75  ASP A OD2 1 
ATOM   582  N  N   . TYR A 1 76  ? 13.970  7.175   -6.763  1.00 17.72 ? 76  TYR A N   1 
ATOM   583  C  CA  . TYR A 1 76  ? 13.834  8.619   -6.848  1.00 18.54 ? 76  TYR A CA  1 
ATOM   584  C  C   . TYR A 1 76  ? 14.933  9.364   -7.599  1.00 19.57 ? 76  TYR A C   1 
ATOM   585  O  O   . TYR A 1 76  ? 14.854  10.582  -7.768  1.00 19.87 ? 76  TYR A O   1 
ATOM   586  C  CB  . TYR A 1 76  ? 13.552  9.234   -5.473  1.00 18.55 ? 76  TYR A CB  1 
ATOM   587  C  CG  . TYR A 1 76  ? 14.585  8.951   -4.412  1.00 18.50 ? 76  TYR A CG  1 
ATOM   588  C  CD1 . TYR A 1 76  ? 15.710  9.765   -4.279  1.00 19.43 ? 76  TYR A CD1 1 
ATOM   589  C  CD2 . TYR A 1 76  ? 14.428  7.892   -3.520  1.00 17.74 ? 76  TYR A CD2 1 
ATOM   590  C  CE1 . TYR A 1 76  ? 16.651  9.536   -3.287  1.00 21.38 ? 76  TYR A CE1 1 
ATOM   591  C  CE2 . TYR A 1 76  ? 15.372  7.651   -2.516  1.00 20.62 ? 76  TYR A CE2 1 
ATOM   592  C  CZ  . TYR A 1 76  ? 16.482  8.480   -2.411  1.00 21.45 ? 76  TYR A CZ  1 
ATOM   593  O  OH  . TYR A 1 76  ? 17.429  8.261   -1.435  1.00 24.73 ? 76  TYR A OH  1 
ATOM   594  N  N   . GLU A 1 77  ? 15.965  8.643   -8.034  1.00 20.03 ? 77  GLU A N   1 
ATOM   595  C  CA  . GLU A 1 77  ? 17.018  9.274   -8.823  1.00 20.77 ? 77  GLU A CA  1 
ATOM   596  C  C   . GLU A 1 77  ? 16.436  9.443   -10.228 1.00 21.64 ? 77  GLU A C   1 
ATOM   597  O  O   . GLU A 1 77  ? 16.592  10.492  -10.858 1.00 21.95 ? 77  GLU A O   1 
ATOM   598  C  CB  . GLU A 1 77  ? 18.290  8.420   -8.857  1.00 22.24 ? 77  GLU A CB  1 
ATOM   599  C  CG  . GLU A 1 77  ? 19.203  8.571   -7.626  1.00 25.92 ? 77  GLU A CG  1 
ATOM   600  C  CD  . GLU A 1 77  ? 18.761  7.749   -6.420  1.00 25.62 ? 77  GLU A CD  1 
ATOM   601  O  OE1 . GLU A 1 77  ? 17.845  6.913   -6.553  1.00 29.19 ? 77  GLU A OE1 1 
ATOM   602  O  OE2 . GLU A 1 77  ? 19.350  7.925   -5.333  1.00 29.85 ? 77  GLU A OE2 1 
ATOM   603  N  N   . LYS A 1 78  ? 15.710  8.425   -10.686 1.00 20.60 ? 78  LYS A N   1 
ATOM   604  C  CA  . LYS A 1 78  ? 15.069  8.459   -11.996 1.00 22.08 ? 78  LYS A CA  1 
ATOM   605  C  C   . LYS A 1 78  ? 13.725  9.194   -11.907 1.00 21.38 ? 78  LYS A C   1 
ATOM   606  O  O   . LYS A 1 78  ? 13.298  9.830   -12.870 1.00 21.82 ? 78  LYS A O   1 
ATOM   607  C  CB  . LYS A 1 78  ? 14.863  7.041   -12.533 1.00 24.14 ? 78  LYS A CB  1 
ATOM   608  C  CG  . LYS A 1 78  ? 14.356  7.001   -13.967 1.00 26.75 ? 78  LYS A CG  1 
ATOM   609  C  CD  . LYS A 1 78  ? 14.129  5.582   -14.436 1.00 29.62 ? 78  LYS A CD  1 
ATOM   610  C  CE  . LYS A 1 78  ? 13.417  5.556   -15.778 1.00 31.34 ? 78  LYS A CE  1 
ATOM   611  N  NZ  . LYS A 1 78  ? 13.005  4.169   -16.141 1.00 34.52 ? 78  LYS A NZ  1 
ATOM   612  N  N   . TYR A 1 79  ? 13.074  9.100   -10.746 1.00 20.24 ? 79  TYR A N   1 
ATOM   613  C  CA  . TYR A 1 79  ? 11.789  9.759   -10.497 1.00 20.56 ? 79  TYR A CA  1 
ATOM   614  C  C   . TYR A 1 79  ? 11.908  10.720  -9.315  1.00 20.20 ? 79  TYR A C   1 
ATOM   615  O  O   . TYR A 1 79  ? 11.453  10.422  -8.202  1.00 20.97 ? 79  TYR A O   1 
ATOM   616  C  CB  . TYR A 1 79  ? 10.694  8.721   -10.225 1.00 21.21 ? 79  TYR A CB  1 
ATOM   617  C  CG  . TYR A 1 79  ? 10.307  7.924   -11.448 1.00 20.61 ? 79  TYR A CG  1 
ATOM   618  C  CD1 . TYR A 1 79  ? 9.195   8.282   -12.211 1.00 21.77 ? 79  TYR A CD1 1 
ATOM   619  C  CD2 . TYR A 1 79  ? 11.071  6.834   -11.867 1.00 20.84 ? 79  TYR A CD2 1 
ATOM   620  C  CE1 . TYR A 1 79  ? 8.853   7.576   -13.363 1.00 22.74 ? 79  TYR A CE1 1 
ATOM   621  C  CE2 . TYR A 1 79  ? 10.738  6.122   -13.021 1.00 22.03 ? 79  TYR A CE2 1 
ATOM   622  C  CZ  . TYR A 1 79  ? 9.628   6.501   -13.761 1.00 22.60 ? 79  TYR A CZ  1 
ATOM   623  O  OH  . TYR A 1 79  ? 9.291   5.808   -14.903 1.00 25.56 ? 79  TYR A OH  1 
ATOM   624  N  N   . PRO A 1 80  ? 12.499  11.907  -9.550  1.00 21.30 ? 80  PRO A N   1 
ATOM   625  C  CA  . PRO A 1 80  ? 12.711  12.952  -8.542  1.00 20.82 ? 80  PRO A CA  1 
ATOM   626  C  C   . PRO A 1 80  ? 11.473  13.355  -7.741  1.00 19.77 ? 80  PRO A C   1 
ATOM   627  O  O   . PRO A 1 80  ? 11.590  13.768  -6.591  1.00 19.59 ? 80  PRO A O   1 
ATOM   628  C  CB  . PRO A 1 80  ? 13.246  14.118  -9.371  1.00 22.49 ? 80  PRO A CB  1 
ATOM   629  C  CG  . PRO A 1 80  ? 13.988  13.423  -10.466 1.00 22.97 ? 80  PRO A CG  1 
ATOM   630  C  CD  . PRO A 1 80  ? 13.017  12.346  -10.859 1.00 21.20 ? 80  PRO A CD  1 
ATOM   631  N  N   . GLU A 1 81  ? 10.294  13.230  -8.345  1.00 20.91 ? 81  GLU A N   1 
ATOM   632  C  CA  . GLU A 1 81  ? 9.048   13.585  -7.663  1.00 21.66 ? 81  GLU A CA  1 
ATOM   633  C  C   . GLU A 1 81  ? 8.785   12.655  -6.481  1.00 20.59 ? 81  GLU A C   1 
ATOM   634  O  O   . GLU A 1 81  ? 8.012   12.989  -5.584  1.00 21.17 ? 81  GLU A O   1 
ATOM   635  C  CB  . GLU A 1 81  ? 7.872   13.525  -8.635  1.00 25.45 ? 81  GLU A CB  1 
ATOM   636  C  CG  . GLU A 1 81  ? 7.930   14.562  -9.743  1.00 32.94 ? 81  GLU A CG  1 
ATOM   637  C  CD  . GLU A 1 81  ? 6.777   14.430  -10.719 1.00 37.88 ? 81  GLU A CD  1 
ATOM   638  O  OE1 . GLU A 1 81  ? 6.896   13.631  -11.676 1.00 40.81 ? 81  GLU A OE1 1 
ATOM   639  O  OE2 . GLU A 1 81  ? 5.752   15.122  -10.526 1.00 41.72 ? 81  GLU A OE2 1 
ATOM   640  N  N   . ASP A 1 82  ? 9.428   11.491  -6.496  1.00 17.53 ? 82  ASP A N   1 
ATOM   641  C  CA  . ASP A 1 82  ? 9.286   10.494  -5.439  1.00 18.43 ? 82  ASP A CA  1 
ATOM   642  C  C   . ASP A 1 82  ? 10.391  10.537  -4.383  1.00 18.53 ? 82  ASP A C   1 
ATOM   643  O  O   . ASP A 1 82  ? 10.514  9.616   -3.574  1.00 18.34 ? 82  ASP A O   1 
ATOM   644  C  CB  . ASP A 1 82  ? 9.216   9.089   -6.045  1.00 18.03 ? 82  ASP A CB  1 
ATOM   645  C  CG  . ASP A 1 82  ? 7.944   8.858   -6.836  1.00 18.37 ? 82  ASP A CG  1 
ATOM   646  O  OD1 . ASP A 1 82  ? 7.967   8.028   -7.764  1.00 17.80 ? 82  ASP A OD1 1 
ATOM   647  O  OD2 . ASP A 1 82  ? 6.919   9.501   -6.532  1.00 16.74 ? 82  ASP A OD2 1 
ATOM   648  N  N   . ALA A 1 83  ? 11.192  11.599  -4.390  1.00 18.71 ? 83  ALA A N   1 
ATOM   649  C  CA  . ALA A 1 83  ? 12.281  11.744  -3.422  1.00 18.82 ? 83  ALA A CA  1 
ATOM   650  C  C   . ALA A 1 83  ? 11.765  11.942  -1.989  1.00 20.28 ? 83  ALA A C   1 
ATOM   651  O  O   . ALA A 1 83  ? 10.663  12.447  -1.783  1.00 19.82 ? 83  ALA A O   1 
ATOM   652  C  CB  . ALA A 1 83  ? 13.190  12.903  -3.826  1.00 20.97 ? 83  ALA A CB  1 
ATOM   653  N  N   . PRO A 1 84  ? 12.563  11.548  -0.982  1.00 21.46 ? 84  PRO A N   1 
ATOM   654  C  CA  . PRO A 1 84  ? 12.194  11.680  0.432   1.00 21.88 ? 84  PRO A CA  1 
ATOM   655  C  C   . PRO A 1 84  ? 11.633  13.053  0.819   1.00 22.76 ? 84  PRO A C   1 
ATOM   656  O  O   . PRO A 1 84  ? 10.613  13.136  1.505   1.00 20.03 ? 84  PRO A O   1 
ATOM   657  C  CB  . PRO A 1 84  ? 13.509  11.382  1.146   1.00 23.44 ? 84  PRO A CB  1 
ATOM   658  C  CG  . PRO A 1 84  ? 14.110  10.334  0.270   1.00 23.33 ? 84  PRO A CG  1 
ATOM   659  C  CD  . PRO A 1 84  ? 13.880  10.898  -1.115  1.00 22.76 ? 84  PRO A CD  1 
ATOM   660  N  N   . GLU A 1 85  ? 12.279  14.125  0.361   1.00 23.71 ? 85  GLU A N   1 
ATOM   661  C  CA  . GLU A 1 85  ? 11.808  15.476  0.668   1.00 26.19 ? 85  GLU A CA  1 
ATOM   662  C  C   . GLU A 1 85  ? 10.411  15.688  0.093   1.00 24.92 ? 85  GLU A C   1 
ATOM   663  O  O   . GLU A 1 85  ? 9.544   16.293  0.730   1.00 23.72 ? 85  GLU A O   1 
ATOM   664  C  CB  . GLU A 1 85  ? 12.768  16.528  0.111   1.00 29.68 ? 85  GLU A CB  1 
ATOM   665  C  CG  . GLU A 1 85  ? 12.374  17.953  0.460   1.00 36.48 ? 85  GLU A CG  1 
ATOM   666  C  CD  . GLU A 1 85  ? 13.351  18.984  -0.075  1.00 39.41 ? 85  GLU A CD  1 
ATOM   667  O  OE1 . GLU A 1 85  ? 12.907  19.896  -0.804  1.00 41.80 ? 85  GLU A OE1 1 
ATOM   668  O  OE2 . GLU A 1 85  ? 14.558  18.887  0.240   1.00 41.76 ? 85  GLU A OE2 1 
ATOM   669  N  N   . LYS A 1 86  ? 10.200  15.161  -1.110  1.00 24.18 ? 86  LYS A N   1 
ATOM   670  C  CA  . LYS A 1 86  ? 8.917   15.259  -1.790  1.00 23.86 ? 86  LYS A CA  1 
ATOM   671  C  C   . LYS A 1 86  ? 7.840   14.460  -1.059  1.00 23.30 ? 86  LYS A C   1 
ATOM   672  O  O   . LYS A 1 86  ? 6.664   14.829  -1.088  1.00 21.66 ? 86  LYS A O   1 
ATOM   673  C  CB  . LYS A 1 86  ? 9.046   14.768  -3.232  1.00 25.54 ? 86  LYS A CB  1 
ATOM   674  C  CG  . LYS A 1 86  ? 9.851   15.696  -4.131  1.00 29.62 ? 86  LYS A CG  1 
ATOM   675  C  CD  . LYS A 1 86  ? 9.113   17.003  -4.348  1.00 32.41 ? 86  LYS A CD  1 
ATOM   676  C  CE  . LYS A 1 86  ? 9.881   17.929  -5.274  1.00 34.23 ? 86  LYS A CE  1 
ATOM   677  N  NZ  . LYS A 1 86  ? 9.089   19.153  -5.580  1.00 37.45 ? 86  LYS A NZ  1 
HETATM 678  N  N   . MSE A 1 87  ? 8.241   13.357  -0.428  1.00 21.36 ? 87  MSE A N   1 
HETATM 679  C  CA  . MSE A 1 87  ? 7.309   12.518  0.326   1.00 20.27 ? 87  MSE A CA  1 
HETATM 680  C  C   . MSE A 1 87  ? 6.720   13.320  1.480   1.00 20.71 ? 87  MSE A C   1 
HETATM 681  O  O   . MSE A 1 87  ? 5.508   13.288  1.717   1.00 17.16 ? 87  MSE A O   1 
HETATM 682  C  CB  . MSE A 1 87  ? 8.016   11.280  0.875   1.00 18.56 ? 87  MSE A CB  1 
HETATM 683  C  CG  . MSE A 1 87  ? 8.319   10.220  -0.164  1.00 20.44 ? 87  MSE A CG  1 
HETATM 684  SE SE  . MSE A 1 87  ? 9.412   8.819   0.588   1.00 20.95 ? 87  MSE A SE  1 
HETATM 685  C  CE  . MSE A 1 87  ? 8.136   8.086   1.852   1.00 19.90 ? 87  MSE A CE  1 
ATOM   686  N  N   . ALA A 1 88  ? 7.583   14.045  2.190   1.00 20.17 ? 88  ALA A N   1 
ATOM   687  C  CA  . ALA A 1 88  ? 7.151   14.870  3.314   1.00 20.80 ? 88  ALA A CA  1 
ATOM   688  C  C   . ALA A 1 88  ? 6.143   15.919  2.851   1.00 21.19 ? 88  ALA A C   1 
ATOM   689  O  O   . ALA A 1 88  ? 5.107   16.104  3.483   1.00 21.75 ? 88  ALA A O   1 
ATOM   690  C  CB  . ALA A 1 88  ? 8.351   15.539  3.972   1.00 23.26 ? 88  ALA A CB  1 
ATOM   691  N  N   . ALA A 1 89  ? 6.437   16.578  1.732   1.00 20.60 ? 89  ALA A N   1 
ATOM   692  C  CA  . ALA A 1 89  ? 5.554   17.599  1.170   1.00 21.50 ? 89  ALA A CA  1 
ATOM   693  C  C   . ALA A 1 89  ? 4.229   16.995  0.693   1.00 20.93 ? 89  ALA A C   1 
ATOM   694  O  O   . ALA A 1 89  ? 3.175   17.630  0.793   1.00 20.88 ? 89  ALA A O   1 
ATOM   695  C  CB  . ALA A 1 89  ? 6.251   18.315  0.010   1.00 22.68 ? 89  ALA A CB  1 
ATOM   696  N  N   . PHE A 1 90  ? 4.299   15.784  0.146   1.00 18.52 ? 90  PHE A N   1 
ATOM   697  C  CA  . PHE A 1 90  ? 3.117   15.073  -0.347  1.00 18.69 ? 90  PHE A CA  1 
ATOM   698  C  C   . PHE A 1 90  ? 2.221   14.730  0.842   1.00 18.73 ? 90  PHE A C   1 
ATOM   699  O  O   . PHE A 1 90  ? 0.993   14.847  0.763   1.00 18.31 ? 90  PHE A O   1 
ATOM   700  C  CB  . PHE A 1 90  ? 3.546   13.792  -1.070  1.00 17.70 ? 90  PHE A CB  1 
ATOM   701  C  CG  . PHE A 1 90  ? 2.449   13.140  -1.872  1.00 18.59 ? 90  PHE A CG  1 
ATOM   702  C  CD1 . PHE A 1 90  ? 2.050   13.676  -3.093  1.00 18.56 ? 90  PHE A CD1 1 
ATOM   703  C  CD2 . PHE A 1 90  ? 1.842   11.970  -1.424  1.00 17.90 ? 90  PHE A CD2 1 
ATOM   704  C  CE1 . PHE A 1 90  ? 1.065   13.058  -3.863  1.00 18.45 ? 90  PHE A CE1 1 
ATOM   705  C  CE2 . PHE A 1 90  ? 0.854   11.339  -2.185  1.00 18.19 ? 90  PHE A CE2 1 
ATOM   706  C  CZ  . PHE A 1 90  ? 0.464   11.885  -3.409  1.00 19.74 ? 90  PHE A CZ  1 
ATOM   707  N  N   . ALA A 1 91  ? 2.846   14.312  1.942   1.00 18.42 ? 91  ALA A N   1 
ATOM   708  C  CA  . ALA A 1 91  ? 2.125   13.959  3.159   1.00 21.85 ? 91  ALA A CA  1 
ATOM   709  C  C   . ALA A 1 91  ? 1.414   15.185  3.725   1.00 23.52 ? 91  ALA A C   1 
ATOM   710  O  O   . ALA A 1 91  ? 0.270   15.095  4.169   1.00 23.13 ? 91  ALA A O   1 
ATOM   711  C  CB  . ALA A 1 91  ? 3.076   13.372  4.189   1.00 20.50 ? 91  ALA A CB  1 
ATOM   712  N  N   . GLU A 1 92  ? 2.087   16.333  3.694   1.00 25.13 ? 92  GLU A N   1 
ATOM   713  C  CA  . GLU A 1 92  ? 1.490   17.567  4.193   1.00 28.23 ? 92  GLU A CA  1 
ATOM   714  C  C   . GLU A 1 92  ? 0.334   18.013  3.301   1.00 26.93 ? 92  GLU A C   1 
ATOM   715  O  O   . GLU A 1 92  ? -0.735  18.374  3.794   1.00 27.04 ? 92  GLU A O   1 
ATOM   716  C  CB  . GLU A 1 92  ? 2.534   18.684  4.289   1.00 32.43 ? 92  GLU A CB  1 
ATOM   717  C  CG  . GLU A 1 92  ? 3.139   18.859  5.679   1.00 38.36 ? 92  GLU A CG  1 
ATOM   718  C  CD  . GLU A 1 92  ? 4.537   18.281  5.803   1.00 42.67 ? 92  GLU A CD  1 
ATOM   719  O  OE1 . GLU A 1 92  ? 5.509   19.065  5.727   1.00 43.91 ? 92  GLU A OE1 1 
ATOM   720  O  OE2 . GLU A 1 92  ? 4.666   17.050  5.990   1.00 43.79 ? 92  GLU A OE2 1 
ATOM   721  N  N   . GLU A 1 93  ? 0.546   17.946  1.990   1.00 25.64 ? 93  GLU A N   1 
ATOM   722  C  CA  . GLU A 1 93  ? -0.454  18.342  1.003   1.00 26.41 ? 93  GLU A CA  1 
ATOM   723  C  C   . GLU A 1 93  ? -1.750  17.538  1.083   1.00 25.01 ? 93  GLU A C   1 
ATOM   724  O  O   . GLU A 1 93  ? -2.844  18.092  0.943   1.00 25.36 ? 93  GLU A O   1 
ATOM   725  C  CB  . GLU A 1 93  ? 0.124   18.219  -0.411  1.00 28.63 ? 93  GLU A CB  1 
ATOM   726  C  CG  . GLU A 1 93  ? -0.885  18.501  -1.526  1.00 33.78 ? 93  GLU A CG  1 
ATOM   727  C  CD  . GLU A 1 93  ? -0.358  18.190  -2.923  1.00 37.58 ? 93  GLU A CD  1 
ATOM   728  O  OE1 . GLU A 1 93  ? 0.588   17.380  -3.051  1.00 39.06 ? 93  GLU A OE1 1 
ATOM   729  O  OE2 . GLU A 1 93  ? -0.907  18.751  -3.899  1.00 39.04 ? 93  GLU A OE2 1 
ATOM   730  N  N   . HIS A 1 94  ? -1.625  16.236  1.313   1.00 21.96 ? 94  HIS A N   1 
ATOM   731  C  CA  . HIS A 1 94  ? -2.790  15.359  1.371   1.00 20.63 ? 94  HIS A CA  1 
ATOM   732  C  C   . HIS A 1 94  ? -3.230  14.907  2.760   1.00 19.39 ? 94  HIS A C   1 
ATOM   733  O  O   . HIS A 1 94  ? -4.093  14.038  2.884   1.00 18.43 ? 94  HIS A O   1 
ATOM   734  C  CB  . HIS A 1 94  ? -2.558  14.146  0.471   1.00 20.96 ? 94  HIS A CB  1 
ATOM   735  C  CG  . HIS A 1 94  ? -2.423  14.495  -0.977  1.00 21.56 ? 94  HIS A CG  1 
ATOM   736  N  ND1 . HIS A 1 94  ? -3.499  14.867  -1.755  1.00 21.12 ? 94  HIS A ND1 1 
ATOM   737  C  CD2 . HIS A 1 94  ? -1.337  14.551  -1.785  1.00 20.06 ? 94  HIS A CD2 1 
ATOM   738  C  CE1 . HIS A 1 94  ? -3.081  15.136  -2.979  1.00 22.99 ? 94  HIS A CE1 1 
ATOM   739  N  NE2 . HIS A 1 94  ? -1.774  14.951  -3.024  1.00 21.93 ? 94  HIS A NE2 1 
ATOM   740  N  N   . GLY A 1 95  ? -2.654  15.508  3.795   1.00 18.11 ? 95  GLY A N   1 
ATOM   741  C  CA  . GLY A 1 95  ? -3.006  15.150  5.160   1.00 19.59 ? 95  GLY A CA  1 
ATOM   742  C  C   . GLY A 1 95  ? -2.740  13.706  5.550   1.00 20.41 ? 95  GLY A C   1 
ATOM   743  O  O   . GLY A 1 95  ? -3.495  13.118  6.329   1.00 19.20 ? 95  GLY A O   1 
ATOM   744  N  N   . ILE A 1 96  ? -1.675  13.122  5.005   1.00 17.64 ? 96  ILE A N   1 
ATOM   745  C  CA  . ILE A 1 96  ? -1.321  11.741  5.321   1.00 17.38 ? 96  ILE A CA  1 
ATOM   746  C  C   . ILE A 1 96  ? -0.770  11.701  6.752   1.00 18.31 ? 96  ILE A C   1 
ATOM   747  O  O   . ILE A 1 96  ? 0.435   11.820  6.970   1.00 18.23 ? 96  ILE A O   1 
ATOM   748  C  CB  . ILE A 1 96  ? -0.269  11.194  4.331   1.00 16.41 ? 96  ILE A CB  1 
ATOM   749  C  CG1 . ILE A 1 96  ? -0.776  11.346  2.894   1.00 16.56 ? 96  ILE A CG1 1 
ATOM   750  C  CG2 . ILE A 1 96  ? 0.027   9.732   4.631   1.00 16.16 ? 96  ILE A CG2 1 
ATOM   751  C  CD1 . ILE A 1 96  ? 0.221   10.898  1.837   1.00 18.18 ? 96  ILE A CD1 1 
ATOM   752  N  N   . PHE A 1 97  ? -1.671  11.560  7.724   1.00 17.98 ? 97  PHE A N   1 
ATOM   753  C  CA  . PHE A 1 97  ? -1.286  11.539  9.132   1.00 17.58 ? 97  PHE A CA  1 
ATOM   754  C  C   . PHE A 1 97  ? -0.601  10.250  9.568   1.00 17.09 ? 97  PHE A C   1 
ATOM   755  O  O   . PHE A 1 97  ? 0.135   10.237  10.560  1.00 16.79 ? 97  PHE A O   1 
ATOM   756  C  CB  . PHE A 1 97  ? -2.501  11.827  10.029  1.00 18.52 ? 97  PHE A CB  1 
ATOM   757  C  CG  . PHE A 1 97  ? -3.546  10.740  10.014  1.00 18.61 ? 97  PHE A CG  1 
ATOM   758  C  CD1 . PHE A 1 97  ? -3.457  9.660   10.891  1.00 17.91 ? 97  PHE A CD1 1 
ATOM   759  C  CD2 . PHE A 1 97  ? -4.620  10.800  9.131   1.00 18.41 ? 97  PHE A CD2 1 
ATOM   760  C  CE1 . PHE A 1 97  ? -4.423  8.654   10.887  1.00 18.34 ? 97  PHE A CE1 1 
ATOM   761  C  CE2 . PHE A 1 97  ? -5.590  9.798   9.120   1.00 17.49 ? 97  PHE A CE2 1 
ATOM   762  C  CZ  . PHE A 1 97  ? -5.488  8.726   9.999   1.00 17.64 ? 97  PHE A CZ  1 
ATOM   763  N  N   . PHE A 1 98  ? -0.849  9.166   8.836   1.00 15.66 ? 98  PHE A N   1 
ATOM   764  C  CA  . PHE A 1 98  ? -0.244  7.883   9.154   1.00 14.79 ? 98  PHE A CA  1 
ATOM   765  C  C   . PHE A 1 98  ? 1.182   7.815   8.598   1.00 15.28 ? 98  PHE A C   1 
ATOM   766  O  O   . PHE A 1 98  ? 1.567   8.648   7.773   1.00 15.23 ? 98  PHE A O   1 
ATOM   767  C  CB  . PHE A 1 98  ? -1.129  6.721   8.657   1.00 15.03 ? 98  PHE A CB  1 
ATOM   768  C  CG  . PHE A 1 98  ? -1.453  6.762   7.188   1.00 15.24 ? 98  PHE A CG  1 
ATOM   769  C  CD1 . PHE A 1 98  ? -0.582  6.210   6.255   1.00 15.04 ? 98  PHE A CD1 1 
ATOM   770  C  CD2 . PHE A 1 98  ? -2.665  7.281   6.743   1.00 14.33 ? 98  PHE A CD2 1 
ATOM   771  C  CE1 . PHE A 1 98  ? -0.912  6.167   4.902   1.00 15.79 ? 98  PHE A CE1 1 
ATOM   772  C  CE2 . PHE A 1 98  ? -3.008  7.245   5.391   1.00 16.63 ? 98  PHE A CE2 1 
ATOM   773  C  CZ  . PHE A 1 98  ? -2.129  6.684   4.467   1.00 15.64 ? 98  PHE A CZ  1 
ATOM   774  N  N   . PRO A 1 99  ? 1.990   6.842   9.057   1.00 15.37 ? 99  PRO A N   1 
ATOM   775  C  CA  . PRO A 1 99  ? 3.370   6.726   8.572   1.00 16.32 ? 99  PRO A CA  1 
ATOM   776  C  C   . PRO A 1 99  ? 3.484   6.525   7.060   1.00 15.65 ? 99  PRO A C   1 
ATOM   777  O  O   . PRO A 1 99  ? 2.740   5.746   6.465   1.00 14.88 ? 99  PRO A O   1 
ATOM   778  C  CB  . PRO A 1 99  ? 3.900   5.510   9.338   1.00 16.56 ? 99  PRO A CB  1 
ATOM   779  C  CG  . PRO A 1 99  ? 3.078   5.504   10.592  1.00 17.09 ? 99  PRO A CG  1 
ATOM   780  C  CD  . PRO A 1 99  ? 1.708   5.803   10.061  1.00 16.19 ? 99  PRO A CD  1 
ATOM   781  N  N   . TYR A 1 100 ? 4.411   7.259   6.453   1.00 14.36 ? 100 TYR A N   1 
ATOM   782  C  CA  . TYR A 1 100 ? 4.680   7.177   5.019   1.00 14.37 ? 100 TYR A CA  1 
ATOM   783  C  C   . TYR A 1 100 ? 6.179   6.891   4.984   1.00 15.67 ? 100 TYR A C   1 
ATOM   784  O  O   . TYR A 1 100 ? 7.001   7.790   5.162   1.00 16.63 ? 100 TYR A O   1 
ATOM   785  C  CB  . TYR A 1 100 ? 4.341   8.505   4.345   1.00 14.60 ? 100 TYR A CB  1 
ATOM   786  C  CG  . TYR A 1 100 ? 4.474   8.495   2.841   1.00 15.85 ? 100 TYR A CG  1 
ATOM   787  C  CD1 . TYR A 1 100 ? 4.553   9.690   2.128   1.00 17.93 ? 100 TYR A CD1 1 
ATOM   788  C  CD2 . TYR A 1 100 ? 4.533   7.294   2.126   1.00 16.58 ? 100 TYR A CD2 1 
ATOM   789  C  CE1 . TYR A 1 100 ? 4.688   9.693   0.742   1.00 17.57 ? 100 TYR A CE1 1 
ATOM   790  C  CE2 . TYR A 1 100 ? 4.670   7.291   0.741   1.00 15.55 ? 100 TYR A CE2 1 
ATOM   791  C  CZ  . TYR A 1 100 ? 4.749   8.495   0.060   1.00 17.10 ? 100 TYR A CZ  1 
ATOM   792  O  OH  . TYR A 1 100 ? 4.913   8.506   -1.306  1.00 18.24 ? 100 TYR A OH  1 
ATOM   793  N  N   . LEU A 1 101 ? 6.505   5.621   4.761   1.00 15.36 ? 101 LEU A N   1 
ATOM   794  C  CA  . LEU A 1 101 ? 7.878   5.128   4.796   1.00 15.97 ? 101 LEU A CA  1 
ATOM   795  C  C   . LEU A 1 101 ? 8.642   4.973   3.489   1.00 16.53 ? 101 LEU A C   1 
ATOM   796  O  O   . LEU A 1 101 ? 8.077   4.617   2.458   1.00 14.47 ? 101 LEU A O   1 
ATOM   797  C  CB  . LEU A 1 101 ? 7.886   3.782   5.526   1.00 18.32 ? 101 LEU A CB  1 
ATOM   798  C  CG  . LEU A 1 101 ? 7.739   3.694   7.052   1.00 23.46 ? 101 LEU A CG  1 
ATOM   799  C  CD1 . LEU A 1 101 ? 7.214   4.964   7.685   1.00 18.59 ? 101 LEU A CD1 1 
ATOM   800  C  CD2 . LEU A 1 101 ? 6.886   2.491   7.401   1.00 18.37 ? 101 LEU A CD2 1 
ATOM   801  N  N   . LEU A 1 102 ? 9.950   5.206   3.566   1.00 17.12 ? 102 LEU A N   1 
ATOM   802  C  CA  . LEU A 1 102 ? 10.831  5.057   2.417   1.00 18.03 ? 102 LEU A CA  1 
ATOM   803  C  C   . LEU A 1 102 ? 11.501  3.687   2.470   1.00 17.97 ? 102 LEU A C   1 
ATOM   804  O  O   . LEU A 1 102 ? 12.060  3.296   3.503   1.00 17.89 ? 102 LEU A O   1 
ATOM   805  C  CB  . LEU A 1 102 ? 11.915  6.142   2.414   1.00 18.38 ? 102 LEU A CB  1 
ATOM   806  C  CG  . LEU A 1 102 ? 12.997  5.971   1.336   1.00 19.92 ? 102 LEU A CG  1 
ATOM   807  C  CD1 . LEU A 1 102 ? 12.397  6.152   -0.056  1.00 20.85 ? 102 LEU A CD1 1 
ATOM   808  C  CD2 . LEU A 1 102 ? 14.125  6.965   1.566   1.00 20.64 ? 102 LEU A CD2 1 
ATOM   809  N  N   . ASP A 1 103 ? 11.409  2.955   1.364   1.00 17.69 ? 103 ASP A N   1 
ATOM   810  C  CA  . ASP A 1 103 ? 12.030  1.640   1.230   1.00 17.70 ? 103 ASP A CA  1 
ATOM   811  C  C   . ASP A 1 103 ? 13.180  1.858   0.247   1.00 19.48 ? 103 ASP A C   1 
ATOM   812  O  O   . ASP A 1 103 ? 13.045  1.627   -0.954  1.00 18.23 ? 103 ASP A O   1 
ATOM   813  C  CB  . ASP A 1 103 ? 11.017  0.633   0.673   1.00 19.00 ? 103 ASP A CB  1 
ATOM   814  C  CG  . ASP A 1 103 ? 11.615  -0.757  0.440   1.00 20.29 ? 103 ASP A CG  1 
ATOM   815  O  OD1 . ASP A 1 103 ? 10.941  -1.565  -0.227  1.00 22.09 ? 103 ASP A OD1 1 
ATOM   816  O  OD2 . ASP A 1 103 ? 12.738  -1.048  0.908   1.00 20.53 ? 103 ASP A OD2 1 
ATOM   817  N  N   . GLU A 1 104 ? 14.301  2.337   0.781   1.00 20.36 ? 104 GLU A N   1 
ATOM   818  C  CA  . GLU A 1 104 ? 15.489  2.642   -0.008  1.00 23.00 ? 104 GLU A CA  1 
ATOM   819  C  C   . GLU A 1 104 ? 16.030  1.503   -0.875  1.00 22.91 ? 104 GLU A C   1 
ATOM   820  O  O   . GLU A 1 104 ? 16.291  1.697   -2.066  1.00 23.89 ? 104 GLU A O   1 
ATOM   821  C  CB  . GLU A 1 104 ? 16.595  3.168   0.919   1.00 24.08 ? 104 GLU A CB  1 
ATOM   822  C  CG  . GLU A 1 104 ? 17.944  3.423   0.243   1.00 26.67 ? 104 GLU A CG  1 
ATOM   823  C  CD  . GLU A 1 104 ? 17.905  4.516   -0.814  1.00 26.88 ? 104 GLU A CD  1 
ATOM   824  O  OE1 . GLU A 1 104 ? 18.707  4.444   -1.773  1.00 28.51 ? 104 GLU A OE1 1 
ATOM   825  O  OE2 . GLU A 1 104 ? 17.093  5.451   -0.687  1.00 26.81 ? 104 GLU A OE2 1 
ATOM   826  N  N   . THR A 1 105 ? 16.189  0.323   -0.282  1.00 22.48 ? 105 THR A N   1 
ATOM   827  C  CA  . THR A 1 105 ? 16.730  -0.838  -0.992  1.00 22.15 ? 105 THR A CA  1 
ATOM   828  C  C   . THR A 1 105 ? 15.713  -1.556  -1.863  1.00 21.79 ? 105 THR A C   1 
ATOM   829  O  O   . THR A 1 105 ? 16.080  -2.398  -2.688  1.00 19.96 ? 105 THR A O   1 
ATOM   830  C  CB  . THR A 1 105 ? 17.298  -1.881  -0.010  1.00 23.23 ? 105 THR A CB  1 
ATOM   831  O  OG1 . THR A 1 105 ? 16.228  -2.456  0.749   1.00 22.79 ? 105 THR A OG1 1 
ATOM   832  C  CG2 . THR A 1 105 ? 18.303  -1.237  0.932   1.00 22.55 ? 105 THR A CG2 1 
ATOM   833  N  N   . GLN A 1 106 ? 14.438  -1.233  -1.654  1.00 19.70 ? 106 GLN A N   1 
ATOM   834  C  CA  . GLN A 1 106 ? 13.328  -1.842  -2.387  1.00 19.99 ? 106 GLN A CA  1 
ATOM   835  C  C   . GLN A 1 106 ? 13.088  -3.296  -1.963  1.00 20.04 ? 106 GLN A C   1 
ATOM   836  O  O   . GLN A 1 106 ? 12.271  -3.997  -2.564  1.00 19.68 ? 106 GLN A O   1 
ATOM   837  C  CB  . GLN A 1 106 ? 13.548  -1.752  -3.905  1.00 18.87 ? 106 GLN A CB  1 
ATOM   838  C  CG  . GLN A 1 106 ? 13.772  -0.337  -4.409  1.00 18.77 ? 106 GLN A CG  1 
ATOM   839  C  CD  . GLN A 1 106 ? 13.783  -0.244  -5.921  1.00 19.76 ? 106 GLN A CD  1 
ATOM   840  O  OE1 . GLN A 1 106 ? 14.359  -1.095  -6.607  1.00 18.93 ? 106 GLN A OE1 1 
ATOM   841  N  NE2 . GLN A 1 106 ? 13.150  0.798   -6.451  1.00 17.95 ? 106 GLN A NE2 1 
ATOM   842  N  N   . GLU A 1 107 ? 13.769  -3.723  -0.897  1.00 20.33 ? 107 GLU A N   1 
ATOM   843  C  CA  . GLU A 1 107 ? 13.650  -5.089  -0.382  1.00 22.08 ? 107 GLU A CA  1 
ATOM   844  C  C   . GLU A 1 107 ? 12.281  -5.417  0.213   1.00 19.79 ? 107 GLU A C   1 
ATOM   845  O  O   . GLU A 1 107 ? 11.862  -6.573  0.200   1.00 19.33 ? 107 GLU A O   1 
ATOM   846  C  CB  . GLU A 1 107 ? 14.733  -5.371  0.668   1.00 25.70 ? 107 GLU A CB  1 
ATOM   847  C  CG  . GLU A 1 107 ? 14.532  -4.641  1.994   1.00 30.82 ? 107 GLU A CG  1 
ATOM   848  C  CD  . GLU A 1 107 ? 15.641  -4.918  2.997   1.00 34.96 ? 107 GLU A CD  1 
ATOM   849  O  OE1 . GLU A 1 107 ? 16.791  -4.486  2.753   1.00 35.97 ? 107 GLU A OE1 1 
ATOM   850  O  OE2 . GLU A 1 107 ? 15.358  -5.557  4.036   1.00 36.05 ? 107 GLU A OE2 1 
ATOM   851  N  N   . VAL A 1 108 ? 11.608  -4.417  0.777   1.00 19.09 ? 108 VAL A N   1 
ATOM   852  C  CA  . VAL A 1 108 ? 10.296  -4.651  1.363   1.00 18.25 ? 108 VAL A CA  1 
ATOM   853  C  C   . VAL A 1 108 ? 9.304   -4.886  0.229   1.00 17.04 ? 108 VAL A C   1 
ATOM   854  O  O   . VAL A 1 108 ? 8.530   -5.837  0.265   1.00 17.44 ? 108 VAL A O   1 
ATOM   855  C  CB  . VAL A 1 108 ? 9.853   -3.485  2.271   1.00 18.80 ? 108 VAL A CB  1 
ATOM   856  C  CG1 . VAL A 1 108 ? 8.513   -3.802  2.909   1.00 17.45 ? 108 VAL A CG1 1 
ATOM   857  C  CG2 . VAL A 1 108 ? 10.906  -3.234  3.347   1.00 18.78 ? 108 VAL A CG2 1 
ATOM   858  N  N   . ALA A 1 109 ? 9.383   -4.054  -0.807  1.00 18.25 ? 109 ALA A N   1 
ATOM   859  C  CA  . ALA A 1 109 ? 8.522   -4.202  -1.975  1.00 18.36 ? 109 ALA A CA  1 
ATOM   860  C  C   . ALA A 1 109 ? 8.745   -5.594  -2.579  1.00 19.65 ? 109 ALA A C   1 
ATOM   861  O  O   . ALA A 1 109 ? 7.790   -6.279  -2.944  1.00 18.34 ? 109 ALA A O   1 
ATOM   862  C  CB  . ALA A 1 109 ? 8.830   -3.118  -2.995  1.00 18.79 ? 109 ALA A CB  1 
ATOM   863  N  N   . LYS A 1 110 ? 10.007  -6.025  -2.637  1.00 20.44 ? 110 LYS A N   1 
ATOM   864  C  CA  . LYS A 1 110 ? 10.344  -7.345  -3.172  1.00 23.11 ? 110 LYS A CA  1 
ATOM   865  C  C   . LYS A 1 110 ? 9.782   -8.476  -2.309  1.00 21.04 ? 110 LYS A C   1 
ATOM   866  O  O   . LYS A 1 110 ? 9.265   -9.463  -2.830  1.00 22.81 ? 110 LYS A O   1 
ATOM   867  C  CB  . LYS A 1 110 ? 11.864  -7.514  -3.290  1.00 25.65 ? 110 LYS A CB  1 
ATOM   868  C  CG  . LYS A 1 110 ? 12.495  -6.845  -4.498  1.00 30.91 ? 110 LYS A CG  1 
ATOM   869  C  CD  . LYS A 1 110 ? 14.014  -7.019  -4.463  1.00 34.75 ? 110 LYS A CD  1 
ATOM   870  C  CE  . LYS A 1 110 ? 14.656  -6.684  -5.798  1.00 37.81 ? 110 LYS A CE  1 
ATOM   871  N  NZ  . LYS A 1 110 ? 14.260  -7.656  -6.862  1.00 39.15 ? 110 LYS A NZ  1 
ATOM   872  N  N   . ALA A 1 111 ? 9.905   -8.335  -0.992  1.00 21.59 ? 111 ALA A N   1 
ATOM   873  C  CA  . ALA A 1 111 ? 9.407   -9.343  -0.055  1.00 21.08 ? 111 ALA A CA  1 
ATOM   874  C  C   . ALA A 1 111 ? 7.895   -9.525  -0.199  1.00 21.31 ? 111 ALA A C   1 
ATOM   875  O  O   . ALA A 1 111 ? 7.382   -10.644 -0.120  1.00 21.41 ? 111 ALA A O   1 
ATOM   876  C  CB  . ALA A 1 111 ? 9.768   -8.958  1.374   1.00 21.81 ? 111 ALA A CB  1 
ATOM   877  N  N   . TYR A 1 112 ? 7.189   -8.422  -0.435  1.00 20.62 ? 112 TYR A N   1 
ATOM   878  C  CA  . TYR A 1 112 ? 5.739   -8.458  -0.613  1.00 19.95 ? 112 TYR A CA  1 
ATOM   879  C  C   . TYR A 1 112 ? 5.354   -8.836  -2.035  1.00 19.24 ? 112 TYR A C   1 
ATOM   880  O  O   . TYR A 1 112 ? 4.176   -9.030  -2.336  1.00 19.02 ? 112 TYR A O   1 
ATOM   881  C  CB  . TYR A 1 112 ? 5.130   -7.099  -0.273  1.00 18.54 ? 112 TYR A CB  1 
ATOM   882  C  CG  . TYR A 1 112 ? 4.876   -6.915  1.198   1.00 19.38 ? 112 TYR A CG  1 
ATOM   883  C  CD1 . TYR A 1 112 ? 5.919   -6.624  2.076   1.00 18.56 ? 112 TYR A CD1 1 
ATOM   884  C  CD2 . TYR A 1 112 ? 3.595   -7.080  1.724   1.00 18.03 ? 112 TYR A CD2 1 
ATOM   885  C  CE1 . TYR A 1 112 ? 5.694   -6.510  3.444   1.00 20.86 ? 112 TYR A CE1 1 
ATOM   886  C  CE2 . TYR A 1 112 ? 3.358   -6.971  3.089   1.00 20.76 ? 112 TYR A CE2 1 
ATOM   887  C  CZ  . TYR A 1 112 ? 4.410   -6.690  3.942   1.00 20.77 ? 112 TYR A CZ  1 
ATOM   888  O  OH  . TYR A 1 112 ? 4.185   -6.622  5.292   1.00 22.11 ? 112 TYR A OH  1 
ATOM   889  N  N   . ARG A 1 113 ? 6.361   -8.950  -2.898  1.00 20.35 ? 113 ARG A N   1 
ATOM   890  C  CA  . ARG A 1 113 ? 6.159   -9.264  -4.306  1.00 20.99 ? 113 ARG A CA  1 
ATOM   891  C  C   . ARG A 1 113 ? 5.205   -8.263  -4.951  1.00 18.89 ? 113 ARG A C   1 
ATOM   892  O  O   . ARG A 1 113 ? 4.420   -8.598  -5.842  1.00 18.45 ? 113 ARG A O   1 
ATOM   893  C  CB  . ARG A 1 113 ? 5.693   -10.707 -4.504  1.00 22.65 ? 113 ARG A CB  1 
ATOM   894  C  CG  . ARG A 1 113 ? 6.819   -11.718 -4.326  1.00 26.92 ? 113 ARG A CG  1 
ATOM   895  C  CD  . ARG A 1 113 ? 6.765   -12.399 -2.975  1.00 30.87 ? 113 ARG A CD  1 
ATOM   896  N  NE  . ARG A 1 113 ? 5.705   -13.402 -2.938  1.00 36.00 ? 113 ARG A NE  1 
ATOM   897  C  CZ  . ARG A 1 113 ? 5.630   -14.392 -2.053  1.00 36.60 ? 113 ARG A CZ  1 
ATOM   898  N  NH1 . ARG A 1 113 ? 6.557   -14.521 -1.110  1.00 36.98 ? 113 ARG A NH1 1 
ATOM   899  N  NH2 . ARG A 1 113 ? 4.636   -15.266 -2.128  1.00 36.55 ? 113 ARG A NH2 1 
ATOM   900  N  N   . ALA A 1 114 ? 5.310   -7.017  -4.491  1.00 18.90 ? 114 ALA A N   1 
ATOM   901  C  CA  . ALA A 1 114 ? 4.494   -5.915  -4.984  1.00 18.18 ? 114 ALA A CA  1 
ATOM   902  C  C   . ALA A 1 114 ? 4.928   -5.534  -6.397  1.00 18.20 ? 114 ALA A C   1 
ATOM   903  O  O   . ALA A 1 114 ? 6.094   -5.710  -6.769  1.00 18.77 ? 114 ALA A O   1 
ATOM   904  C  CB  . ALA A 1 114 ? 4.623   -4.722  -4.054  1.00 18.56 ? 114 ALA A CB  1 
ATOM   905  N  N   . LEU A 1 115 ? 3.999   -4.971  -7.163  1.00 16.60 ? 115 LEU A N   1 
ATOM   906  C  CA  . LEU A 1 115 ? 4.275   -4.579  -8.539  1.00 16.94 ? 115 LEU A CA  1 
ATOM   907  C  C   . LEU A 1 115 ? 3.801   -3.192  -8.923  1.00 17.23 ? 115 LEU A C   1 
ATOM   908  O  O   . LEU A 1 115 ? 4.346   -2.589  -9.843  1.00 16.35 ? 115 LEU A O   1 
ATOM   909  C  CB  . LEU A 1 115 ? 3.623   -5.572  -9.505  1.00 16.99 ? 115 LEU A CB  1 
ATOM   910  C  CG  . LEU A 1 115 ? 4.142   -7.004  -9.527  1.00 19.42 ? 115 LEU A CG  1 
ATOM   911  C  CD1 . LEU A 1 115 ? 3.213   -7.862  -10.379 1.00 19.18 ? 115 LEU A CD1 1 
ATOM   912  C  CD2 . LEU A 1 115 ? 5.560   -7.020  -10.078 1.00 17.93 ? 115 LEU A CD2 1 
ATOM   913  N  N   . ARG A 1 116 ? 2.777   -2.689  -8.238  1.00 16.39 ? 116 ARG A N   1 
ATOM   914  C  CA  . ARG A 1 116 ? 2.224   -1.388  -8.592  1.00 15.05 ? 116 ARG A CA  1 
ATOM   915  C  C   . ARG A 1 116 ? 1.941   -0.439  -7.434  1.00 13.76 ? 116 ARG A C   1 
ATOM   916  O  O   . ARG A 1 116 ? 2.058   -0.800  -6.261  1.00 13.96 ? 116 ARG A O   1 
ATOM   917  C  CB  . ARG A 1 116 ? 0.918   -1.589  -9.366  1.00 14.54 ? 116 ARG A CB  1 
ATOM   918  C  CG  . ARG A 1 116 ? 1.033   -2.488  -10.584 1.00 16.12 ? 116 ARG A CG  1 
ATOM   919  C  CD  . ARG A 1 116 ? -0.321  -2.731  -11.218 1.00 19.56 ? 116 ARG A CD  1 
ATOM   920  N  NE  . ARG A 1 116 ? -0.200  -3.605  -12.381 1.00 20.44 ? 116 ARG A NE  1 
ATOM   921  C  CZ  . ARG A 1 116 ? -0.476  -4.907  -12.381 1.00 25.64 ? 116 ARG A CZ  1 
ATOM   922  N  NH1 . ARG A 1 116 ? -0.898  -5.507  -11.276 1.00 27.73 ? 116 ARG A NH1 1 
ATOM   923  N  NH2 . ARG A 1 116 ? -0.328  -5.610  -13.497 1.00 27.81 ? 116 ARG A NH2 1 
ATOM   924  N  N   . THR A 1 117 ? 1.577   0.785   -7.805  1.00 14.98 ? 117 THR A N   1 
ATOM   925  C  CA  . THR A 1 117 ? 1.220   1.848   -6.869  1.00 13.00 ? 117 THR A CA  1 
ATOM   926  C  C   . THR A 1 117 ? -0.089  2.480   -7.355  1.00 13.79 ? 117 THR A C   1 
ATOM   927  O  O   . THR A 1 117 ? -0.175  2.957   -8.492  1.00 15.06 ? 117 THR A O   1 
ATOM   928  C  CB  . THR A 1 117 ? 2.315   2.950   -6.781  1.00 14.72 ? 117 THR A CB  1 
ATOM   929  O  OG1 . THR A 1 117 ? 2.489   3.578   -8.060  1.00 15.37 ? 117 THR A OG1 1 
ATOM   930  C  CG2 . THR A 1 117 ? 3.645   2.362   -6.316  1.00 15.51 ? 117 THR A CG2 1 
ATOM   931  N  N   . PRO A 1 118 ? -1.132  2.490   -6.503  1.00 12.42 ? 118 PRO A N   1 
ATOM   932  C  CA  . PRO A 1 118 ? -1.145  1.952   -5.140  1.00 12.53 ? 118 PRO A CA  1 
ATOM   933  C  C   . PRO A 1 118 ? -1.528  0.472   -5.088  1.00 13.35 ? 118 PRO A C   1 
ATOM   934  O  O   . PRO A 1 118 ? -2.425  0.026   -5.810  1.00 15.06 ? 118 PRO A O   1 
ATOM   935  C  CB  . PRO A 1 118 ? -2.198  2.819   -4.453  1.00 12.83 ? 118 PRO A CB  1 
ATOM   936  C  CG  . PRO A 1 118 ? -3.236  2.982   -5.547  1.00 13.55 ? 118 PRO A CG  1 
ATOM   937  C  CD  . PRO A 1 118 ? -2.389  3.206   -6.807  1.00 12.42 ? 118 PRO A CD  1 
ATOM   938  N  N   . GLU A 1 119 ? -0.829  -0.287  -4.252  1.00 12.10 ? 119 GLU A N   1 
ATOM   939  C  CA  . GLU A 1 119 ? -1.109  -1.709  -4.077  1.00 13.41 ? 119 GLU A CA  1 
ATOM   940  C  C   . GLU A 1 119 ? -1.268  -1.952  -2.583  1.00 13.75 ? 119 GLU A C   1 
ATOM   941  O  O   . GLU A 1 119 ? -0.352  -1.710  -1.805  1.00 14.00 ? 119 GLU A O   1 
ATOM   942  C  CB  . GLU A 1 119 ? 0.024   -2.565  -4.650  1.00 13.50 ? 119 GLU A CB  1 
ATOM   943  C  CG  . GLU A 1 119 ? -0.229  -4.066  -4.562  1.00 15.87 ? 119 GLU A CG  1 
ATOM   944  C  CD  . GLU A 1 119 ? 0.798   -4.878  -5.337  1.00 16.42 ? 119 GLU A CD  1 
ATOM   945  O  OE1 . GLU A 1 119 ? 0.971   -6.070  -5.021  1.00 16.75 ? 119 GLU A OE1 1 
ATOM   946  O  OE2 . GLU A 1 119 ? 1.429   -4.327  -6.260  1.00 16.38 ? 119 GLU A OE2 1 
ATOM   947  N  N   . VAL A 1 120 ? -2.449  -2.415  -2.188  1.00 13.19 ? 120 VAL A N   1 
ATOM   948  C  CA  . VAL A 1 120 ? -2.748  -2.637  -0.778  1.00 13.45 ? 120 VAL A CA  1 
ATOM   949  C  C   . VAL A 1 120 ? -2.712  -4.083  -0.313  1.00 12.83 ? 120 VAL A C   1 
ATOM   950  O  O   . VAL A 1 120 ? -3.145  -4.996  -1.020  1.00 12.38 ? 120 VAL A O   1 
ATOM   951  C  CB  . VAL A 1 120 ? -4.150  -2.060  -0.414  1.00 15.08 ? 120 VAL A CB  1 
ATOM   952  C  CG1 . VAL A 1 120 ? -4.344  -2.039  1.100   1.00 15.19 ? 120 VAL A CG1 1 
ATOM   953  C  CG2 . VAL A 1 120 ? -4.317  -0.668  -0.994  1.00 17.12 ? 120 VAL A CG2 1 
ATOM   954  N  N   . PHE A 1 121 ? -2.214  -4.264  0.907   1.00 13.92 ? 121 PHE A N   1 
ATOM   955  C  CA  . PHE A 1 121 ? -2.148  -5.566  1.563   1.00 14.22 ? 121 PHE A CA  1 
ATOM   956  C  C   . PHE A 1 121 ? -2.851  -5.349  2.905   1.00 15.33 ? 121 PHE A C   1 
ATOM   957  O  O   . PHE A 1 121 ? -2.347  -4.622  3.758   1.00 15.30 ? 121 PHE A O   1 
ATOM   958  C  CB  . PHE A 1 121 ? -0.694  -5.990  1.795   1.00 14.49 ? 121 PHE A CB  1 
ATOM   959  C  CG  . PHE A 1 121 ? 0.058   -6.327  0.531   1.00 14.28 ? 121 PHE A CG  1 
ATOM   960  C  CD1 . PHE A 1 121 ? 0.660   -5.326  -0.227  1.00 14.46 ? 121 PHE A CD1 1 
ATOM   961  C  CD2 . PHE A 1 121 ? 0.194   -7.652  0.120   1.00 16.54 ? 121 PHE A CD2 1 
ATOM   962  C  CE1 . PHE A 1 121 ? 1.389   -5.639  -1.379  1.00 15.36 ? 121 PHE A CE1 1 
ATOM   963  C  CE2 . PHE A 1 121 ? 0.922   -7.978  -1.029  1.00 16.31 ? 121 PHE A CE2 1 
ATOM   964  C  CZ  . PHE A 1 121 ? 1.520   -6.969  -1.778  1.00 17.50 ? 121 PHE A CZ  1 
ATOM   965  N  N   . LEU A 1 122 ? -4.041  -5.929  3.062   1.00 15.27 ? 122 LEU A N   1 
ATOM   966  C  CA  . LEU A 1 122 ? -4.820  -5.777  4.294   1.00 15.47 ? 122 LEU A CA  1 
ATOM   967  C  C   . LEU A 1 122 ? -4.730  -7.032  5.156   1.00 15.95 ? 122 LEU A C   1 
ATOM   968  O  O   . LEU A 1 122 ? -5.101  -8.119  4.712   1.00 15.73 ? 122 LEU A O   1 
ATOM   969  C  CB  . LEU A 1 122 ? -6.289  -5.482  3.957   1.00 14.34 ? 122 LEU A CB  1 
ATOM   970  C  CG  . LEU A 1 122 ? -7.256  -5.282  5.130   1.00 13.70 ? 122 LEU A CG  1 
ATOM   971  C  CD1 . LEU A 1 122 ? -6.872  -4.028  5.915   1.00 15.42 ? 122 LEU A CD1 1 
ATOM   972  C  CD2 . LEU A 1 122 ? -8.682  -5.151  4.596   1.00 15.10 ? 122 LEU A CD2 1 
ATOM   973  N  N   . PHE A 1 123 ? -4.273  -6.859  6.397   1.00 16.32 ? 123 PHE A N   1 
ATOM   974  C  CA  . PHE A 1 123 ? -4.109  -7.963  7.347   1.00 17.97 ? 123 PHE A CA  1 
ATOM   975  C  C   . PHE A 1 123 ? -5.119  -7.900  8.494   1.00 19.02 ? 123 PHE A C   1 
ATOM   976  O  O   . PHE A 1 123 ? -5.518  -6.814  8.917   1.00 18.51 ? 123 PHE A O   1 
ATOM   977  C  CB  . PHE A 1 123 ? -2.692  -7.940  7.925   1.00 16.83 ? 123 PHE A CB  1 
ATOM   978  C  CG  . PHE A 1 123 ? -1.613  -8.172  6.904   1.00 17.85 ? 123 PHE A CG  1 
ATOM   979  C  CD1 . PHE A 1 123 ? -1.126  -9.455  6.672   1.00 17.11 ? 123 PHE A CD1 1 
ATOM   980  C  CD2 . PHE A 1 123 ? -1.087  -7.111  6.170   1.00 17.39 ? 123 PHE A CD2 1 
ATOM   981  C  CE1 . PHE A 1 123 ? -0.132  -9.686  5.721   1.00 17.83 ? 123 PHE A CE1 1 
ATOM   982  C  CE2 . PHE A 1 123 ? -0.089  -7.329  5.210   1.00 17.34 ? 123 PHE A CE2 1 
ATOM   983  C  CZ  . PHE A 1 123 ? 0.388   -8.617  4.986   1.00 18.73 ? 123 PHE A CZ  1 
ATOM   984  N  N   . ASP A 1 124 ? -5.508  -9.065  9.013   1.00 20.29 ? 124 ASP A N   1 
ATOM   985  C  CA  . ASP A 1 124 ? -6.473  -9.125  10.113  1.00 21.11 ? 124 ASP A CA  1 
ATOM   986  C  C   . ASP A 1 124 ? -5.824  -9.156  11.503  1.00 22.81 ? 124 ASP A C   1 
ATOM   987  O  O   . ASP A 1 124 ? -4.632  -8.889  11.643  1.00 22.11 ? 124 ASP A O   1 
ATOM   988  C  CB  . ASP A 1 124 ? -7.437  -10.311 9.927   1.00 21.55 ? 124 ASP A CB  1 
ATOM   989  C  CG  . ASP A 1 124 ? -6.742  -11.671 9.980   1.00 22.85 ? 124 ASP A CG  1 
ATOM   990  O  OD1 . ASP A 1 124 ? -5.565  -11.759 10.395  1.00 23.40 ? 124 ASP A OD1 1 
ATOM   991  O  OD2 . ASP A 1 124 ? -7.398  -12.671 9.611   1.00 23.72 ? 124 ASP A OD2 1 
ATOM   992  N  N   . GLU A 1 125 ? -6.615  -9.507  12.518  1.00 23.90 ? 125 GLU A N   1 
ATOM   993  C  CA  . GLU A 1 125 ? -6.150  -9.571  13.906  1.00 26.57 ? 125 GLU A CA  1 
ATOM   994  C  C   . GLU A 1 125 ? -5.016  -10.565 14.145  1.00 26.99 ? 125 GLU A C   1 
ATOM   995  O  O   . GLU A 1 125 ? -4.216  -10.391 15.063  1.00 27.84 ? 125 GLU A O   1 
ATOM   996  C  CB  . GLU A 1 125 ? -7.309  -9.902  14.850  1.00 28.56 ? 125 GLU A CB  1 
ATOM   997  C  CG  . GLU A 1 125 ? -8.433  -8.877  14.864  1.00 32.85 ? 125 GLU A CG  1 
ATOM   998  C  CD  . GLU A 1 125 ? -9.487  -9.100  13.784  1.00 34.76 ? 125 GLU A CD  1 
ATOM   999  O  OE1 . GLU A 1 125 ? -9.307  -9.971  12.902  1.00 35.41 ? 125 GLU A OE1 1 
ATOM   1000 O  OE2 . GLU A 1 125 ? -10.516 -8.395  13.831  1.00 37.44 ? 125 GLU A OE2 1 
ATOM   1001 N  N   . ARG A 1 126 ? -4.993  -11.635 13.358  1.00 26.85 ? 126 ARG A N   1 
ATOM   1002 C  CA  . ARG A 1 126 ? -3.948  -12.649 13.471  1.00 28.33 ? 126 ARG A CA  1 
ATOM   1003 C  C   . ARG A 1 126 ? -2.818  -12.295 12.512  1.00 28.45 ? 126 ARG A C   1 
ATOM   1004 O  O   . ARG A 1 126 ? -1.890  -13.080 12.306  1.00 29.86 ? 126 ARG A O   1 
ATOM   1005 C  CB  . ARG A 1 126 ? -4.515  -14.025 13.123  1.00 30.83 ? 126 ARG A CB  1 
ATOM   1006 C  CG  . ARG A 1 126 ? -5.579  -14.513 14.092  1.00 33.86 ? 126 ARG A CG  1 
ATOM   1007 C  CD  . ARG A 1 126 ? -6.812  -15.007 13.359  1.00 37.90 ? 126 ARG A CD  1 
ATOM   1008 N  NE  . ARG A 1 126 ? -6.508  -16.091 12.429  1.00 40.40 ? 126 ARG A NE  1 
ATOM   1009 C  CZ  . ARG A 1 126 ? -7.421  -16.733 11.706  1.00 41.90 ? 126 ARG A CZ  1 
ATOM   1010 N  NH1 . ARG A 1 126 ? -8.704  -16.404 11.804  1.00 44.06 ? 126 ARG A NH1 1 
ATOM   1011 N  NH2 . ARG A 1 126 ? -7.051  -17.699 10.876  1.00 41.89 ? 126 ARG A NH2 1 
ATOM   1012 N  N   . ARG A 1 127 ? -2.909  -11.093 11.945  1.00 26.28 ? 127 ARG A N   1 
ATOM   1013 C  CA  . ARG A 1 127 ? -1.940  -10.575 10.985  1.00 23.10 ? 127 ARG A CA  1 
ATOM   1014 C  C   . ARG A 1 127 ? -1.687  -11.517 9.811   1.00 23.11 ? 127 ARG A C   1 
ATOM   1015 O  O   . ARG A 1 127 ? -0.542  -11.809 9.447   1.00 21.74 ? 127 ARG A O   1 
ATOM   1016 C  CB  . ARG A 1 127 ? -0.641  -10.151 11.675  1.00 23.66 ? 127 ARG A CB  1 
ATOM   1017 C  CG  . ARG A 1 127 ? -0.777  -8.866  12.491  1.00 23.07 ? 127 ARG A CG  1 
ATOM   1018 C  CD  . ARG A 1 127 ? -1.215  -7.686  11.621  1.00 21.52 ? 127 ARG A CD  1 
ATOM   1019 N  NE  . ARG A 1 127 ? -1.255  -6.424  12.363  1.00 21.41 ? 127 ARG A NE  1 
ATOM   1020 C  CZ  . ARG A 1 127 ? -2.363  -5.854  12.835  1.00 20.80 ? 127 ARG A CZ  1 
ATOM   1021 N  NH1 . ARG A 1 127 ? -3.547  -6.422  12.649  1.00 20.84 ? 127 ARG A NH1 1 
ATOM   1022 N  NH2 . ARG A 1 127 ? -2.286  -4.712  13.508  1.00 20.48 ? 127 ARG A NH2 1 
ATOM   1023 N  N   . LEU A 1 128 ? -2.784  -12.013 9.250   1.00 21.43 ? 128 LEU A N   1 
ATOM   1024 C  CA  . LEU A 1 128 ? -2.743  -12.894 8.090   1.00 21.38 ? 128 LEU A CA  1 
ATOM   1025 C  C   . LEU A 1 128 ? -3.391  -12.088 6.972   1.00 20.98 ? 128 LEU A C   1 
ATOM   1026 O  O   . LEU A 1 128 ? -4.321  -11.316 7.223   1.00 20.00 ? 128 LEU A O   1 
ATOM   1027 C  CB  . LEU A 1 128 ? -3.531  -14.183 8.357   1.00 23.16 ? 128 LEU A CB  1 
ATOM   1028 C  CG  . LEU A 1 128 ? -3.077  -14.984 9.586   1.00 22.87 ? 128 LEU A CG  1 
ATOM   1029 C  CD1 . LEU A 1 128 ? -3.927  -16.237 9.739   1.00 25.54 ? 128 LEU A CD1 1 
ATOM   1030 C  CD2 . LEU A 1 128 ? -1.604  -15.338 9.476   1.00 23.78 ? 128 LEU A CD2 1 
ATOM   1031 N  N   . LEU A 1 129 ? -2.885  -12.242 5.751   1.00 18.74 ? 129 LEU A N   1 
ATOM   1032 C  CA  . LEU A 1 129 ? -3.403  -11.499 4.599   1.00 19.26 ? 129 LEU A CA  1 
ATOM   1033 C  C   . LEU A 1 129 ? -4.839  -11.875 4.226   1.00 18.92 ? 129 LEU A C   1 
ATOM   1034 O  O   . LEU A 1 129 ? -5.129  -13.029 3.907   1.00 20.37 ? 129 LEU A O   1 
ATOM   1035 C  CB  . LEU A 1 129 ? -2.465  -11.679 3.401   1.00 18.17 ? 129 LEU A CB  1 
ATOM   1036 C  CG  . LEU A 1 129 ? -2.737  -10.855 2.141   1.00 16.28 ? 129 LEU A CG  1 
ATOM   1037 C  CD1 . LEU A 1 129 ? -2.645  -9.363  2.450   1.00 15.70 ? 129 LEU A CD1 1 
ATOM   1038 C  CD2 . LEU A 1 129 ? -1.730  -11.240 1.063   1.00 17.92 ? 129 LEU A CD2 1 
ATOM   1039 N  N   . ARG A 1 130 ? -5.735  -10.893 4.258   1.00 17.68 ? 130 ARG A N   1 
ATOM   1040 C  CA  . ARG A 1 130 ? -7.140  -11.138 3.944   1.00 17.81 ? 130 ARG A CA  1 
ATOM   1041 C  C   . ARG A 1 130 ? -7.603  -10.494 2.646   1.00 16.91 ? 130 ARG A C   1 
ATOM   1042 O  O   . ARG A 1 130 ? -8.555  -10.958 2.028   1.00 16.12 ? 130 ARG A O   1 
ATOM   1043 C  CB  . ARG A 1 130 ? -8.031  -10.692 5.102   1.00 18.75 ? 130 ARG A CB  1 
ATOM   1044 C  CG  . ARG A 1 130 ? -7.761  -11.443 6.397   1.00 20.19 ? 130 ARG A CG  1 
ATOM   1045 C  CD  . ARG A 1 130 ? -7.992  -12.944 6.246   1.00 21.30 ? 130 ARG A CD  1 
ATOM   1046 N  NE  . ARG A 1 130 ? -9.399  -13.257 6.010   1.00 23.94 ? 130 ARG A NE  1 
ATOM   1047 C  CZ  . ARG A 1 130 ? -10.349 -13.190 6.939   1.00 22.71 ? 130 ARG A CZ  1 
ATOM   1048 N  NH1 . ARG A 1 130 ? -11.600 -13.485 6.625   1.00 24.76 ? 130 ARG A NH1 1 
ATOM   1049 N  NH2 . ARG A 1 130 ? -10.051 -12.831 8.180   1.00 25.30 ? 130 ARG A NH2 1 
ATOM   1050 N  N   . TYR A 1 131 ? -6.954  -9.402  2.257   1.00 14.98 ? 131 TYR A N   1 
ATOM   1051 C  CA  . TYR A 1 131 ? -7.291  -8.725  1.014   1.00 15.54 ? 131 TYR A CA  1 
ATOM   1052 C  C   . TYR A 1 131 ? -6.033  -8.152  0.396   1.00 15.39 ? 131 TYR A C   1 
ATOM   1053 O  O   . TYR A 1 131 ? -5.227  -7.510  1.071   1.00 15.16 ? 131 TYR A O   1 
ATOM   1054 C  CB  . TYR A 1 131 ? -8.323  -7.606  1.224   1.00 14.59 ? 131 TYR A CB  1 
ATOM   1055 C  CG  . TYR A 1 131 ? -8.552  -6.763  -0.012  1.00 14.30 ? 131 TYR A CG  1 
ATOM   1056 C  CD1 . TYR A 1 131 ? -7.846  -5.575  -0.206  1.00 13.83 ? 131 TYR A CD1 1 
ATOM   1057 C  CD2 . TYR A 1 131 ? -9.440  -7.171  -1.007  1.00 15.06 ? 131 TYR A CD2 1 
ATOM   1058 C  CE1 . TYR A 1 131 ? -8.009  -4.816  -1.360  1.00 15.40 ? 131 TYR A CE1 1 
ATOM   1059 C  CE2 . TYR A 1 131 ? -9.612  -6.419  -2.169  1.00 15.67 ? 131 TYR A CE2 1 
ATOM   1060 C  CZ  . TYR A 1 131 ? -8.890  -5.244  -2.339  1.00 16.17 ? 131 TYR A CZ  1 
ATOM   1061 O  OH  . TYR A 1 131 ? -9.033  -4.511  -3.490  1.00 14.13 ? 131 TYR A OH  1 
ATOM   1062 N  N   . HIS A 1 132 ? -5.879  -8.384  -0.900  1.00 15.52 ? 132 HIS A N   1 
ATOM   1063 C  CA  . HIS A 1 132 ? -4.724  -7.880  -1.620  1.00 14.77 ? 132 HIS A CA  1 
ATOM   1064 C  C   . HIS A 1 132 ? -5.134  -7.354  -2.979  1.00 16.11 ? 132 HIS A C   1 
ATOM   1065 O  O   . HIS A 1 132 ? -5.783  -8.060  -3.757  1.00 16.68 ? 132 HIS A O   1 
ATOM   1066 C  CB  . HIS A 1 132 ? -3.673  -8.981  -1.792  1.00 15.31 ? 132 HIS A CB  1 
ATOM   1067 C  CG  . HIS A 1 132 ? -2.542  -8.591  -2.694  1.00 17.89 ? 132 HIS A CG  1 
ATOM   1068 N  ND1 . HIS A 1 132 ? -2.008  -9.447  -3.633  1.00 19.09 ? 132 HIS A ND1 1 
ATOM   1069 C  CD2 . HIS A 1 132 ? -1.857  -7.430  -2.809  1.00 17.74 ? 132 HIS A CD2 1 
ATOM   1070 C  CE1 . HIS A 1 132 ? -1.041  -8.828  -4.288  1.00 19.68 ? 132 HIS A CE1 1 
ATOM   1071 N  NE2 . HIS A 1 132 ? -0.930  -7.602  -3.807  1.00 18.27 ? 132 HIS A NE2 1 
ATOM   1072 N  N   . GLY A 1 133 ? -4.764  -6.109  -3.259  1.00 13.86 ? 133 GLY A N   1 
ATOM   1073 C  CA  . GLY A 1 133 ? -5.091  -5.543  -4.548  1.00 14.93 ? 133 GLY A CA  1 
ATOM   1074 C  C   . GLY A 1 133 ? -5.298  -4.046  -4.641  1.00 15.05 ? 133 GLY A C   1 
ATOM   1075 O  O   . GLY A 1 133 ? -4.616  -3.250  -3.996  1.00 15.21 ? 133 GLY A O   1 
ATOM   1076 N  N   . ARG A 1 134 ? -6.277  -3.681  -5.461  1.00 13.70 ? 134 ARG A N   1 
ATOM   1077 C  CA  . ARG A 1 134 ? -6.619  -2.294  -5.739  1.00 13.47 ? 134 ARG A CA  1 
ATOM   1078 C  C   . ARG A 1 134 ? -7.326  -1.543  -4.616  1.00 14.45 ? 134 ARG A C   1 
ATOM   1079 O  O   . ARG A 1 134 ? -7.980  -2.144  -3.757  1.00 12.36 ? 134 ARG A O   1 
ATOM   1080 C  CB  . ARG A 1 134 ? -7.502  -2.244  -6.991  1.00 14.72 ? 134 ARG A CB  1 
ATOM   1081 C  CG  . ARG A 1 134 ? -8.874  -2.897  -6.784  1.00 15.74 ? 134 ARG A CG  1 
ATOM   1082 C  CD  . ARG A 1 134 ? -9.633  -3.039  -8.090  1.00 17.56 ? 134 ARG A CD  1 
ATOM   1083 N  NE  . ARG A 1 134 ? -8.905  -3.872  -9.045  1.00 18.79 ? 134 ARG A NE  1 
ATOM   1084 C  CZ  . ARG A 1 134 ? -9.452  -4.435  -10.117 1.00 22.24 ? 134 ARG A CZ  1 
ATOM   1085 N  NH1 . ARG A 1 134 ? -10.748 -4.273  -10.369 1.00 21.72 ? 134 ARG A NH1 1 
ATOM   1086 N  NH2 . ARG A 1 134 ? -8.682  -5.083  -10.982 1.00 20.47 ? 134 ARG A NH2 1 
ATOM   1087 N  N   . VAL A 1 135 ? -7.160  -0.222  -4.619  1.00 14.61 ? 135 VAL A N   1 
ATOM   1088 C  CA  . VAL A 1 135 ? -7.828  0.634   -3.640  1.00 14.78 ? 135 VAL A CA  1 
ATOM   1089 C  C   . VAL A 1 135 ? -9.300  0.704   -4.064  1.00 15.04 ? 135 VAL A C   1 
ATOM   1090 O  O   . VAL A 1 135 ? -10.201 0.591   -3.236  1.00 14.04 ? 135 VAL A O   1 
ATOM   1091 C  CB  . VAL A 1 135 ? -7.213  2.060   -3.612  1.00 16.53 ? 135 VAL A CB  1 
ATOM   1092 C  CG1 . VAL A 1 135 ? -7.141  2.642   -5.013  1.00 20.72 ? 135 VAL A CG1 1 
ATOM   1093 C  CG2 . VAL A 1 135 ? -8.035  2.972   -2.711  1.00 18.34 ? 135 VAL A CG2 1 
ATOM   1094 N  N   . ASN A 1 136 ? -9.512  0.857   -5.371  1.00 12.99 ? 136 ASN A N   1 
ATOM   1095 C  CA  . ASN A 1 136 ? -10.842 0.932   -5.978  1.00 14.90 ? 136 ASN A CA  1 
ATOM   1096 C  C   . ASN A 1 136 ? -10.695 0.600   -7.471  1.00 16.70 ? 136 ASN A C   1 
ATOM   1097 O  O   . ASN A 1 136 ? -9.575  0.376   -7.947  1.00 14.93 ? 136 ASN A O   1 
ATOM   1098 C  CB  . ASN A 1 136 ? -11.473 2.320   -5.757  1.00 15.01 ? 136 ASN A CB  1 
ATOM   1099 C  CG  . ASN A 1 136 ? -10.639 3.452   -6.329  1.00 15.86 ? 136 ASN A CG  1 
ATOM   1100 O  OD1 . ASN A 1 136 ? -10.161 3.377   -7.457  1.00 15.89 ? 136 ASN A OD1 1 
ATOM   1101 N  ND2 . ASN A 1 136 ? -10.486 4.524   -5.558  1.00 15.27 ? 136 ASN A ND2 1 
ATOM   1102 N  N   . ASP A 1 137 ? -11.798 0.569   -8.216  1.00 16.67 ? 137 ASP A N   1 
ATOM   1103 C  CA  . ASP A 1 137 ? -11.704 0.224   -9.633  1.00 19.86 ? 137 ASP A CA  1 
ATOM   1104 C  C   . ASP A 1 137 ? -11.282 1.324   -10.611 1.00 20.08 ? 137 ASP A C   1 
ATOM   1105 O  O   . ASP A 1 137 ? -11.228 1.089   -11.817 1.00 21.32 ? 137 ASP A O   1 
ATOM   1106 C  CB  . ASP A 1 137 ? -12.966 -0.506  -10.117 1.00 21.30 ? 137 ASP A CB  1 
ATOM   1107 C  CG  . ASP A 1 137 ? -14.184 0.398   -10.204 1.00 22.81 ? 137 ASP A CG  1 
ATOM   1108 O  OD1 . ASP A 1 137 ? -14.173 1.503   -9.627  1.00 22.35 ? 137 ASP A OD1 1 
ATOM   1109 O  OD2 . ASP A 1 137 ? -15.164 -0.017  -10.859 1.00 24.77 ? 137 ASP A OD2 1 
ATOM   1110 N  N   . ASN A 1 138 ? -10.992 2.519   -10.100 1.00 19.49 ? 138 ASN A N   1 
ATOM   1111 C  CA  . ASN A 1 138 ? -10.525 3.622   -10.945 1.00 20.04 ? 138 ASN A CA  1 
ATOM   1112 C  C   . ASN A 1 138 ? -9.772  4.602   -10.050 1.00 18.34 ? 138 ASN A C   1 
ATOM   1113 O  O   . ASN A 1 138 ? -10.240 5.704   -9.775  1.00 17.33 ? 138 ASN A O   1 
ATOM   1114 C  CB  . ASN A 1 138 ? -11.688 4.325   -11.655 1.00 22.25 ? 138 ASN A CB  1 
ATOM   1115 C  CG  . ASN A 1 138 ? -11.253 5.016   -12.942 1.00 25.18 ? 138 ASN A CG  1 
ATOM   1116 O  OD1 . ASN A 1 138 ? -11.870 4.839   -13.991 1.00 30.20 ? 138 ASN A OD1 1 
ATOM   1117 N  ND2 . ASN A 1 138 ? -10.177 5.790   -12.869 1.00 24.69 ? 138 ASN A ND2 1 
ATOM   1118 N  N   . PRO A 1 139 ? -8.577  4.205   -9.591  1.00 17.40 ? 139 PRO A N   1 
ATOM   1119 C  CA  . PRO A 1 139 ? -7.749  5.036   -8.714  1.00 17.47 ? 139 PRO A CA  1 
ATOM   1120 C  C   . PRO A 1 139 ? -7.447  6.434   -9.224  1.00 16.97 ? 139 PRO A C   1 
ATOM   1121 O  O   . PRO A 1 139 ? -7.500  7.395   -8.465  1.00 18.07 ? 139 PRO A O   1 
ATOM   1122 C  CB  . PRO A 1 139 ? -6.473  4.207   -8.568  1.00 16.32 ? 139 PRO A CB  1 
ATOM   1123 C  CG  . PRO A 1 139 ? -6.969  2.797   -8.709  1.00 16.63 ? 139 PRO A CG  1 
ATOM   1124 C  CD  . PRO A 1 139 ? -7.899  2.930   -9.884  1.00 17.33 ? 139 PRO A CD  1 
ATOM   1125 N  N   . LYS A 1 140 ? -7.150  6.550   -10.513 1.00 18.14 ? 140 LYS A N   1 
ATOM   1126 C  CA  . LYS A 1 140 ? -6.804  7.840   -11.094 1.00 21.91 ? 140 LYS A CA  1 
ATOM   1127 C  C   . LYS A 1 140 ? -7.945  8.851   -11.192 1.00 22.20 ? 140 LYS A C   1 
ATOM   1128 O  O   . LYS A 1 140 ? -7.704  10.056  -11.194 1.00 21.96 ? 140 LYS A O   1 
ATOM   1129 C  CB  . LYS A 1 140 ? -6.155  7.636   -12.466 1.00 23.52 ? 140 LYS A CB  1 
ATOM   1130 C  CG  . LYS A 1 140 ? -7.066  6.991   -13.498 1.00 27.59 ? 140 LYS A CG  1 
ATOM   1131 C  CD  . LYS A 1 140 ? -6.299  6.427   -14.697 1.00 31.09 ? 140 LYS A CD  1 
ATOM   1132 C  CE  . LYS A 1 140 ? -5.487  7.481   -15.434 1.00 32.13 ? 140 LYS A CE  1 
ATOM   1133 N  NZ  . LYS A 1 140 ? -4.278  7.928   -14.684 1.00 34.00 ? 140 LYS A NZ  1 
ATOM   1134 N  N   . ASP A 1 141 ? -9.187  8.372   -11.213 1.00 23.98 ? 141 ASP A N   1 
ATOM   1135 C  CA  . ASP A 1 141 ? -10.333 9.270   -11.337 1.00 25.23 ? 141 ASP A CA  1 
ATOM   1136 C  C   . ASP A 1 141 ? -11.489 8.888   -10.411 1.00 24.59 ? 141 ASP A C   1 
ATOM   1137 O  O   . ASP A 1 141 ? -12.270 7.990   -10.723 1.00 24.12 ? 141 ASP A O   1 
ATOM   1138 C  CB  . ASP A 1 141 ? -10.812 9.282   -12.796 1.00 26.78 ? 141 ASP A CB  1 
ATOM   1139 C  CG  . ASP A 1 141 ? -11.813 10.396  -13.092 1.00 30.13 ? 141 ASP A CG  1 
ATOM   1140 O  OD1 . ASP A 1 141 ? -12.139 10.578  -14.283 1.00 32.50 ? 141 ASP A OD1 1 
ATOM   1141 O  OD2 . ASP A 1 141 ? -12.266 11.092  -12.159 1.00 30.30 ? 141 ASP A OD2 1 
ATOM   1142 N  N   . PRO A 1 142 ? -11.632 9.601   -9.279  1.00 25.64 ? 142 PRO A N   1 
ATOM   1143 C  CA  . PRO A 1 142 ? -12.692 9.358   -8.289  1.00 26.98 ? 142 PRO A CA  1 
ATOM   1144 C  C   . PRO A 1 142 ? -14.093 9.466   -8.885  1.00 27.81 ? 142 PRO A C   1 
ATOM   1145 O  O   . PRO A 1 142 ? -15.002 8.747   -8.478  1.00 26.81 ? 142 PRO A O   1 
ATOM   1146 C  CB  . PRO A 1 142 ? -12.457 10.463  -7.260  1.00 26.45 ? 142 PRO A CB  1 
ATOM   1147 C  CG  . PRO A 1 142 ? -10.991 10.696  -7.336  1.00 26.85 ? 142 PRO A CG  1 
ATOM   1148 C  CD  . PRO A 1 142 ? -10.738 10.681  -8.824  1.00 26.12 ? 142 PRO A CD  1 
ATOM   1149 N  N   . SER A 1 143 ? -14.262 10.358  -9.858  1.00 28.83 ? 143 SER A N   1 
ATOM   1150 C  CA  . SER A 1 143 ? -15.563 10.551  -10.491 1.00 29.62 ? 143 SER A CA  1 
ATOM   1151 C  C   . SER A 1 143 ? -16.020 9.338   -11.299 1.00 29.40 ? 143 SER A C   1 
ATOM   1152 O  O   . SER A 1 143 ? -17.211 9.187   -11.574 1.00 30.13 ? 143 SER A O   1 
ATOM   1153 C  CB  . SER A 1 143 ? -15.553 11.799  -11.382 1.00 30.40 ? 143 SER A CB  1 
ATOM   1154 O  OG  . SER A 1 143 ? -14.934 11.538  -12.632 1.00 31.54 ? 143 SER A OG  1 
ATOM   1155 N  N   . LYS A 1 144 ? -15.079 8.471   -11.669 1.00 27.57 ? 144 LYS A N   1 
ATOM   1156 C  CA  . LYS A 1 144 ? -15.405 7.282   -12.454 1.00 27.51 ? 144 LYS A CA  1 
ATOM   1157 C  C   . LYS A 1 144 ? -15.394 5.973   -11.665 1.00 26.06 ? 144 LYS A C   1 
ATOM   1158 O  O   . LYS A 1 144 ? -15.570 4.896   -12.238 1.00 26.26 ? 144 LYS A O   1 
ATOM   1159 C  CB  . LYS A 1 144 ? -14.467 7.166   -13.659 1.00 30.80 ? 144 LYS A CB  1 
ATOM   1160 C  CG  . LYS A 1 144 ? -14.668 8.241   -14.715 1.00 34.05 ? 144 LYS A CG  1 
ATOM   1161 C  CD  . LYS A 1 144 ? -13.817 7.960   -15.942 1.00 37.40 ? 144 LYS A CD  1 
ATOM   1162 C  CE  . LYS A 1 144 ? -14.063 8.987   -17.035 1.00 40.21 ? 144 LYS A CE  1 
ATOM   1163 N  NZ  . LYS A 1 144 ? -13.276 8.672   -18.262 1.00 42.30 ? 144 LYS A NZ  1 
ATOM   1164 N  N   . VAL A 1 145 ? -15.196 6.060   -10.353 1.00 24.32 ? 145 VAL A N   1 
ATOM   1165 C  CA  . VAL A 1 145 ? -15.161 4.867   -9.513  1.00 23.68 ? 145 VAL A CA  1 
ATOM   1166 C  C   . VAL A 1 145 ? -16.551 4.244   -9.365  1.00 22.97 ? 145 VAL A C   1 
ATOM   1167 O  O   . VAL A 1 145 ? -17.531 4.951   -9.147  1.00 23.98 ? 145 VAL A O   1 
ATOM   1168 C  CB  . VAL A 1 145 ? -14.589 5.183   -8.108  1.00 22.81 ? 145 VAL A CB  1 
ATOM   1169 C  CG1 . VAL A 1 145 ? -14.667 3.964   -7.207  1.00 21.20 ? 145 VAL A CG1 1 
ATOM   1170 C  CG2 . VAL A 1 145 ? -13.145 5.639   -8.229  1.00 23.54 ? 145 VAL A CG2 1 
ATOM   1171 N  N   . GLN A 1 146 ? -16.620 2.924   -9.510  1.00 22.31 ? 146 GLN A N   1 
ATOM   1172 C  CA  . GLN A 1 146 ? -17.875 2.189   -9.376  1.00 23.33 ? 146 GLN A CA  1 
ATOM   1173 C  C   . GLN A 1 146 ? -17.775 1.145   -8.268  1.00 23.28 ? 146 GLN A C   1 
ATOM   1174 O  O   . GLN A 1 146 ? -18.785 0.589   -7.831  1.00 23.21 ? 146 GLN A O   1 
ATOM   1175 C  CB  . GLN A 1 146 ? -18.250 1.512   -10.696 1.00 25.12 ? 146 GLN A CB  1 
ATOM   1176 C  CG  . GLN A 1 146 ? -18.525 2.482   -11.841 1.00 29.24 ? 146 GLN A CG  1 
ATOM   1177 C  CD  . GLN A 1 146 ? -19.627 3.480   -11.521 1.00 31.40 ? 146 GLN A CD  1 
ATOM   1178 O  OE1 . GLN A 1 146 ? -20.546 3.185   -10.755 1.00 33.13 ? 146 GLN A OE1 1 
ATOM   1179 N  NE2 . GLN A 1 146 ? -19.535 4.672   -12.105 1.00 33.19 ? 146 GLN A NE2 1 
ATOM   1180 N  N   . SER A 1 147 ? -16.552 0.896   -7.808  1.00 21.94 ? 147 SER A N   1 
ATOM   1181 C  CA  . SER A 1 147 ? -16.311 -0.079  -6.753  1.00 20.39 ? 147 SER A CA  1 
ATOM   1182 C  C   . SER A 1 147 ? -15.227 0.422   -5.803  1.00 18.75 ? 147 SER A C   1 
ATOM   1183 O  O   . SER A 1 147 ? -14.165 0.851   -6.244  1.00 18.08 ? 147 SER A O   1 
ATOM   1184 C  CB  . SER A 1 147 ? -15.870 -1.411  -7.368  1.00 22.50 ? 147 SER A CB  1 
ATOM   1185 O  OG  . SER A 1 147 ? -15.637 -2.385  -6.369  1.00 29.19 ? 147 SER A OG  1 
ATOM   1186 N  N   . HIS A 1 148 ? -15.524 0.417   -4.507  1.00 16.69 ? 148 HIS A N   1 
ATOM   1187 C  CA  . HIS A 1 148 ? -14.553 0.842   -3.496  1.00 15.67 ? 148 HIS A CA  1 
ATOM   1188 C  C   . HIS A 1 148 ? -14.107 -0.436  -2.799  1.00 15.71 ? 148 HIS A C   1 
ATOM   1189 O  O   . HIS A 1 148 ? -14.513 -0.741  -1.675  1.00 14.06 ? 148 HIS A O   1 
ATOM   1190 C  CB  . HIS A 1 148 ? -15.195 1.829   -2.524  1.00 16.55 ? 148 HIS A CB  1 
ATOM   1191 C  CG  . HIS A 1 148 ? -15.569 3.130   -3.161  1.00 18.18 ? 148 HIS A CG  1 
ATOM   1192 N  ND1 . HIS A 1 148 ? -14.749 4.238   -3.130  1.00 18.36 ? 148 HIS A ND1 1 
ATOM   1193 C  CD2 . HIS A 1 148 ? -16.675 3.502   -3.850  1.00 19.03 ? 148 HIS A CD2 1 
ATOM   1194 C  CE1 . HIS A 1 148 ? -15.331 5.234   -3.771  1.00 20.13 ? 148 HIS A CE1 1 
ATOM   1195 N  NE2 . HIS A 1 148 ? -16.502 4.813   -4.218  1.00 19.71 ? 148 HIS A NE2 1 
ATOM   1196 N  N   . ASP A 1 149 ? -13.262 -1.180  -3.505  1.00 13.35 ? 149 ASP A N   1 
ATOM   1197 C  CA  . ASP A 1 149 ? -12.767 -2.474  -3.060  1.00 15.55 ? 149 ASP A CA  1 
ATOM   1198 C  C   . ASP A 1 149 ? -12.147 -2.535  -1.670  1.00 14.32 ? 149 ASP A C   1 
ATOM   1199 O  O   . ASP A 1 149 ? -12.489 -3.421  -0.887  1.00 14.36 ? 149 ASP A O   1 
ATOM   1200 C  CB  . ASP A 1 149 ? -11.807 -3.049  -4.106  1.00 16.81 ? 149 ASP A CB  1 
ATOM   1201 C  CG  . ASP A 1 149 ? -12.438 -3.129  -5.492  1.00 17.75 ? 149 ASP A CG  1 
ATOM   1202 O  OD1 . ASP A 1 149 ? -12.737 -4.251  -5.949  1.00 21.42 ? 149 ASP A OD1 1 
ATOM   1203 O  OD2 . ASP A 1 149 ? -12.643 -2.072  -6.118  1.00 18.24 ? 149 ASP A OD2 1 
ATOM   1204 N  N   . LEU A 1 150 ? -11.241 -1.609  -1.363  1.00 12.81 ? 150 LEU A N   1 
ATOM   1205 C  CA  . LEU A 1 150 ? -10.604 -1.601  -0.047  1.00 12.67 ? 150 LEU A CA  1 
ATOM   1206 C  C   . LEU A 1 150 ? -11.623 -1.338  1.062   1.00 13.54 ? 150 LEU A C   1 
ATOM   1207 O  O   . LEU A 1 150 ? -11.629 -2.031  2.081   1.00 13.03 ? 150 LEU A O   1 
ATOM   1208 C  CB  . LEU A 1 150 ? -9.474  -0.568  0.015   1.00 13.18 ? 150 LEU A CB  1 
ATOM   1209 C  CG  . LEU A 1 150 ? -8.757  -0.434  1.363   1.00 13.15 ? 150 LEU A CG  1 
ATOM   1210 C  CD1 . LEU A 1 150 ? -8.237  -1.787  1.839   1.00 14.73 ? 150 LEU A CD1 1 
ATOM   1211 C  CD2 . LEU A 1 150 ? -7.627  0.580   1.239   1.00 13.75 ? 150 LEU A CD2 1 
ATOM   1212 N  N   . GLU A 1 151 ? -12.493 -0.352  0.858   1.00 13.23 ? 151 GLU A N   1 
ATOM   1213 C  CA  . GLU A 1 151 ? -13.514 -0.038  1.853   1.00 13.71 ? 151 GLU A CA  1 
ATOM   1214 C  C   . GLU A 1 151 ? -14.407 -1.259  2.088   1.00 14.29 ? 151 GLU A C   1 
ATOM   1215 O  O   . GLU A 1 151 ? -14.709 -1.609  3.233   1.00 12.41 ? 151 GLU A O   1 
ATOM   1216 C  CB  . GLU A 1 151 ? -14.372 1.151   1.415   1.00 12.24 ? 151 GLU A CB  1 
ATOM   1217 C  CG  . GLU A 1 151 ? -15.315 1.602   2.523   1.00 16.11 ? 151 GLU A CG  1 
ATOM   1218 C  CD  . GLU A 1 151 ? -16.337 2.636   2.092   1.00 17.82 ? 151 GLU A CD  1 
ATOM   1219 O  OE1 . GLU A 1 151 ? -16.249 3.170   0.964   1.00 17.43 ? 151 GLU A OE1 1 
ATOM   1220 O  OE2 . GLU A 1 151 ? -17.249 2.902   2.904   1.00 17.20 ? 151 GLU A OE2 1 
ATOM   1221 N  N   . ALA A 1 152 ? -14.806 -1.917  1.002   1.00 14.00 ? 152 ALA A N   1 
ATOM   1222 C  CA  . ALA A 1 152 ? -15.654 -3.105  1.097   1.00 14.79 ? 152 ALA A CA  1 
ATOM   1223 C  C   . ALA A 1 152 ? -14.967 -4.225  1.887   1.00 15.36 ? 152 ALA A C   1 
ATOM   1224 O  O   . ALA A 1 152 ? -15.599 -4.904  2.699   1.00 14.47 ? 152 ALA A O   1 
ATOM   1225 C  CB  . ALA A 1 152 ? -16.032 -3.597  -0.296  1.00 15.76 ? 152 ALA A CB  1 
ATOM   1226 N  N   . ALA A 1 153 ? -13.669 -4.409  1.657   1.00 14.24 ? 153 ALA A N   1 
ATOM   1227 C  CA  . ALA A 1 153 ? -12.913 -5.452  2.351   1.00 14.45 ? 153 ALA A CA  1 
ATOM   1228 C  C   . ALA A 1 153 ? -12.826 -5.153  3.843   1.00 13.49 ? 153 ALA A C   1 
ATOM   1229 O  O   . ALA A 1 153 ? -12.990 -6.050  4.671   1.00 13.09 ? 153 ALA A O   1 
ATOM   1230 C  CB  . ALA A 1 153 ? -11.521 -5.585  1.747   1.00 14.68 ? 153 ALA A CB  1 
ATOM   1231 N  N   . ILE A 1 154 ? -12.555 -3.892  4.179   1.00 13.66 ? 154 ILE A N   1 
ATOM   1232 C  CA  . ILE A 1 154 ? -12.467 -3.468  5.573   1.00 13.78 ? 154 ILE A CA  1 
ATOM   1233 C  C   . ILE A 1 154 ? -13.816 -3.689  6.269   1.00 14.41 ? 154 ILE A C   1 
ATOM   1234 O  O   . ILE A 1 154 ? -13.877 -4.293  7.345   1.00 13.70 ? 154 ILE A O   1 
ATOM   1235 C  CB  . ILE A 1 154 ? -12.065 -1.968  5.682   1.00 12.61 ? 154 ILE A CB  1 
ATOM   1236 C  CG1 . ILE A 1 154 ? -10.614 -1.782  5.222   1.00 15.04 ? 154 ILE A CG1 1 
ATOM   1237 C  CG2 . ILE A 1 154 ? -12.221 -1.475  7.122   1.00 16.39 ? 154 ILE A CG2 1 
ATOM   1238 C  CD1 . ILE A 1 154 ? -10.158 -0.331  5.162   1.00 14.90 ? 154 ILE A CD1 1 
ATOM   1239 N  N   . GLU A 1 155 ? -14.892 -3.212  5.648   1.00 14.99 ? 155 GLU A N   1 
ATOM   1240 C  CA  . GLU A 1 155 ? -16.228 -3.368  6.224   1.00 16.22 ? 155 GLU A CA  1 
ATOM   1241 C  C   . GLU A 1 155 ? -16.600 -4.835  6.411   1.00 17.16 ? 155 GLU A C   1 
ATOM   1242 O  O   . GLU A 1 155 ? -17.211 -5.208  7.420   1.00 16.18 ? 155 GLU A O   1 
ATOM   1243 C  CB  . GLU A 1 155 ? -17.276 -2.651  5.369   1.00 17.42 ? 155 GLU A CB  1 
ATOM   1244 C  CG  . GLU A 1 155 ? -17.296 -1.136  5.555   1.00 19.81 ? 155 GLU A CG  1 
ATOM   1245 C  CD  . GLU A 1 155 ? -17.693 -0.712  6.965   1.00 21.77 ? 155 GLU A CD  1 
ATOM   1246 O  OE1 . GLU A 1 155 ? -17.070 0.228   7.496   1.00 25.67 ? 155 GLU A OE1 1 
ATOM   1247 O  OE2 . GLU A 1 155 ? -18.634 -1.300  7.540   1.00 22.56 ? 155 GLU A OE2 1 
ATOM   1248 N  N   . ALA A 1 156 ? -16.193 -5.676  5.465   1.00 14.88 ? 156 ALA A N   1 
ATOM   1249 C  CA  . ALA A 1 156 ? -16.484 -7.102  5.568   1.00 15.24 ? 156 ALA A CA  1 
ATOM   1250 C  C   . ALA A 1 156 ? -15.781 -7.677  6.796   1.00 15.19 ? 156 ALA A C   1 
ATOM   1251 O  O   . ALA A 1 156 ? -16.398 -8.364  7.614   1.00 16.42 ? 156 ALA A O   1 
ATOM   1252 C  CB  . ALA A 1 156 ? -16.029 -7.831  4.309   1.00 14.52 ? 156 ALA A CB  1 
ATOM   1253 N  N   . LEU A 1 157 ? -14.499 -7.352  6.947   1.00 14.12 ? 157 LEU A N   1 
ATOM   1254 C  CA  . LEU A 1 157 ? -13.715 -7.837  8.070   1.00 14.88 ? 157 LEU A CA  1 
ATOM   1255 C  C   . LEU A 1 157 ? -14.235 -7.335  9.410   1.00 15.69 ? 157 LEU A C   1 
ATOM   1256 O  O   . LEU A 1 157 ? -14.197 -8.069  10.401  1.00 16.20 ? 157 LEU A O   1 
ATOM   1257 C  CB  . LEU A 1 157 ? -12.241 -7.469  7.904   1.00 15.75 ? 157 LEU A CB  1 
ATOM   1258 C  CG  . LEU A 1 157 ? -11.529 -8.198  6.761   1.00 16.70 ? 157 LEU A CG  1 
ATOM   1259 C  CD1 . LEU A 1 157 ? -10.058 -7.801  6.729   1.00 17.86 ? 157 LEU A CD1 1 
ATOM   1260 C  CD2 . LEU A 1 157 ? -11.671 -9.706  6.949   1.00 15.70 ? 157 LEU A CD2 1 
ATOM   1261 N  N   . LEU A 1 158 ? -14.722 -6.094  9.441   1.00 15.40 ? 158 LEU A N   1 
ATOM   1262 C  CA  . LEU A 1 158 ? -15.261 -5.539  10.683  1.00 16.23 ? 158 LEU A CA  1 
ATOM   1263 C  C   . LEU A 1 158 ? -16.517 -6.295  11.106  1.00 17.69 ? 158 LEU A C   1 
ATOM   1264 O  O   . LEU A 1 158 ? -16.822 -6.381  12.298  1.00 18.10 ? 158 LEU A O   1 
ATOM   1265 C  CB  . LEU A 1 158 ? -15.564 -4.044  10.540  1.00 17.99 ? 158 LEU A CB  1 
ATOM   1266 C  CG  . LEU A 1 158 ? -14.335 -3.136  10.380  1.00 17.98 ? 158 LEU A CG  1 
ATOM   1267 C  CD1 . LEU A 1 158 ? -14.787 -1.693  10.275  1.00 21.36 ? 158 LEU A CD1 1 
ATOM   1268 C  CD2 . LEU A 1 158 ? -13.372 -3.314  11.544  1.00 21.71 ? 158 LEU A CD2 1 
ATOM   1269 N  N   . ARG A 1 159 ? -17.225 -6.856  10.130  1.00 16.42 ? 159 ARG A N   1 
ATOM   1270 C  CA  . ARG A 1 159 ? -18.437 -7.630  10.400  1.00 17.71 ? 159 ARG A CA  1 
ATOM   1271 C  C   . ARG A 1 159 ? -18.159 -9.131  10.550  1.00 18.31 ? 159 ARG A C   1 
ATOM   1272 O  O   . ARG A 1 159 ? -19.080 -9.924  10.759  1.00 18.34 ? 159 ARG A O   1 
ATOM   1273 C  CB  . ARG A 1 159 ? -19.482 -7.388  9.307   1.00 18.91 ? 159 ARG A CB  1 
ATOM   1274 C  CG  . ARG A 1 159 ? -20.003 -5.951  9.271   1.00 20.71 ? 159 ARG A CG  1 
ATOM   1275 C  CD  . ARG A 1 159 ? -21.230 -5.806  8.374   1.00 25.21 ? 159 ARG A CD  1 
ATOM   1276 N  NE  . ARG A 1 159 ? -20.926 -6.083  6.974   1.00 28.46 ? 159 ARG A NE  1 
ATOM   1277 C  CZ  . ARG A 1 159 ? -20.635 -5.152  6.068   1.00 30.50 ? 159 ARG A CZ  1 
ATOM   1278 N  NH1 . ARG A 1 159 ? -20.611 -3.866  6.407   1.00 27.60 ? 159 ARG A NH1 1 
ATOM   1279 N  NH2 . ARG A 1 159 ? -20.350 -5.513  4.824   1.00 31.61 ? 159 ARG A NH2 1 
ATOM   1280 N  N   . GLY A 1 160 ? -16.886 -9.511  10.468  1.00 18.17 ? 160 GLY A N   1 
ATOM   1281 C  CA  . GLY A 1 160 ? -16.514 -10.910 10.595  1.00 18.87 ? 160 GLY A CA  1 
ATOM   1282 C  C   . GLY A 1 160 ? -16.794 -11.720 9.345   1.00 20.31 ? 160 GLY A C   1 
ATOM   1283 O  O   . GLY A 1 160 ? -16.771 -12.953 9.378   1.00 20.11 ? 160 GLY A O   1 
ATOM   1284 N  N   . GLU A 1 161 ? -17.060 -11.029 8.240   1.00 20.87 ? 161 GLU A N   1 
ATOM   1285 C  CA  . GLU A 1 161 ? -17.347 -11.683 6.966   1.00 23.43 ? 161 GLU A CA  1 
ATOM   1286 C  C   . GLU A 1 161 ? -16.105 -11.803 6.098   1.00 23.54 ? 161 GLU A C   1 
ATOM   1287 O  O   . GLU A 1 161 ? -15.106 -11.120 6.312   1.00 21.73 ? 161 GLU A O   1 
ATOM   1288 C  CB  . GLU A 1 161 ? -18.395 -10.900 6.173   1.00 26.20 ? 161 GLU A CB  1 
ATOM   1289 C  CG  . GLU A 1 161 ? -19.787 -10.896 6.766   1.00 32.16 ? 161 GLU A CG  1 
ATOM   1290 C  CD  . GLU A 1 161 ? -20.789 -10.230 5.848   1.00 33.11 ? 161 GLU A CD  1 
ATOM   1291 O  OE1 . GLU A 1 161 ? -20.533 -9.081  5.418   1.00 36.10 ? 161 GLU A OE1 1 
ATOM   1292 O  OE2 . GLU A 1 161 ? -21.826 -10.858 5.548   1.00 37.06 ? 161 GLU A OE2 1 
ATOM   1293 N  N   . GLU A 1 162 ? -16.198 -12.664 5.094   1.00 25.01 ? 162 GLU A N   1 
ATOM   1294 C  CA  . GLU A 1 162 ? -15.106 -12.870 4.158   1.00 26.45 ? 162 GLU A CA  1 
ATOM   1295 C  C   . GLU A 1 162 ? -15.235 -11.805 3.071   1.00 25.81 ? 162 GLU A C   1 
ATOM   1296 O  O   . GLU A 1 162 ? -16.340 -11.534 2.589   1.00 24.27 ? 162 GLU A O   1 
ATOM   1297 C  CB  . GLU A 1 162 ? -15.227 -14.259 3.522   1.00 28.92 ? 162 GLU A CB  1 
ATOM   1298 C  CG  . GLU A 1 162 ? -13.938 -14.795 2.932   1.00 35.41 ? 162 GLU A CG  1 
ATOM   1299 C  CD  . GLU A 1 162 ? -12.932 -15.171 4.002   1.00 37.87 ? 162 GLU A CD  1 
ATOM   1300 O  OE1 . GLU A 1 162 ? -13.253 -16.039 4.846   1.00 41.48 ? 162 GLU A OE1 1 
ATOM   1301 O  OE2 . GLU A 1 162 ? -11.823 -14.598 4.004   1.00 39.62 ? 162 GLU A OE2 1 
ATOM   1302 N  N   . PRO A 1 163 ? -14.129 -11.123 2.731   1.00 25.83 ? 163 PRO A N   1 
ATOM   1303 C  CA  . PRO A 1 163 ? -14.180 -10.096 1.684   1.00 26.96 ? 163 PRO A CA  1 
ATOM   1304 C  C   . PRO A 1 163 ? -14.538 -10.788 0.362   1.00 28.75 ? 163 PRO A C   1 
ATOM   1305 O  O   . PRO A 1 163 ? -14.455 -12.014 0.266   1.00 28.31 ? 163 PRO A O   1 
ATOM   1306 C  CB  . PRO A 1 163 ? -12.744 -9.568  1.663   1.00 26.48 ? 163 PRO A CB  1 
ATOM   1307 C  CG  . PRO A 1 163 ? -12.307 -9.731  3.083   1.00 27.21 ? 163 PRO A CG  1 
ATOM   1308 C  CD  . PRO A 1 163 ? -12.823 -11.109 3.415   1.00 27.17 ? 163 PRO A CD  1 
ATOM   1309 N  N   . PRO A 1 164 ? -14.953 -10.020 -0.664  1.00 30.54 ? 164 PRO A N   1 
ATOM   1310 C  CA  . PRO A 1 164 ? -15.318 -10.588 -1.970  1.00 32.10 ? 164 PRO A CA  1 
ATOM   1311 C  C   . PRO A 1 164 ? -14.349 -11.663 -2.467  1.00 32.79 ? 164 PRO A C   1 
ATOM   1312 O  O   . PRO A 1 164 ? -13.132 -11.470 -2.462  1.00 32.60 ? 164 PRO A O   1 
ATOM   1313 C  CB  . PRO A 1 164 ? -15.324 -9.361  -2.872  1.00 32.56 ? 164 PRO A CB  1 
ATOM   1314 C  CG  . PRO A 1 164 ? -15.902 -8.323  -1.961  1.00 32.52 ? 164 PRO A CG  1 
ATOM   1315 C  CD  . PRO A 1 164 ? -15.131 -8.557  -0.668  1.00 31.03 ? 164 PRO A CD  1 
ATOM   1316 N  N   . LEU A 1 165 ? -14.903 -12.802 -2.877  1.00 33.33 ? 165 LEU A N   1 
ATOM   1317 C  CA  . LEU A 1 165 ? -14.102 -13.926 -3.353  1.00 34.49 ? 165 LEU A CA  1 
ATOM   1318 C  C   . LEU A 1 165 ? -13.321 -13.658 -4.638  1.00 33.74 ? 165 LEU A C   1 
ATOM   1319 O  O   . LEU A 1 165 ? -12.222 -14.186 -4.818  1.00 34.20 ? 165 LEU A O   1 
ATOM   1320 C  CB  . LEU A 1 165 ? -14.977 -15.169 -3.527  1.00 37.66 ? 165 LEU A CB  1 
ATOM   1321 C  CG  . LEU A 1 165 ? -15.717 -15.655 -2.276  1.00 38.93 ? 165 LEU A CG  1 
ATOM   1322 C  CD1 . LEU A 1 165 ? -16.490 -16.927 -2.599  1.00 41.28 ? 165 LEU A CD1 1 
ATOM   1323 C  CD2 . LEU A 1 165 ? -14.733 -15.898 -1.139  1.00 40.54 ? 165 LEU A CD2 1 
ATOM   1324 N  N   . LYS A 1 166 ? -13.892 -12.853 -5.530  1.00 33.01 ? 166 LYS A N   1 
ATOM   1325 C  CA  . LYS A 1 166 ? -13.232 -12.535 -6.791  1.00 32.81 ? 166 LYS A CA  1 
ATOM   1326 C  C   . LYS A 1 166 ? -12.078 -11.567 -6.552  1.00 30.82 ? 166 LYS A C   1 
ATOM   1327 O  O   . LYS A 1 166 ? -12.285 -10.445 -6.082  1.00 29.88 ? 166 LYS A O   1 
ATOM   1328 C  CB  . LYS A 1 166 ? -14.228 -11.925 -7.778  1.00 34.66 ? 166 LYS A CB  1 
ATOM   1329 C  CG  . LYS A 1 166 ? -13.632 -11.636 -9.149  1.00 37.57 ? 166 LYS A CG  1 
ATOM   1330 C  CD  . LYS A 1 166 ? -14.618 -10.903 -10.043 1.00 39.53 ? 166 LYS A CD  1 
ATOM   1331 C  CE  . LYS A 1 166 ? -14.001 -10.591 -11.400 1.00 41.31 ? 166 LYS A CE  1 
ATOM   1332 N  NZ  . LYS A 1 166 ? -14.931 -9.818  -12.273 1.00 41.59 ? 166 LYS A NZ  1 
ATOM   1333 N  N   . GLU A 1 167 ? -10.865 -12.008 -6.871  1.00 29.71 ? 167 GLU A N   1 
ATOM   1334 C  CA  . GLU A 1 167 ? -9.686  -11.171 -6.683  1.00 29.21 ? 167 GLU A CA  1 
ATOM   1335 C  C   . GLU A 1 167 ? -9.754  -9.906  -7.533  1.00 27.46 ? 167 GLU A C   1 
ATOM   1336 O  O   . GLU A 1 167 ? -10.204 -9.938  -8.679  1.00 29.14 ? 167 GLU A O   1 
ATOM   1337 C  CB  . GLU A 1 167 ? -8.408  -11.949 -7.007  1.00 31.65 ? 167 GLU A CB  1 
ATOM   1338 C  CG  . GLU A 1 167 ? -7.134  -11.143 -6.763  1.00 33.20 ? 167 GLU A CG  1 
ATOM   1339 C  CD  . GLU A 1 167 ? -5.872  -11.951 -6.970  1.00 36.22 ? 167 GLU A CD  1 
ATOM   1340 O  OE1 . GLU A 1 167 ? -5.329  -12.458 -5.970  1.00 38.03 ? 167 GLU A OE1 1 
ATOM   1341 O  OE2 . GLU A 1 167 ? -5.416  -12.073 -8.128  1.00 37.92 ? 167 GLU A OE2 1 
ATOM   1342 N  N   . ALA A 1 168 ? -9.329  -8.792  -6.943  1.00 24.94 ? 168 ALA A N   1 
ATOM   1343 C  CA  . ALA A 1 168 ? -9.314  -7.495  -7.610  1.00 21.33 ? 168 ALA A CA  1 
ATOM   1344 C  C   . ALA A 1 168 ? -7.894  -6.955  -7.478  1.00 20.65 ? 168 ALA A C   1 
ATOM   1345 O  O   . ALA A 1 168 ? -7.598  -6.169  -6.577  1.00 17.78 ? 168 ALA A O   1 
ATOM   1346 C  CB  . ALA A 1 168 ? -10.307 -6.550  -6.937  1.00 20.82 ? 168 ALA A CB  1 
ATOM   1347 N  N   . PRO A 1 169 ? -6.992  -7.383  -8.378  1.00 20.14 ? 169 PRO A N   1 
ATOM   1348 C  CA  . PRO A 1 169 ? -5.593  -6.951  -8.361  1.00 19.76 ? 169 PRO A CA  1 
ATOM   1349 C  C   . PRO A 1 169 ? -5.387  -5.449  -8.469  1.00 17.34 ? 169 PRO A C   1 
ATOM   1350 O  O   . PRO A 1 169 ? -6.243  -4.716  -8.965  1.00 18.84 ? 169 PRO A O   1 
ATOM   1351 C  CB  . PRO A 1 169 ? -4.982  -7.708  -9.547  1.00 21.31 ? 169 PRO A CB  1 
ATOM   1352 C  CG  . PRO A 1 169 ? -6.141  -7.899  -10.462 1.00 24.05 ? 169 PRO A CG  1 
ATOM   1353 C  CD  . PRO A 1 169 ? -7.248  -8.270  -9.523  1.00 21.59 ? 169 PRO A CD  1 
ATOM   1354 N  N   . ALA A 1 170 ? -4.228  -5.006  -7.995  1.00 16.30 ? 170 ALA A N   1 
ATOM   1355 C  CA  . ALA A 1 170 ? -3.872  -3.598  -8.000  1.00 16.37 ? 170 ALA A CA  1 
ATOM   1356 C  C   . ALA A 1 170 ? -3.984  -2.931  -9.368  1.00 17.06 ? 170 ALA A C   1 
ATOM   1357 O  O   . ALA A 1 170 ? -3.716  -3.549  -10.404 1.00 15.01 ? 170 ALA A O   1 
ATOM   1358 C  CB  . ALA A 1 170 ? -2.464  -3.427  -7.451  1.00 16.49 ? 170 ALA A CB  1 
ATOM   1359 N  N   . ILE A 1 171 ? -4.446  -1.685  -9.357  1.00 15.43 ? 171 ILE A N   1 
ATOM   1360 C  CA  . ILE A 1 171 ? -4.561  -0.886  -10.569 1.00 15.28 ? 171 ILE A CA  1 
ATOM   1361 C  C   . ILE A 1 171 ? -3.703  0.353   -10.343 1.00 15.82 ? 171 ILE A C   1 
ATOM   1362 O  O   . ILE A 1 171 ? -3.944  1.129   -9.411  1.00 14.72 ? 171 ILE A O   1 
ATOM   1363 C  CB  . ILE A 1 171 ? -6.013  -0.443  -10.859 1.00 15.23 ? 171 ILE A CB  1 
ATOM   1364 C  CG1 . ILE A 1 171 ? -6.904  -1.661  -11.117 1.00 16.31 ? 171 ILE A CG1 1 
ATOM   1365 C  CG2 . ILE A 1 171 ? -6.037  0.482   -12.070 1.00 15.86 ? 171 ILE A CG2 1 
ATOM   1366 C  CD1 . ILE A 1 171 ? -8.374  -1.308  -11.355 1.00 18.69 ? 171 ILE A CD1 1 
ATOM   1367 N  N   . GLY A 1 172 ? -2.665  0.514   -11.159 1.00 16.26 ? 172 GLY A N   1 
ATOM   1368 C  CA  . GLY A 1 172 ? -1.807  1.673   -11.004 1.00 15.81 ? 172 GLY A CA  1 
ATOM   1369 C  C   . GLY A 1 172 ? -0.493  1.584   -11.749 1.00 17.34 ? 172 GLY A C   1 
ATOM   1370 O  O   . GLY A 1 172 ? -0.255  0.628   -12.484 1.00 16.86 ? 172 GLY A O   1 
ATOM   1371 N  N   . CYS A 1 173 ? 0.352   2.595   -11.559 1.00 17.29 ? 173 CYS A N   1 
ATOM   1372 C  CA  . CYS A 1 173 ? 1.667   2.650   -12.195 1.00 18.37 ? 173 CYS A CA  1 
ATOM   1373 C  C   . CYS A 1 173 ? 2.526   1.518   -11.657 1.00 17.98 ? 173 CYS A C   1 
ATOM   1374 O  O   . CYS A 1 173 ? 2.369   1.092   -10.518 1.00 15.44 ? 173 CYS A O   1 
ATOM   1375 C  CB  . CYS A 1 173 ? 2.376   3.963   -11.851 1.00 20.88 ? 173 CYS A CB  1 
ATOM   1376 S  SG  . CYS A 1 173 ? 1.390   5.480   -12.022 1.00 27.93 ? 173 CYS A SG  1 
ATOM   1377 N  N   . THR A 1 174 ? 3.439   1.020   -12.478 1.00 16.63 ? 174 THR A N   1 
ATOM   1378 C  CA  . THR A 1 174 ? 4.322   -0.026  -12.008 1.00 17.04 ? 174 THR A CA  1 
ATOM   1379 C  C   . THR A 1 174 ? 5.317   0.614   -11.042 1.00 16.41 ? 174 THR A C   1 
ATOM   1380 O  O   . THR A 1 174 ? 5.626   1.803   -11.157 1.00 16.48 ? 174 THR A O   1 
ATOM   1381 C  CB  . THR A 1 174 ? 5.109   -0.657  -13.168 1.00 19.62 ? 174 THR A CB  1 
ATOM   1382 O  OG1 . THR A 1 174 ? 5.768   0.376   -13.912 1.00 19.72 ? 174 THR A OG1 1 
ATOM   1383 C  CG2 . THR A 1 174 ? 4.175   -1.430  -14.080 1.00 19.24 ? 174 THR A CG2 1 
ATOM   1384 N  N   . ILE A 1 175 ? 5.758   -0.153  -10.051 1.00 16.33 ? 175 ILE A N   1 
ATOM   1385 C  CA  . ILE A 1 175 ? 6.753   0.328   -9.098  1.00 16.06 ? 175 ILE A CA  1 
ATOM   1386 C  C   . ILE A 1 175 ? 8.024   0.595   -9.912  1.00 17.31 ? 175 ILE A C   1 
ATOM   1387 O  O   . ILE A 1 175 ? 8.336   -0.148  -10.847 1.00 15.71 ? 175 ILE A O   1 
ATOM   1388 C  CB  . ILE A 1 175 ? 7.022   -0.726  -8.003  1.00 17.10 ? 175 ILE A CB  1 
ATOM   1389 C  CG1 . ILE A 1 175 ? 5.842   -0.758  -7.026  1.00 15.44 ? 175 ILE A CG1 1 
ATOM   1390 C  CG2 . ILE A 1 175 ? 8.326   -0.422  -7.266  1.00 16.54 ? 175 ILE A CG2 1 
ATOM   1391 C  CD1 . ILE A 1 175 ? 5.846   -1.942  -6.080  1.00 14.82 ? 175 ILE A CD1 1 
ATOM   1392 N  N   . LYS A 1 176 ? 8.721   1.676   -9.582  1.00 15.86 ? 176 LYS A N   1 
ATOM   1393 C  CA  . LYS A 1 176 ? 9.924   2.053   -10.307 1.00 17.14 ? 176 LYS A CA  1 
ATOM   1394 C  C   . LYS A 1 176 ? 11.171  1.443   -9.694  1.00 16.57 ? 176 LYS A C   1 
ATOM   1395 O  O   . LYS A 1 176 ? 11.797  2.017   -8.800  1.00 17.36 ? 176 LYS A O   1 
ATOM   1396 C  CB  . LYS A 1 176 ? 10.025  3.573   -10.399 1.00 17.94 ? 176 LYS A CB  1 
ATOM   1397 C  CG  . LYS A 1 176 ? 8.747   4.237   -10.928 1.00 17.00 ? 176 LYS A CG  1 
ATOM   1398 C  CD  . LYS A 1 176 ? 8.232   3.551   -12.193 1.00 19.09 ? 176 LYS A CD  1 
ATOM   1399 C  CE  . LYS A 1 176 ? 6.999   4.252   -12.738 1.00 18.13 ? 176 LYS A CE  1 
ATOM   1400 N  NZ  . LYS A 1 176 ? 6.315   3.445   -13.798 1.00 19.46 ? 176 LYS A NZ  1 
ATOM   1401 N  N   . TRP A 1 177 ? 11.521  0.268   -10.202 1.00 16.51 ? 177 TRP A N   1 
ATOM   1402 C  CA  . TRP A 1 177 ? 12.674  -0.482  -9.727  1.00 17.27 ? 177 TRP A CA  1 
ATOM   1403 C  C   . TRP A 1 177 ? 14.012  0.137   -10.101 1.00 17.05 ? 177 TRP A C   1 
ATOM   1404 O  O   . TRP A 1 177 ? 14.177  0.693   -11.189 1.00 17.07 ? 177 TRP A O   1 
ATOM   1405 C  CB  . TRP A 1 177 ? 12.615  -1.913  -10.260 1.00 17.30 ? 177 TRP A CB  1 
ATOM   1406 C  CG  . TRP A 1 177 ? 11.325  -2.591  -9.941  1.00 17.84 ? 177 TRP A CG  1 
ATOM   1407 C  CD1 . TRP A 1 177 ? 10.294  -2.833  -10.799 1.00 18.54 ? 177 TRP A CD1 1 
ATOM   1408 C  CD2 . TRP A 1 177 ? 10.916  -3.092  -8.664  1.00 18.00 ? 177 TRP A CD2 1 
ATOM   1409 N  NE1 . TRP A 1 177 ? 9.260   -3.458  -10.135 1.00 19.38 ? 177 TRP A NE1 1 
ATOM   1410 C  CE2 . TRP A 1 177 ? 9.617   -3.628  -8.822  1.00 18.01 ? 177 TRP A CE2 1 
ATOM   1411 C  CE3 . TRP A 1 177 ? 11.520  -3.141  -7.400  1.00 18.90 ? 177 TRP A CE3 1 
ATOM   1412 C  CZ2 . TRP A 1 177 ? 8.910   -4.205  -7.765  1.00 17.01 ? 177 TRP A CZ2 1 
ATOM   1413 C  CZ3 . TRP A 1 177 ? 10.813  -3.718  -6.344  1.00 20.51 ? 177 TRP A CZ3 1 
ATOM   1414 C  CH2 . TRP A 1 177 ? 9.521   -4.241  -6.537  1.00 18.99 ? 177 TRP A CH2 1 
ATOM   1415 N  N   . ARG A 1 178 ? 14.963  0.029   -9.180  1.00 18.42 ? 178 ARG A N   1 
ATOM   1416 C  CA  . ARG A 1 178 ? 16.311  0.536   -9.395  1.00 18.20 ? 178 ARG A CA  1 
ATOM   1417 C  C   . ARG A 1 178 ? 16.991  -0.391  -10.400 1.00 18.27 ? 178 ARG A C   1 
ATOM   1418 O  O   . ARG A 1 178 ? 16.604  -1.552  -10.537 1.00 17.90 ? 178 ARG A O   1 
ATOM   1419 C  CB  . ARG A 1 178 ? 17.077  0.551   -8.067  1.00 19.88 ? 178 ARG A CB  1 
ATOM   1420 C  CG  . ARG A 1 178 ? 16.511  1.578   -7.100  1.00 23.98 ? 178 ARG A CG  1 
ATOM   1421 C  CD  . ARG A 1 178 ? 17.122  1.529   -5.710  1.00 27.60 ? 178 ARG A CD  1 
ATOM   1422 N  NE  . ARG A 1 178 ? 16.585  2.618   -4.893  1.00 27.44 ? 178 ARG A NE  1 
ATOM   1423 C  CZ  . ARG A 1 178 ? 16.820  3.906   -5.133  1.00 27.98 ? 178 ARG A CZ  1 
ATOM   1424 N  NH1 . ARG A 1 178 ? 17.587  4.260   -6.157  1.00 24.88 ? 178 ARG A NH1 1 
ATOM   1425 N  NH2 . ARG A 1 178 ? 16.257  4.841   -4.380  1.00 29.09 ? 178 ARG A NH2 1 
ATOM   1426 N  N   . PRO A 1 179 ? 17.983  0.122   -11.146 1.00 18.29 ? 179 PRO A N   1 
ATOM   1427 C  CA  . PRO A 1 179 ? 18.699  -0.688  -12.138 1.00 20.08 ? 179 PRO A CA  1 
ATOM   1428 C  C   . PRO A 1 179 ? 19.117  -2.035  -11.557 1.00 20.16 ? 179 PRO A C   1 
ATOM   1429 O  O   . PRO A 1 179 ? 19.803  -2.093  -10.530 1.00 20.28 ? 179 PRO A O   1 
ATOM   1430 C  CB  . PRO A 1 179 ? 19.912  0.183   -12.464 1.00 19.15 ? 179 PRO A CB  1 
ATOM   1431 C  CG  . PRO A 1 179 ? 19.349  1.568   -12.371 1.00 19.59 ? 179 PRO A CG  1 
ATOM   1432 C  CD  . PRO A 1 179 ? 18.504  1.501   -11.112 1.00 18.20 ? 179 PRO A CD  1 
ATOM   1433 N  N   . GLY A 1 180 ? 18.652  -3.110  -12.187 1.00 22.50 ? 180 GLY A N   1 
ATOM   1434 C  CA  . GLY A 1 180 ? 18.980  -4.450  -11.734 1.00 25.15 ? 180 GLY A CA  1 
ATOM   1435 C  C   . GLY A 1 180 ? 18.026  -5.048  -10.713 1.00 27.22 ? 180 GLY A C   1 
ATOM   1436 O  O   . GLY A 1 180 ? 18.138  -6.228  -10.379 1.00 27.44 ? 180 GLY A O   1 
ATOM   1437 N  N   . ASN A 1 181 ? 17.090  -4.244  -10.213 1.00 27.51 ? 181 ASN A N   1 
ATOM   1438 C  CA  . ASN A 1 181 ? 16.125  -4.714  -9.223  1.00 28.99 ? 181 ASN A CA  1 
ATOM   1439 C  C   . ASN A 1 181 ? 14.793  -5.153  -9.817  1.00 29.96 ? 181 ASN A C   1 
ATOM   1440 O  O   . ASN A 1 181 ? 13.885  -5.535  -9.078  1.00 29.91 ? 181 ASN A O   1 
ATOM   1441 C  CB  . ASN A 1 181 ? 15.865  -3.636  -8.171  1.00 30.01 ? 181 ASN A CB  1 
ATOM   1442 C  CG  . ASN A 1 181 ? 16.927  -3.597  -7.096  1.00 32.73 ? 181 ASN A CG  1 
ATOM   1443 O  OD1 . ASN A 1 181 ? 17.790  -4.474  -7.023  1.00 34.25 ? 181 ASN A OD1 1 
ATOM   1444 N  ND2 . ASN A 1 181 ? 16.861  -2.581  -6.240  1.00 32.23 ? 181 ASN A ND2 1 
ATOM   1445 N  N   . GLU A 1 182 ? 14.665  -5.071  -11.139 1.00 30.32 ? 182 GLU A N   1 
ATOM   1446 C  CA  . GLU A 1 182 ? 13.432  -5.462  -11.815 1.00 32.71 ? 182 GLU A CA  1 
ATOM   1447 C  C   . GLU A 1 182 ? 13.112  -6.926  -11.543 1.00 32.59 ? 182 GLU A C   1 
ATOM   1448 O  O   . GLU A 1 182 ? 13.936  -7.811  -11.794 1.00 30.63 ? 182 GLU A O   1 
ATOM   1449 C  CB  . GLU A 1 182 ? 13.537  -5.240  -13.329 1.00 34.69 ? 182 GLU A CB  1 
ATOM   1450 C  CG  . GLU A 1 182 ? 13.814  -3.803  -13.766 1.00 38.82 ? 182 GLU A CG  1 
ATOM   1451 C  CD  . GLU A 1 182 ? 15.265  -3.374  -13.573 1.00 40.95 ? 182 GLU A CD  1 
ATOM   1452 O  OE1 . GLU A 1 182 ? 16.178  -4.228  -13.662 1.00 40.55 ? 182 GLU A OE1 1 
ATOM   1453 O  OE2 . GLU A 1 182 ? 15.495  -2.170  -13.340 1.00 43.16 ? 182 GLU A OE2 1 
ATOM   1454 N  N   . PRO A 1 183 ? 11.917  -7.200  -10.995 1.00 33.95 ? 183 PRO A N   1 
ATOM   1455 C  CA  . PRO A 1 183 ? 11.510  -8.572  -10.697 1.00 34.27 ? 183 PRO A CA  1 
ATOM   1456 C  C   . PRO A 1 183 ? 11.220  -9.342  -11.980 1.00 34.23 ? 183 PRO A C   1 
ATOM   1457 O  O   . PRO A 1 183 ? 10.470  -8.880  -12.841 1.00 35.01 ? 183 PRO A O   1 
ATOM   1458 C  CB  . PRO A 1 183 ? 10.249  -8.374  -9.856  1.00 34.91 ? 183 PRO A CB  1 
ATOM   1459 C  CG  . PRO A 1 183 ? 9.662   -7.125  -10.422 1.00 36.00 ? 183 PRO A CG  1 
ATOM   1460 C  CD  . PRO A 1 183 ? 10.880  -6.242  -10.577 1.00 34.69 ? 183 PRO A CD  1 
ATOM   1461 N  N   . GLU A 1 184 ? 11.869  -10.489 -12.128 1.00 35.05 ? 184 GLU A N   1 
ATOM   1462 C  CA  . GLU A 1 184 ? 11.675  -11.328 -13.302 1.00 35.85 ? 184 GLU A CA  1 
ATOM   1463 C  C   . GLU A 1 184 ? 10.487  -12.240 -13.022 1.00 33.48 ? 184 GLU A C   1 
ATOM   1464 O  O   . GLU A 1 184 ? 10.644  -13.347 -12.509 1.00 34.91 ? 184 GLU A O   1 
ATOM   1465 C  CB  . GLU A 1 184 ? 12.942  -12.142 -13.577 1.00 39.31 ? 184 GLU A CB  1 
ATOM   1466 C  CG  . GLU A 1 184 ? 14.156  -11.276 -13.899 1.00 45.13 ? 184 GLU A CG  1 
ATOM   1467 C  CD  . GLU A 1 184 ? 15.473  -12.014 -13.732 1.00 47.50 ? 184 GLU A CD  1 
ATOM   1468 O  OE1 . GLU A 1 184 ? 16.309  -11.549 -12.924 1.00 48.82 ? 184 GLU A OE1 1 
ATOM   1469 O  OE2 . GLU A 1 184 ? 15.676  -13.051 -14.403 1.00 48.96 ? 184 GLU A OE2 1 
ATOM   1470 N  N   . VAL A 1 185 ? 9.293   -11.738 -13.319 1.00 31.30 ? 185 VAL A N   1 
ATOM   1471 C  CA  . VAL A 1 185 ? 8.060   -12.481 -13.086 1.00 28.86 ? 185 VAL A CA  1 
ATOM   1472 C  C   . VAL A 1 185 ? 7.850   -13.594 -14.108 1.00 28.19 ? 185 VAL A C   1 
ATOM   1473 O  O   . VAL A 1 185 ? 7.907   -13.361 -15.313 1.00 25.74 ? 185 VAL A O   1 
ATOM   1474 C  CB  . VAL A 1 185 ? 6.829   -11.543 -13.094 1.00 27.88 ? 185 VAL A CB  1 
ATOM   1475 C  CG1 . VAL A 1 185 ? 5.564   -12.321 -12.724 1.00 28.60 ? 185 VAL A CG1 1 
ATOM   1476 C  CG2 . VAL A 1 185 ? 7.042   -10.383 -12.127 1.00 27.50 ? 185 VAL A CG2 1 
ATOM   1477 N  N   . ARG A 1 186 ? 7.625   -14.806 -13.603 1.00 27.34 ? 186 ARG A N   1 
ATOM   1478 C  CA  . ARG A 1 186 ? 7.387   -15.983 -14.438 1.00 28.13 ? 186 ARG A CA  1 
ATOM   1479 C  C   . ARG A 1 186 ? 6.186   -16.728 -13.877 1.00 29.66 ? 186 ARG A C   1 
ATOM   1480 O  O   . ARG A 1 186 ? 6.144   -17.049 -12.689 1.00 28.03 ? 186 ARG A O   1 
ATOM   1481 C  CB  . ARG A 1 186 ? 8.617   -16.898 -14.457 1.00 28.57 ? 186 ARG A CB  1 
ATOM   1482 C  CG  . ARG A 1 186 ? 9.843   -16.270 -15.111 1.00 27.81 ? 186 ARG A CG  1 
ATOM   1483 C  CD  . ARG A 1 186 ? 9.554   -15.890 -16.562 1.00 28.79 ? 186 ARG A CD  1 
ATOM   1484 N  NE  . ARG A 1 186 ? 10.700  -15.266 -17.217 1.00 27.37 ? 186 ARG A NE  1 
ATOM   1485 C  CZ  . ARG A 1 186 ? 10.858  -13.954 -17.373 1.00 28.57 ? 186 ARG A CZ  1 
ATOM   1486 N  NH1 . ARG A 1 186 ? 11.938  -13.488 -17.986 1.00 28.81 ? 186 ARG A NH1 1 
ATOM   1487 N  NH2 . ARG A 1 186 ? 9.940   -13.104 -16.925 1.00 24.31 ? 186 ARG A NH2 1 
ATOM   1488 N  N   . ILE A 1 187 ? 5.213   -16.994 -14.741 1.00 30.01 ? 187 ILE A N   1 
ATOM   1489 C  CA  . ILE A 1 187 ? 3.986   -17.677 -14.343 1.00 32.02 ? 187 ILE A CA  1 
ATOM   1490 C  C   . ILE A 1 187 ? 4.153   -19.177 -14.103 1.00 34.15 ? 187 ILE A C   1 
ATOM   1491 O  O   . ILE A 1 187 ? 3.266   -19.820 -13.537 1.00 34.29 ? 187 ILE A O   1 
ATOM   1492 C  CB  . ILE A 1 187 ? 2.865   -17.454 -15.381 1.00 31.59 ? 187 ILE A CB  1 
ATOM   1493 C  CG1 . ILE A 1 187 ? 3.225   -18.137 -16.703 1.00 31.72 ? 187 ILE A CG1 1 
ATOM   1494 C  CG2 . ILE A 1 187 ? 2.645   -15.959 -15.596 1.00 31.06 ? 187 ILE A CG2 1 
ATOM   1495 C  CD1 . ILE A 1 187 ? 2.097   -18.161 -17.703 1.00 30.76 ? 187 ILE A CD1 1 
ATOM   1496 N  N   . GLY A 1 188 ? 5.285   -19.725 -14.535 1.00 35.55 ? 188 GLY A N   1 
ATOM   1497 C  CA  . GLY A 1 188 ? 5.541   -21.143 -14.355 1.00 39.26 ? 188 GLY A CA  1 
ATOM   1498 C  C   . GLY A 1 188 ? 6.941   -21.562 -14.762 1.00 40.90 ? 188 GLY A C   1 
ATOM   1499 O  O   . GLY A 1 188 ? 7.824   -20.685 -14.888 1.00 42.86 ? 188 GLY A O   1 
ATOM   1500 O  OXT . GLY A 1 188 ? 7.164   -22.775 -14.955 1.00 42.85 ? 188 GLY A OXT 1 
HETATM 1501 O  O   . HOH B 2 .   ? -11.936 1.610   -1.411  1.00 13.61 ? 189 HOH A O   1 
HETATM 1502 O  O   . HOH B 2 .   ? -4.927  0.237   -6.946  1.00 12.56 ? 190 HOH A O   1 
HETATM 1503 O  O   . HOH B 2 .   ? -10.040 7.091   -7.282  1.00 17.00 ? 191 HOH A O   1 
HETATM 1504 O  O   . HOH B 2 .   ? -6.368  4.733   10.896  1.00 14.08 ? 192 HOH A O   1 
HETATM 1505 O  O   . HOH B 2 .   ? -8.829  12.750  2.685   1.00 17.43 ? 193 HOH A O   1 
HETATM 1506 O  O   . HOH B 2 .   ? -3.701  4.833   10.223  1.00 18.16 ? 194 HOH A O   1 
HETATM 1507 O  O   . HOH B 2 .   ? -13.450 -5.897  -1.789  1.00 19.37 ? 195 HOH A O   1 
HETATM 1508 O  O   . HOH B 2 .   ? 5.139   3.906   -9.348  1.00 15.82 ? 196 HOH A O   1 
HETATM 1509 O  O   . HOH B 2 .   ? 6.654   2.444   -4.520  1.00 15.89 ? 197 HOH A O   1 
HETATM 1510 O  O   . HOH B 2 .   ? -9.488  9.936   -3.637  1.00 18.49 ? 198 HOH A O   1 
HETATM 1511 O  O   . HOH B 2 .   ? 0.054   -5.429  -8.601  1.00 19.80 ? 199 HOH A O   1 
HETATM 1512 O  O   . HOH B 2 .   ? -16.094 -14.118 11.643  1.00 24.54 ? 200 HOH A O   1 
HETATM 1513 O  O   . HOH B 2 .   ? -2.482  -6.847  -6.689  1.00 18.77 ? 201 HOH A O   1 
HETATM 1514 O  O   . HOH B 2 .   ? 1.967   -9.874  -3.669  1.00 20.96 ? 202 HOH A O   1 
HETATM 1515 O  O   . HOH B 2 .   ? 14.663  2.716   3.780   1.00 22.47 ? 203 HOH A O   1 
HETATM 1516 O  O   . HOH B 2 .   ? -7.183  11.834  -4.210  1.00 20.19 ? 204 HOH A O   1 
HETATM 1517 O  O   . HOH B 2 .   ? -11.227 7.823   -4.728  1.00 19.97 ? 205 HOH A O   1 
HETATM 1518 O  O   . HOH B 2 .   ? -5.832  14.164  7.390   1.00 20.76 ? 206 HOH A O   1 
HETATM 1519 O  O   . HOH B 2 .   ? -14.060 4.884   0.658   1.00 21.68 ? 207 HOH A O   1 
HETATM 1520 O  O   . HOH B 2 .   ? -2.816  -12.145 -3.011  1.00 26.12 ? 208 HOH A O   1 
HETATM 1521 O  O   . HOH B 2 .   ? -6.495  13.902  1.796   1.00 23.60 ? 209 HOH A O   1 
HETATM 1522 O  O   . HOH B 2 .   ? -17.014 3.197   5.615   1.00 25.64 ? 210 HOH A O   1 
HETATM 1523 O  O   . HOH B 2 .   ? 1.242   -5.251  13.089  1.00 25.42 ? 211 HOH A O   1 
HETATM 1524 O  O   . HOH B 2 .   ? -9.669  -13.193 3.044   1.00 22.95 ? 212 HOH A O   1 
HETATM 1525 O  O   . HOH B 2 .   ? -11.720 -9.492  -1.593  1.00 28.33 ? 213 HOH A O   1 
HETATM 1526 O  O   . HOH B 2 .   ? 3.833   -10.739 -7.705  1.00 23.11 ? 214 HOH A O   1 
HETATM 1527 O  O   . HOH B 2 .   ? -13.214 10.048  6.687   1.00 24.05 ? 215 HOH A O   1 
HETATM 1528 O  O   . HOH B 2 .   ? -7.464  -10.367 -2.182  1.00 20.81 ? 216 HOH A O   1 
HETATM 1529 O  O   . HOH B 2 .   ? -13.142 -4.291  -8.673  1.00 21.40 ? 217 HOH A O   1 
HETATM 1530 O  O   . HOH B 2 .   ? -11.128 -8.867  -4.175  1.00 20.97 ? 218 HOH A O   1 
HETATM 1531 O  O   . HOH B 2 .   ? -15.552 9.481   8.212   1.00 26.81 ? 219 HOH A O   1 
HETATM 1532 O  O   . HOH B 2 .   ? -4.137  -9.164  -6.030  1.00 24.37 ? 220 HOH A O   1 
HETATM 1533 O  O   . HOH B 2 .   ? -8.231  -8.756  -4.429  1.00 24.32 ? 221 HOH A O   1 
HETATM 1534 O  O   . HOH B 2 .   ? -22.948 4.260   -11.325 1.00 25.31 ? 222 HOH A O   1 
HETATM 1535 O  O   . HOH B 2 .   ? 3.437   2.055   -15.236 1.00 27.05 ? 223 HOH A O   1 
HETATM 1536 O  O   . HOH B 2 .   ? -0.537  3.168   11.276  1.00 27.61 ? 224 HOH A O   1 
HETATM 1537 O  O   . HOH B 2 .   ? 1.727   -8.335  -6.148  1.00 23.67 ? 225 HOH A O   1 
HETATM 1538 O  O   . HOH B 2 .   ? -18.243 -5.532  2.303   1.00 26.38 ? 226 HOH A O   1 
HETATM 1539 O  O   . HOH B 2 .   ? 6.118   15.161  -5.752  1.00 27.07 ? 227 HOH A O   1 
HETATM 1540 O  O   . HOH B 2 .   ? -6.112  14.975  -0.888  1.00 29.21 ? 228 HOH A O   1 
HETATM 1541 O  O   . HOH B 2 .   ? 20.674  -0.067  -8.559  1.00 23.40 ? 229 HOH A O   1 
HETATM 1542 O  O   . HOH B 2 .   ? -12.658 4.964   14.186  1.00 31.46 ? 230 HOH A O   1 
HETATM 1543 O  O   . HOH B 2 .   ? -9.554  -11.146 -0.521  1.00 24.38 ? 231 HOH A O   1 
HETATM 1544 O  O   . HOH B 2 .   ? 9.624   12.148  -11.202 1.00 24.99 ? 232 HOH A O   1 
HETATM 1545 O  O   . HOH B 2 .   ? 6.588   -3.601  -11.234 1.00 28.66 ? 233 HOH A O   1 
HETATM 1546 O  O   . HOH B 2 .   ? -15.483 -5.460  14.528  1.00 29.80 ? 234 HOH A O   1 
HETATM 1547 O  O   . HOH B 2 .   ? 14.944  -0.609  2.747   1.00 34.66 ? 235 HOH A O   1 
HETATM 1548 O  O   . HOH B 2 .   ? -17.903 6.416   -5.939  1.00 26.70 ? 236 HOH A O   1 
HETATM 1549 O  O   . HOH B 2 .   ? 4.597   -15.441 -10.673 1.00 35.23 ? 237 HOH A O   1 
HETATM 1550 O  O   . HOH B 2 .   ? 13.282  15.762  -6.078  1.00 25.76 ? 238 HOH A O   1 
HETATM 1551 O  O   . HOH B 2 .   ? 14.914  14.272  -0.827  1.00 24.06 ? 239 HOH A O   1 
HETATM 1552 O  O   . HOH B 2 .   ? -11.885 3.139   17.317  1.00 31.05 ? 240 HOH A O   1 
HETATM 1553 O  O   . HOH B 2 .   ? 13.960  3.894   -2.817  1.00 29.26 ? 241 HOH A O   1 
HETATM 1554 O  O   . HOH B 2 .   ? -12.785 -6.599  -4.385  1.00 28.66 ? 242 HOH A O   1 
HETATM 1555 O  O   . HOH B 2 .   ? -8.239  -15.736 3.138   1.00 28.42 ? 243 HOH A O   1 
HETATM 1556 O  O   . HOH B 2 .   ? -10.322 -0.899  18.207  1.00 32.33 ? 244 HOH A O   1 
HETATM 1557 O  O   . HOH B 2 .   ? 5.611   16.395  -3.039  1.00 28.18 ? 245 HOH A O   1 
HETATM 1558 O  O   . HOH B 2 .   ? 8.599   -12.956 0.617   1.00 36.84 ? 246 HOH A O   1 
HETATM 1559 O  O   . HOH B 2 .   ? 16.361  12.787  -7.284  1.00 36.04 ? 247 HOH A O   1 
HETATM 1560 O  O   . HOH B 2 .   ? 2.759   15.753  7.594   1.00 28.60 ? 248 HOH A O   1 
HETATM 1561 O  O   . HOH B 2 .   ? 11.176  -0.224  -13.212 1.00 32.90 ? 249 HOH A O   1 
HETATM 1562 O  O   . HOH B 2 .   ? 13.530  -8.743  -0.172  1.00 32.63 ? 250 HOH A O   1 
HETATM 1563 O  O   . HOH B 2 .   ? 1.448   -13.171 11.455  1.00 31.58 ? 251 HOH A O   1 
HETATM 1564 O  O   . HOH B 2 .   ? 8.602   -10.882 9.095   1.00 37.59 ? 252 HOH A O   1 
HETATM 1565 O  O   . HOH B 2 .   ? 21.292  9.981   -4.771  1.00 34.86 ? 253 HOH A O   1 
HETATM 1566 O  O   . HOH B 2 .   ? -4.804  14.750  -5.574  1.00 41.19 ? 254 HOH A O   1 
HETATM 1567 O  O   . HOH B 2 .   ? 8.093   2.564   -16.007 1.00 29.96 ? 255 HOH A O   1 
HETATM 1568 O  O   . HOH B 2 .   ? -1.068  0.328   17.926  1.00 35.35 ? 256 HOH A O   1 
HETATM 1569 O  O   . HOH B 2 .   ? -12.772 -10.486 10.890  1.00 30.02 ? 257 HOH A O   1 
HETATM 1570 O  O   . HOH B 2 .   ? 1.616   16.717  -5.737  1.00 35.65 ? 258 HOH A O   1 
HETATM 1571 O  O   . HOH B 2 .   ? 3.239   17.951  -2.671  1.00 43.91 ? 259 HOH A O   1 
HETATM 1572 O  O   . HOH B 2 .   ? -5.570  3.647   13.592  1.00 32.25 ? 260 HOH A O   1 
HETATM 1573 O  O   . HOH B 2 .   ? -9.699  0.760   -14.178 1.00 34.42 ? 261 HOH A O   1 
HETATM 1574 O  O   . HOH B 2 .   ? 9.678   18.796  2.506   1.00 39.33 ? 262 HOH A O   1 
HETATM 1575 O  O   . HOH B 2 .   ? -4.810  -19.035 0.734   1.00 42.12 ? 263 HOH A O   1 
HETATM 1576 O  O   . HOH B 2 .   ? -4.515  -16.266 -2.670  1.00 36.39 ? 264 HOH A O   1 
HETATM 1577 O  O   . HOH B 2 .   ? -13.585 -12.310 8.579   1.00 30.64 ? 265 HOH A O   1 
HETATM 1578 O  O   . HOH B 2 .   ? 4.978   10.075  10.744  1.00 34.66 ? 266 HOH A O   1 
HETATM 1579 O  O   . HOH B 2 .   ? 6.732   10.968  4.676   1.00 32.06 ? 267 HOH A O   1 
HETATM 1580 O  O   . HOH B 2 .   ? -16.273 8.607   -6.243  1.00 32.25 ? 268 HOH A O   1 
HETATM 1581 O  O   . HOH B 2 .   ? -5.746  -12.395 -3.250  1.00 34.85 ? 269 HOH A O   1 
HETATM 1582 O  O   . HOH B 2 .   ? -15.136 2.192   -12.943 1.00 49.79 ? 270 HOH A O   1 
HETATM 1583 O  O   . HOH B 2 .   ? 1.240   -14.147 -8.866  1.00 35.41 ? 271 HOH A O   1 
HETATM 1584 O  O   . HOH B 2 .   ? -5.309  11.288  -10.906 1.00 37.35 ? 272 HOH A O   1 
HETATM 1585 O  O   . HOH B 2 .   ? 13.648  9.099   9.914   1.00 39.84 ? 273 HOH A O   1 
HETATM 1586 O  O   . HOH B 2 .   ? -18.002 -12.897 -2.863  1.00 37.88 ? 274 HOH A O   1 
HETATM 1587 O  O   . HOH B 2 .   ? -16.729 -11.893 -5.498  1.00 32.28 ? 275 HOH A O   1 
HETATM 1588 O  O   . HOH B 2 .   ? 8.408   -0.637  -13.611 1.00 32.12 ? 276 HOH A O   1 
HETATM 1589 O  O   . HOH B 2 .   ? 16.513  6.717   10.108  1.00 37.61 ? 277 HOH A O   1 
HETATM 1590 O  O   . HOH B 2 .   ? -12.319 -7.011  12.275  1.00 42.27 ? 278 HOH A O   1 
HETATM 1591 O  O   . HOH B 2 .   ? -17.654 1.662   9.841   1.00 47.93 ? 279 HOH A O   1 
HETATM 1592 O  O   . HOH B 2 .   ? 9.067   16.932  9.777   1.00 41.79 ? 280 HOH A O   1 
HETATM 1593 O  O   . HOH B 2 .   ? 13.933  1.546   -16.651 1.00 48.96 ? 281 HOH A O   1 
HETATM 1594 O  O   . HOH B 2 .   ? -17.032 -13.702 0.347   1.00 38.33 ? 282 HOH A O   1 
HETATM 1595 O  O   . HOH B 2 .   ? 3.204   20.381  0.839   1.00 39.57 ? 283 HOH A O   1 
HETATM 1596 O  O   . HOH B 2 .   ? -1.572  18.140  6.546   1.00 38.73 ? 284 HOH A O   1 
HETATM 1597 O  O   . HOH B 2 .   ? 6.537   -13.204 7.918   1.00 41.91 ? 285 HOH A O   1 
HETATM 1598 O  O   . HOH B 2 .   ? 12.882  -11.469 -9.464  1.00 42.54 ? 286 HOH A O   1 
HETATM 1599 O  O   . HOH B 2 .   ? -14.088 -8.327  -6.521  1.00 37.21 ? 287 HOH A O   1 
HETATM 1600 O  O   . HOH B 2 .   ? 13.450  3.148   -12.177 1.00 33.27 ? 288 HOH A O   1 
HETATM 1601 O  O   . HOH B 2 .   ? 19.882  -8.213  -11.491 1.00 39.88 ? 289 HOH A O   1 
HETATM 1602 O  O   . HOH B 2 .   ? -2.108  5.994   12.276  1.00 32.70 ? 290 HOH A O   1 
HETATM 1603 O  O   . HOH B 2 .   ? -16.027 -5.008  -3.352  1.00 34.07 ? 291 HOH A O   1 
HETATM 1604 O  O   . HOH B 2 .   ? -0.438  -8.233  -8.107  1.00 35.85 ? 292 HOH A O   1 
HETATM 1605 O  O   . HOH B 2 .   ? -13.998 8.008   -4.623  1.00 29.87 ? 293 HOH A O   1 
HETATM 1606 O  O   . HOH B 2 .   ? -15.342 -2.152  14.704  1.00 33.91 ? 294 HOH A O   1 
HETATM 1607 O  O   . HOH B 2 .   ? -12.518 -2.662  15.301  1.00 34.43 ? 295 HOH A O   1 
HETATM 1608 O  O   . HOH B 2 .   ? -12.575 -5.668  14.802  1.00 33.13 ? 296 HOH A O   1 
HETATM 1609 O  O   . HOH B 2 .   ? 18.012  7.436   1.304   1.00 34.57 ? 297 HOH A O   1 
HETATM 1610 O  O   . HOH B 2 .   ? -24.168 1.576   -11.872 1.00 30.22 ? 298 HOH A O   1 
HETATM 1611 O  O   . HOH B 2 .   ? 10.943  13.321  -14.192 1.00 48.32 ? 299 HOH A O   1 
HETATM 1612 O  O   . HOH B 2 .   ? -12.179 12.829  6.146   1.00 33.27 ? 300 HOH A O   1 
HETATM 1613 O  O   . HOH B 2 .   ? -5.394  7.570   15.583  1.00 41.09 ? 301 HOH A O   1 
HETATM 1614 O  O   . HOH B 2 .   ? -19.084 -8.594  2.390   1.00 48.09 ? 302 HOH A O   1 
HETATM 1615 O  O   . HOH B 2 .   ? -17.110 1.094   -15.175 1.00 42.89 ? 303 HOH A O   1 
HETATM 1616 O  O   . HOH B 2 .   ? -10.815 13.981  0.828   1.00 36.40 ? 304 HOH A O   1 
HETATM 1617 O  O   . HOH B 2 .   ? 1.250   -17.999 -11.961 1.00 36.44 ? 305 HOH A O   1 
HETATM 1618 O  O   . HOH B 2 .   ? 11.934  17.756  -7.934  1.00 48.37 ? 306 HOH A O   1 
HETATM 1619 O  O   . HOH B 2 .   ? -1.817  -14.187 -9.022  1.00 47.34 ? 307 HOH A O   1 
# 
